data_2KRA
#
_entry.id   2KRA
#
_entity_poly.entity_id   1
_entity_poly.type   'polypeptide(L)'
_entity_poly.pdbx_seq_one_letter_code
;AVITGACDKDVQCGSGTCCAASAWSRNIRFCIPLGNSGEDCHPASHKVPYDGKRLSSLCPCKSGLTCSKSGEKFKCS
;
_entity_poly.pdbx_strand_id   A
#
# COMPACT_ATOMS: atom_id res chain seq x y z
N ALA A 1 25.44 3.69 -4.30
CA ALA A 1 24.49 4.05 -3.22
C ALA A 1 23.56 2.88 -2.94
N VAL A 2 23.10 2.78 -1.70
CA VAL A 2 22.21 1.69 -1.32
C VAL A 2 20.75 2.10 -1.55
N ILE A 3 19.98 1.21 -2.16
CA ILE A 3 18.59 1.49 -2.44
C ILE A 3 17.71 0.93 -1.33
N THR A 4 17.04 1.82 -0.60
CA THR A 4 16.17 1.41 0.49
C THR A 4 14.90 2.27 0.50
N GLY A 5 14.54 2.76 -0.67
CA GLY A 5 13.34 3.57 -0.80
C GLY A 5 13.41 4.47 -2.00
N ALA A 6 12.37 4.42 -2.82
CA ALA A 6 12.29 5.26 -4.01
C ALA A 6 11.61 6.58 -3.67
N CYS A 7 10.66 6.51 -2.76
CA CYS A 7 9.90 7.68 -2.36
C CYS A 7 9.41 7.56 -0.93
N ASP A 8 8.45 8.41 -0.58
CA ASP A 8 7.85 8.41 0.76
C ASP A 8 6.36 8.69 0.63
N LYS A 9 6.04 9.62 -0.24
CA LYS A 9 4.66 10.00 -0.50
C LYS A 9 4.22 9.42 -1.83
N ASP A 10 3.09 8.73 -1.83
CA ASP A 10 2.55 8.10 -3.03
C ASP A 10 2.38 9.11 -4.14
N VAL A 11 2.23 10.37 -3.76
CA VAL A 11 2.08 11.49 -4.69
C VAL A 11 3.25 11.52 -5.68
N GLN A 12 4.42 11.08 -5.23
CA GLN A 12 5.61 11.05 -6.06
C GLN A 12 5.50 9.99 -7.16
N CYS A 13 4.75 8.93 -6.89
CA CYS A 13 4.55 7.86 -7.85
C CYS A 13 3.28 8.10 -8.67
N GLY A 14 2.34 7.17 -8.58
CA GLY A 14 1.10 7.29 -9.30
C GLY A 14 0.06 6.33 -8.77
N SER A 15 -1.22 6.65 -9.03
CA SER A 15 -2.32 5.82 -8.57
C SER A 15 -2.13 4.37 -9.01
N GLY A 16 -2.00 3.48 -8.04
CA GLY A 16 -1.78 2.09 -8.33
C GLY A 16 -0.57 1.56 -7.60
N THR A 17 0.33 2.48 -7.26
CA THR A 17 1.55 2.13 -6.54
C THR A 17 1.71 3.01 -5.31
N CYS A 18 2.20 2.44 -4.21
CA CYS A 18 2.38 3.19 -2.98
C CYS A 18 3.83 3.12 -2.51
N CYS A 19 4.26 4.12 -1.76
CA CYS A 19 5.63 4.20 -1.27
C CYS A 19 5.78 3.55 0.10
N ALA A 20 5.10 2.43 0.31
CA ALA A 20 5.19 1.71 1.57
C ALA A 20 6.33 0.71 1.54
N ALA A 21 6.42 -0.10 2.58
CA ALA A 21 7.45 -1.13 2.65
C ALA A 21 6.93 -2.41 2.04
N SER A 22 7.78 -3.12 1.30
CA SER A 22 7.34 -4.36 0.68
C SER A 22 7.07 -5.43 1.73
N ALA A 23 6.06 -6.25 1.47
CA ALA A 23 5.65 -7.31 2.40
C ALA A 23 6.79 -8.30 2.67
N TRP A 24 7.70 -8.45 1.74
CA TRP A 24 8.80 -9.38 1.91
C TRP A 24 10.00 -8.74 2.63
N SER A 25 10.22 -7.44 2.44
CA SER A 25 11.33 -6.78 3.10
C SER A 25 11.05 -5.30 3.38
N ARG A 26 11.23 -4.91 4.63
CA ARG A 26 11.02 -3.53 5.07
C ARG A 26 12.08 -2.59 4.50
N ASN A 27 12.94 -3.12 3.64
CA ASN A 27 13.99 -2.34 3.02
C ASN A 27 13.48 -1.70 1.72
N ILE A 28 12.45 -2.31 1.14
CA ILE A 28 11.87 -1.79 -0.08
C ILE A 28 10.80 -0.77 0.23
N ARG A 29 10.98 0.43 -0.31
CA ARG A 29 10.03 1.51 -0.14
C ARG A 29 9.90 2.27 -1.45
N PHE A 30 9.76 1.54 -2.53
CA PHE A 30 9.63 2.14 -3.84
C PHE A 30 8.16 2.18 -4.22
N CYS A 31 7.88 2.57 -5.45
CA CYS A 31 6.51 2.60 -5.94
C CYS A 31 6.00 1.17 -6.13
N ILE A 32 5.63 0.50 -5.05
CA ILE A 32 5.17 -0.87 -5.12
C ILE A 32 3.66 -0.92 -5.36
N PRO A 33 3.19 -1.88 -6.17
CA PRO A 33 1.77 -2.03 -6.53
C PRO A 33 0.81 -2.21 -5.35
N LEU A 34 -0.41 -1.73 -5.54
CA LEU A 34 -1.46 -1.83 -4.53
C LEU A 34 -2.22 -3.14 -4.64
N GLY A 35 -3.01 -3.44 -3.61
CA GLY A 35 -3.79 -4.67 -3.59
C GLY A 35 -4.93 -4.67 -4.57
N ASN A 36 -5.16 -5.82 -5.20
CA ASN A 36 -6.24 -5.96 -6.17
C ASN A 36 -7.45 -6.68 -5.56
N SER A 37 -8.38 -7.08 -6.39
CA SER A 37 -9.58 -7.77 -5.93
C SER A 37 -9.24 -9.09 -5.26
N GLY A 38 -9.71 -9.25 -4.03
CA GLY A 38 -9.44 -10.46 -3.28
C GLY A 38 -8.13 -10.40 -2.53
N GLU A 39 -7.44 -9.27 -2.62
CA GLU A 39 -6.17 -9.09 -1.92
C GLU A 39 -6.39 -8.54 -0.54
N ASP A 40 -5.50 -8.89 0.36
CA ASP A 40 -5.57 -8.44 1.75
C ASP A 40 -5.20 -6.97 1.85
N CYS A 41 -5.92 -6.24 2.67
CA CYS A 41 -5.66 -4.82 2.85
C CYS A 41 -5.77 -4.44 4.31
N HIS A 42 -5.00 -3.46 4.73
CA HIS A 42 -5.03 -3.01 6.11
C HIS A 42 -6.07 -1.92 6.26
N PRO A 43 -7.04 -2.12 7.16
CA PRO A 43 -8.12 -1.15 7.41
C PRO A 43 -7.57 0.22 7.84
N ALA A 44 -6.45 0.17 8.54
CA ALA A 44 -5.79 1.36 9.04
C ALA A 44 -5.15 2.18 7.91
N SER A 45 -4.89 1.52 6.79
CA SER A 45 -4.29 2.18 5.64
C SER A 45 -5.36 2.93 4.85
N HIS A 46 -5.13 4.22 4.63
CA HIS A 46 -6.08 5.06 3.90
C HIS A 46 -5.83 4.95 2.40
N LYS A 47 -6.76 5.47 1.61
CA LYS A 47 -6.66 5.45 0.15
C LYS A 47 -5.37 6.14 -0.31
N VAL A 48 -4.84 5.68 -1.42
CA VAL A 48 -3.62 6.24 -2.00
C VAL A 48 -3.97 7.41 -2.93
N PRO A 49 -3.22 8.53 -2.86
CA PRO A 49 -2.07 8.69 -1.94
C PRO A 49 -2.49 8.78 -0.48
N TYR A 50 -1.74 8.09 0.37
CA TYR A 50 -2.02 8.06 1.80
C TYR A 50 -1.85 9.45 2.41
N ASP A 51 -2.89 9.88 3.12
CA ASP A 51 -2.92 11.19 3.78
C ASP A 51 -2.11 11.21 5.07
N GLY A 52 -0.82 10.90 4.97
CA GLY A 52 0.02 10.92 6.15
C GLY A 52 1.28 10.09 6.00
N LYS A 53 1.67 9.44 7.08
CA LYS A 53 2.85 8.59 7.09
C LYS A 53 2.55 7.29 7.83
N ARG A 54 2.98 6.17 7.29
CA ARG A 54 2.73 4.87 7.89
C ARG A 54 3.75 3.87 7.40
N LEU A 55 4.42 3.20 8.34
CA LEU A 55 5.43 2.21 8.00
C LEU A 55 4.81 0.83 7.84
N SER A 56 3.78 0.75 7.01
CA SER A 56 3.10 -0.51 6.76
C SER A 56 3.76 -1.25 5.61
N SER A 57 3.90 -2.56 5.76
CA SER A 57 4.53 -3.38 4.74
C SER A 57 3.50 -3.91 3.73
N LEU A 58 2.46 -3.12 3.48
CA LEU A 58 1.42 -3.52 2.55
C LEU A 58 0.72 -2.29 1.96
N CYS A 59 0.64 -2.22 0.64
CA CYS A 59 -0.05 -1.12 -0.02
C CYS A 59 -1.55 -1.33 0.11
N PRO A 60 -2.33 -0.24 0.24
CA PRO A 60 -3.78 -0.32 0.36
C PRO A 60 -4.43 -0.81 -0.94
N CYS A 61 -5.75 -0.70 -1.02
CA CYS A 61 -6.46 -1.12 -2.22
C CYS A 61 -6.21 -0.18 -3.38
N LYS A 62 -6.07 -0.74 -4.57
CA LYS A 62 -5.83 0.05 -5.76
C LYS A 62 -7.03 0.93 -6.05
N SER A 63 -6.79 2.05 -6.71
CA SER A 63 -7.83 3.02 -7.04
C SER A 63 -9.03 2.34 -7.68
N GLY A 64 -10.20 2.55 -7.08
CA GLY A 64 -11.42 1.94 -7.59
C GLY A 64 -11.95 0.86 -6.67
N LEU A 65 -11.04 0.16 -6.01
CA LEU A 65 -11.41 -0.92 -5.10
C LEU A 65 -11.64 -0.43 -3.68
N THR A 66 -12.50 -1.12 -2.96
CA THR A 66 -12.80 -0.77 -1.59
C THR A 66 -12.27 -1.81 -0.61
N CYS A 67 -11.64 -1.35 0.46
CA CYS A 67 -11.10 -2.23 1.48
C CYS A 67 -12.17 -2.51 2.52
N SER A 68 -12.54 -3.78 2.69
CA SER A 68 -13.55 -4.15 3.67
C SER A 68 -13.28 -5.55 4.19
N LYS A 69 -13.78 -5.83 5.38
CA LYS A 69 -13.58 -7.16 5.99
C LYS A 69 -14.21 -8.23 5.11
N SER A 70 -13.35 -9.08 4.56
CA SER A 70 -13.80 -10.14 3.68
C SER A 70 -13.32 -11.50 4.21
N GLY A 71 -13.57 -11.73 5.48
CA GLY A 71 -13.15 -12.97 6.10
C GLY A 71 -12.61 -12.75 7.49
N GLU A 72 -11.31 -12.97 7.64
CA GLU A 72 -10.64 -12.80 8.90
C GLU A 72 -10.19 -11.35 9.06
N LYS A 73 -9.76 -10.76 7.97
CA LYS A 73 -9.30 -9.38 7.94
C LYS A 73 -9.96 -8.64 6.79
N PHE A 74 -9.41 -7.48 6.47
CA PHE A 74 -9.94 -6.66 5.39
C PHE A 74 -9.28 -7.03 4.07
N LYS A 75 -10.08 -7.07 3.01
CA LYS A 75 -9.60 -7.39 1.69
C LYS A 75 -10.25 -6.46 0.67
N CYS A 76 -9.57 -6.27 -0.44
CA CYS A 76 -10.05 -5.38 -1.49
C CYS A 76 -11.12 -6.03 -2.34
N SER A 77 -12.19 -5.29 -2.60
CA SER A 77 -13.29 -5.76 -3.40
C SER A 77 -14.00 -4.58 -4.05
N ALA A 1 17.49 2.80 -10.20
CA ALA A 1 16.71 2.24 -9.08
C ALA A 1 17.64 1.87 -7.94
N VAL A 2 17.14 1.97 -6.72
CA VAL A 2 17.95 1.66 -5.54
C VAL A 2 17.04 1.16 -4.41
N ILE A 3 17.52 0.17 -3.67
CA ILE A 3 16.73 -0.41 -2.58
C ILE A 3 16.98 0.33 -1.26
N THR A 4 16.56 1.58 -1.21
CA THR A 4 16.73 2.38 -0.01
C THR A 4 15.61 3.43 0.07
N GLY A 5 14.44 3.06 -0.45
CA GLY A 5 13.31 3.94 -0.44
C GLY A 5 13.31 4.90 -1.61
N ALA A 6 12.56 4.56 -2.65
CA ALA A 6 12.48 5.40 -3.85
C ALA A 6 11.55 6.59 -3.64
N CYS A 7 10.79 6.56 -2.55
CA CYS A 7 9.85 7.63 -2.26
C CYS A 7 9.64 7.79 -0.77
N ASP A 8 9.31 9.01 -0.36
CA ASP A 8 9.03 9.31 1.04
C ASP A 8 7.54 9.49 1.20
N LYS A 9 6.96 10.33 0.34
CA LYS A 9 5.53 10.56 0.35
C LYS A 9 4.87 9.55 -0.57
N ASP A 10 3.84 8.89 -0.07
CA ASP A 10 3.10 7.90 -0.86
C ASP A 10 2.60 8.52 -2.15
N VAL A 11 2.37 9.83 -2.09
CA VAL A 11 1.91 10.64 -3.22
C VAL A 11 2.82 10.49 -4.45
N GLN A 12 4.10 10.23 -4.20
CA GLN A 12 5.06 10.08 -5.28
C GLN A 12 4.77 8.85 -6.15
N CYS A 13 4.12 7.84 -5.59
CA CYS A 13 3.80 6.65 -6.34
C CYS A 13 2.43 6.77 -7.01
N GLY A 14 2.39 6.42 -8.29
CA GLY A 14 1.15 6.48 -9.03
C GLY A 14 0.19 5.38 -8.63
N SER A 15 -1.09 5.59 -8.91
CA SER A 15 -2.13 4.62 -8.56
C SER A 15 -1.79 3.24 -9.12
N GLY A 16 -1.43 2.36 -8.21
CA GLY A 16 -1.05 1.01 -8.57
C GLY A 16 0.07 0.54 -7.69
N THR A 17 0.88 1.50 -7.25
CA THR A 17 2.01 1.24 -6.37
C THR A 17 1.99 2.26 -5.23
N CYS A 18 2.49 1.87 -4.06
CA CYS A 18 2.48 2.77 -2.91
C CYS A 18 3.82 2.70 -2.17
N CYS A 19 4.09 3.71 -1.34
CA CYS A 19 5.31 3.77 -0.58
C CYS A 19 5.14 3.02 0.74
N ALA A 20 5.37 1.72 0.71
CA ALA A 20 5.23 0.89 1.90
C ALA A 20 6.45 0.00 2.07
N ALA A 21 6.68 -0.44 3.30
CA ALA A 21 7.80 -1.30 3.61
C ALA A 21 7.45 -2.75 3.35
N SER A 22 8.40 -3.54 2.88
CA SER A 22 8.15 -4.95 2.61
C SER A 22 7.85 -5.71 3.91
N ALA A 23 6.90 -6.63 3.83
CA ALA A 23 6.47 -7.43 4.98
C ALA A 23 7.56 -8.39 5.49
N TRP A 24 8.48 -8.77 4.62
CA TRP A 24 9.53 -9.70 5.01
C TRP A 24 10.74 -8.98 5.63
N SER A 25 11.05 -7.80 5.12
CA SER A 25 12.17 -7.03 5.63
C SER A 25 11.90 -5.54 5.41
N ARG A 26 12.22 -4.70 6.38
CA ARG A 26 11.97 -3.26 6.24
C ARG A 26 13.06 -2.58 5.41
N ASN A 27 13.56 -3.30 4.40
CA ASN A 27 14.59 -2.76 3.52
C ASN A 27 13.93 -2.06 2.33
N ILE A 28 12.85 -2.65 1.85
CA ILE A 28 12.11 -2.06 0.73
C ILE A 28 11.08 -1.08 1.27
N ARG A 29 11.11 0.13 0.76
CA ARG A 29 10.20 1.18 1.16
C ARG A 29 9.98 2.12 -0.01
N PHE A 30 9.53 1.57 -1.11
CA PHE A 30 9.29 2.36 -2.31
C PHE A 30 8.01 1.95 -3.00
N CYS A 31 7.81 2.45 -4.21
CA CYS A 31 6.62 2.15 -5.00
C CYS A 31 6.44 0.66 -5.23
N ILE A 32 5.61 0.03 -4.42
CA ILE A 32 5.32 -1.39 -4.54
C ILE A 32 3.84 -1.57 -4.87
N PRO A 33 3.49 -2.63 -5.60
CA PRO A 33 2.11 -2.90 -6.04
C PRO A 33 1.05 -2.94 -4.93
N LEU A 34 -0.14 -2.45 -5.27
CA LEU A 34 -1.29 -2.38 -4.36
C LEU A 34 -2.11 -3.67 -4.38
N GLY A 35 -3.08 -3.74 -3.49
CA GLY A 35 -3.95 -4.89 -3.39
C GLY A 35 -5.07 -4.87 -4.41
N ASN A 36 -5.42 -6.04 -4.93
CA ASN A 36 -6.49 -6.17 -5.91
C ASN A 36 -7.79 -6.63 -5.25
N SER A 37 -8.77 -6.99 -6.08
CA SER A 37 -10.06 -7.45 -5.57
C SER A 37 -9.90 -8.71 -4.73
N GLY A 38 -10.47 -8.68 -3.53
CA GLY A 38 -10.39 -9.82 -2.63
C GLY A 38 -9.03 -9.95 -1.97
N GLU A 39 -8.18 -8.95 -2.15
CA GLU A 39 -6.85 -8.98 -1.55
C GLU A 39 -6.86 -8.38 -0.17
N ASP A 40 -5.83 -8.68 0.60
CA ASP A 40 -5.71 -8.19 1.97
C ASP A 40 -5.40 -6.70 1.98
N CYS A 41 -6.05 -5.98 2.86
CA CYS A 41 -5.84 -4.55 2.99
C CYS A 41 -5.99 -4.15 4.44
N HIS A 42 -5.15 -3.20 4.88
CA HIS A 42 -5.20 -2.75 6.24
C HIS A 42 -6.16 -1.58 6.36
N PRO A 43 -7.16 -1.68 7.25
CA PRO A 43 -8.17 -0.63 7.45
C PRO A 43 -7.53 0.71 7.80
N ALA A 44 -6.50 0.66 8.63
CA ALA A 44 -5.78 1.85 9.08
C ALA A 44 -4.98 2.49 7.93
N SER A 45 -4.38 1.64 7.10
CA SER A 45 -3.60 2.10 5.97
C SER A 45 -4.50 2.79 4.96
N HIS A 46 -4.49 4.10 4.98
CA HIS A 46 -5.33 4.88 4.08
C HIS A 46 -4.86 4.74 2.64
N LYS A 47 -5.83 4.81 1.73
CA LYS A 47 -5.61 4.69 0.30
C LYS A 47 -4.55 5.65 -0.22
N VAL A 48 -4.06 5.37 -1.42
CA VAL A 48 -3.06 6.18 -2.10
C VAL A 48 -3.76 7.31 -2.83
N PRO A 49 -3.16 8.51 -2.86
CA PRO A 49 -1.86 8.80 -2.26
C PRO A 49 -1.92 9.31 -0.83
N TYR A 50 -1.14 8.67 0.02
CA TYR A 50 -1.03 9.05 1.43
C TYR A 50 0.03 10.13 1.57
N ASP A 51 -0.28 11.24 2.24
CA ASP A 51 0.71 12.30 2.39
C ASP A 51 1.63 12.00 3.57
N GLY A 52 2.34 10.90 3.48
CA GLY A 52 3.25 10.50 4.50
C GLY A 52 3.84 9.16 4.15
N LYS A 53 4.74 8.68 4.97
CA LYS A 53 5.35 7.40 4.70
C LYS A 53 4.51 6.32 5.36
N ARG A 54 4.09 5.32 4.61
CA ARG A 54 3.29 4.25 5.18
C ARG A 54 4.20 3.32 5.99
N LEU A 55 3.89 3.19 7.28
CA LEU A 55 4.69 2.36 8.18
C LEU A 55 4.20 0.92 8.15
N SER A 56 3.14 0.69 7.39
CA SER A 56 2.58 -0.63 7.26
C SER A 56 3.29 -1.38 6.13
N SER A 57 3.49 -2.67 6.33
CA SER A 57 4.18 -3.49 5.35
C SER A 57 3.23 -4.06 4.31
N LEU A 58 2.20 -3.28 3.96
CA LEU A 58 1.23 -3.70 2.97
C LEU A 58 0.59 -2.49 2.30
N CYS A 59 0.55 -2.49 0.98
CA CYS A 59 -0.08 -1.41 0.22
C CYS A 59 -1.59 -1.54 0.29
N PRO A 60 -2.34 -0.43 0.26
CA PRO A 60 -3.79 -0.44 0.31
C PRO A 60 -4.40 -0.95 -0.99
N CYS A 61 -5.70 -0.74 -1.15
CA CYS A 61 -6.39 -1.16 -2.36
C CYS A 61 -6.11 -0.23 -3.52
N LYS A 62 -5.95 -0.81 -4.71
CA LYS A 62 -5.69 -0.04 -5.90
C LYS A 62 -6.86 0.92 -6.17
N SER A 63 -6.56 2.07 -6.75
CA SER A 63 -7.60 3.06 -7.06
C SER A 63 -8.75 2.40 -7.82
N GLY A 64 -9.97 2.68 -7.35
CA GLY A 64 -11.14 2.09 -7.95
C GLY A 64 -11.76 1.08 -7.01
N LEU A 65 -10.92 0.48 -6.18
CA LEU A 65 -11.35 -0.50 -5.20
C LEU A 65 -11.42 0.10 -3.82
N THR A 66 -12.31 -0.42 -3.00
CA THR A 66 -12.47 0.07 -1.65
C THR A 66 -12.18 -1.02 -0.63
N CYS A 67 -11.37 -0.69 0.37
CA CYS A 67 -11.02 -1.64 1.42
C CYS A 67 -12.16 -1.74 2.42
N SER A 68 -12.62 -2.96 2.67
CA SER A 68 -13.72 -3.19 3.60
C SER A 68 -13.58 -4.56 4.22
N LYS A 69 -14.15 -4.74 5.39
CA LYS A 69 -14.07 -6.01 6.08
C LYS A 69 -14.81 -7.09 5.30
N SER A 70 -14.11 -8.15 4.96
CA SER A 70 -14.68 -9.25 4.20
C SER A 70 -14.43 -10.57 4.91
N GLY A 71 -14.57 -10.56 6.22
CA GLY A 71 -14.34 -11.75 7.01
C GLY A 71 -13.74 -11.40 8.35
N GLU A 72 -12.50 -11.81 8.56
CA GLU A 72 -11.81 -11.53 9.79
C GLU A 72 -11.11 -10.16 9.69
N LYS A 73 -10.44 -9.94 8.56
CA LYS A 73 -9.74 -8.71 8.31
C LYS A 73 -10.45 -7.91 7.21
N PHE A 74 -9.72 -7.00 6.59
CA PHE A 74 -10.27 -6.18 5.52
C PHE A 74 -9.71 -6.61 4.16
N LYS A 75 -10.60 -6.67 3.17
CA LYS A 75 -10.23 -7.03 1.80
C LYS A 75 -10.72 -5.96 0.85
N CYS A 76 -10.11 -5.92 -0.32
CA CYS A 76 -10.49 -4.95 -1.34
C CYS A 76 -11.73 -5.40 -2.09
N SER A 77 -12.68 -4.49 -2.23
CA SER A 77 -13.92 -4.79 -2.93
C SER A 77 -14.29 -3.62 -3.82
N ALA A 1 22.66 2.66 -8.67
CA ALA A 1 21.33 2.28 -8.16
C ALA A 1 21.47 1.60 -6.81
N VAL A 2 20.48 1.77 -5.94
CA VAL A 2 20.51 1.17 -4.63
C VAL A 2 19.08 0.88 -4.15
N ILE A 3 18.89 -0.28 -3.54
CA ILE A 3 17.57 -0.67 -3.06
C ILE A 3 17.37 -0.17 -1.63
N THR A 4 16.60 0.89 -1.49
CA THR A 4 16.33 1.45 -0.18
C THR A 4 14.96 2.16 -0.15
N GLY A 5 14.63 2.83 -1.25
CA GLY A 5 13.37 3.54 -1.31
C GLY A 5 13.37 4.61 -2.38
N ALA A 6 12.42 4.54 -3.30
CA ALA A 6 12.32 5.52 -4.37
C ALA A 6 11.44 6.70 -4.00
N CYS A 7 10.68 6.57 -2.91
CA CYS A 7 9.79 7.64 -2.50
C CYS A 7 9.58 7.64 -0.98
N ASP A 8 8.50 8.27 -0.53
CA ASP A 8 8.15 8.36 0.88
C ASP A 8 6.65 8.51 1.02
N LYS A 9 6.09 9.50 0.34
CA LYS A 9 4.65 9.75 0.37
C LYS A 9 3.99 8.96 -0.75
N ASP A 10 2.91 8.27 -0.42
CA ASP A 10 2.17 7.47 -1.41
C ASP A 10 1.78 8.31 -2.61
N VAL A 11 1.57 9.60 -2.35
CA VAL A 11 1.21 10.58 -3.38
C VAL A 11 2.22 10.60 -4.53
N GLN A 12 3.48 10.30 -4.21
CA GLN A 12 4.54 10.28 -5.21
C GLN A 12 4.35 9.16 -6.21
N CYS A 13 3.70 8.08 -5.76
CA CYS A 13 3.45 6.94 -6.62
C CYS A 13 2.14 7.08 -7.36
N GLY A 14 2.15 6.70 -8.64
CA GLY A 14 0.97 6.77 -9.45
C GLY A 14 -0.10 5.80 -9.00
N SER A 15 -1.35 6.14 -9.30
CA SER A 15 -2.49 5.32 -8.92
C SER A 15 -2.27 3.86 -9.33
N GLY A 16 -2.07 3.02 -8.34
CA GLY A 16 -1.82 1.62 -8.60
C GLY A 16 -0.65 1.11 -7.78
N THR A 17 0.16 2.03 -7.29
CA THR A 17 1.34 1.71 -6.49
C THR A 17 1.44 2.61 -5.26
N CYS A 18 2.21 2.20 -4.25
CA CYS A 18 2.39 2.99 -3.04
C CYS A 18 3.82 2.79 -2.52
N CYS A 19 4.23 3.63 -1.57
CA CYS A 19 5.57 3.54 -1.00
C CYS A 19 5.61 2.60 0.20
N ALA A 20 5.23 1.35 -0.02
CA ALA A 20 5.22 0.36 1.04
C ALA A 20 6.53 -0.38 1.14
N ALA A 21 6.83 -0.85 2.35
CA ALA A 21 8.04 -1.60 2.60
C ALA A 21 7.84 -3.06 2.21
N SER A 22 8.90 -3.71 1.75
CA SER A 22 8.81 -5.11 1.35
C SER A 22 8.44 -6.00 2.54
N ALA A 23 7.54 -6.95 2.30
CA ALA A 23 7.06 -7.87 3.32
C ALA A 23 8.14 -8.83 3.85
N TRP A 24 9.17 -9.07 3.05
CA TRP A 24 10.22 -10.00 3.44
C TRP A 24 11.31 -9.30 4.26
N SER A 25 11.68 -8.10 3.87
CA SER A 25 12.70 -7.35 4.57
C SER A 25 12.45 -5.86 4.38
N ARG A 26 12.80 -5.04 5.37
CA ARG A 26 12.60 -3.60 5.26
C ARG A 26 13.67 -2.94 4.37
N ASN A 27 13.91 -3.53 3.21
CA ASN A 27 14.89 -3.01 2.26
C ASN A 27 14.21 -2.18 1.18
N ILE A 28 13.08 -2.68 0.69
CA ILE A 28 12.32 -1.98 -0.34
C ILE A 28 11.34 -1.02 0.31
N ARG A 29 11.33 0.21 -0.17
CA ARG A 29 10.44 1.24 0.32
C ARG A 29 10.10 2.18 -0.82
N PHE A 30 9.58 1.64 -1.91
CA PHE A 30 9.23 2.45 -3.07
C PHE A 30 7.92 2.05 -3.68
N CYS A 31 7.61 2.67 -4.82
CA CYS A 31 6.37 2.43 -5.53
C CYS A 31 6.17 0.96 -5.91
N ILE A 32 5.40 0.27 -5.10
CA ILE A 32 5.07 -1.13 -5.35
C ILE A 32 3.56 -1.25 -5.50
N PRO A 33 3.08 -2.29 -6.21
CA PRO A 33 1.65 -2.49 -6.49
C PRO A 33 0.73 -2.43 -5.27
N LEU A 34 -0.46 -1.87 -5.49
CA LEU A 34 -1.47 -1.71 -4.45
C LEU A 34 -2.36 -2.95 -4.34
N GLY A 35 -3.01 -3.08 -3.19
CA GLY A 35 -3.91 -4.20 -2.92
C GLY A 35 -4.97 -4.39 -3.99
N ASN A 36 -5.25 -5.65 -4.30
CA ASN A 36 -6.23 -6.02 -5.30
C ASN A 36 -7.59 -6.30 -4.68
N SER A 37 -8.58 -6.57 -5.51
CA SER A 37 -9.92 -6.87 -5.03
C SER A 37 -9.90 -8.16 -4.23
N GLY A 38 -10.44 -8.11 -3.03
CA GLY A 38 -10.46 -9.27 -2.17
C GLY A 38 -9.15 -9.48 -1.44
N GLU A 39 -8.22 -8.53 -1.59
CA GLU A 39 -6.92 -8.63 -0.94
C GLU A 39 -6.93 -7.92 0.41
N ASP A 40 -6.07 -8.39 1.30
CA ASP A 40 -5.95 -7.82 2.64
C ASP A 40 -5.36 -6.42 2.60
N CYS A 41 -5.83 -5.56 3.50
CA CYS A 41 -5.35 -4.20 3.59
C CYS A 41 -5.24 -3.81 5.06
N HIS A 42 -4.79 -2.60 5.32
CA HIS A 42 -4.71 -2.10 6.68
C HIS A 42 -5.66 -0.92 6.80
N PRO A 43 -6.62 -0.99 7.74
CA PRO A 43 -7.63 0.05 7.95
C PRO A 43 -7.04 1.47 8.01
N ALA A 44 -5.94 1.62 8.74
CA ALA A 44 -5.27 2.90 8.89
C ALA A 44 -4.67 3.35 7.56
N SER A 45 -4.17 2.38 6.79
CA SER A 45 -3.57 2.67 5.50
C SER A 45 -4.66 2.89 4.45
N HIS A 46 -5.16 4.11 4.41
CA HIS A 46 -6.22 4.48 3.48
C HIS A 46 -5.76 4.31 2.04
N LYS A 47 -6.70 3.94 1.17
CA LYS A 47 -6.43 3.72 -0.25
C LYS A 47 -5.70 4.90 -0.90
N VAL A 48 -4.80 4.56 -1.82
CA VAL A 48 -4.01 5.54 -2.57
C VAL A 48 -4.80 5.95 -3.81
N PRO A 49 -4.74 7.23 -4.26
CA PRO A 49 -3.91 8.28 -3.64
C PRO A 49 -4.29 8.62 -2.20
N TYR A 50 -3.27 8.88 -1.40
CA TYR A 50 -3.42 9.22 0.01
C TYR A 50 -2.10 9.78 0.52
N ASP A 51 -2.15 10.85 1.31
CA ASP A 51 -0.93 11.43 1.82
C ASP A 51 -0.47 10.71 3.08
N GLY A 52 0.67 10.05 2.97
CA GLY A 52 1.21 9.32 4.09
C GLY A 52 2.38 8.45 3.65
N LYS A 53 2.88 7.64 4.56
CA LYS A 53 3.98 6.74 4.28
C LYS A 53 3.64 5.36 4.83
N ARG A 54 4.02 4.32 4.11
CA ARG A 54 3.71 2.97 4.55
C ARG A 54 4.77 2.43 5.51
N LEU A 55 4.39 2.28 6.77
CA LEU A 55 5.27 1.73 7.77
C LEU A 55 5.11 0.21 7.77
N SER A 56 3.96 -0.21 7.26
CA SER A 56 3.63 -1.61 7.13
C SER A 56 4.14 -2.13 5.79
N SER A 57 4.41 -3.42 5.73
CA SER A 57 4.90 -4.03 4.50
C SER A 57 3.74 -4.46 3.60
N LEU A 58 2.77 -3.57 3.44
CA LEU A 58 1.61 -3.87 2.60
C LEU A 58 1.00 -2.58 2.04
N CYS A 59 0.83 -2.53 0.72
CA CYS A 59 0.22 -1.38 0.07
C CYS A 59 -1.29 -1.41 0.24
N PRO A 60 -1.92 -0.24 0.45
CA PRO A 60 -3.37 -0.14 0.62
C PRO A 60 -4.11 -0.52 -0.66
N CYS A 61 -5.42 -0.44 -0.64
CA CYS A 61 -6.23 -0.77 -1.80
C CYS A 61 -5.93 0.15 -2.98
N LYS A 62 -5.89 -0.43 -4.18
CA LYS A 62 -5.62 0.34 -5.37
C LYS A 62 -6.73 1.36 -5.60
N SER A 63 -6.41 2.43 -6.32
CA SER A 63 -7.38 3.48 -6.61
C SER A 63 -8.66 2.92 -7.20
N GLY A 64 -9.78 3.28 -6.59
CA GLY A 64 -11.07 2.79 -7.05
C GLY A 64 -11.65 1.77 -6.09
N LEU A 65 -10.78 1.03 -5.42
CA LEU A 65 -11.20 0.02 -4.47
C LEU A 65 -11.37 0.59 -3.06
N THR A 66 -12.35 0.05 -2.35
CA THR A 66 -12.62 0.46 -0.99
C THR A 66 -12.46 -0.73 -0.05
N CYS A 67 -11.63 -0.57 0.96
CA CYS A 67 -11.39 -1.65 1.91
C CYS A 67 -12.48 -1.71 2.96
N SER A 68 -12.95 -2.92 3.24
CA SER A 68 -13.99 -3.15 4.23
C SER A 68 -13.64 -4.37 5.07
N LYS A 69 -14.04 -4.37 6.35
CA LYS A 69 -13.74 -5.49 7.22
C LYS A 69 -14.42 -6.77 6.74
N SER A 70 -13.60 -7.71 6.33
CA SER A 70 -14.08 -9.00 5.86
C SER A 70 -13.98 -10.01 7.00
N GLY A 71 -15.01 -10.01 7.85
CA GLY A 71 -15.02 -10.88 9.00
C GLY A 71 -14.32 -10.24 10.18
N GLU A 72 -13.04 -9.97 10.01
CA GLU A 72 -12.24 -9.33 11.03
C GLU A 72 -11.13 -8.51 10.40
N LYS A 73 -10.47 -9.08 9.41
CA LYS A 73 -9.42 -8.36 8.70
C LYS A 73 -10.05 -7.57 7.58
N PHE A 74 -9.42 -6.50 7.21
CA PHE A 74 -9.92 -5.63 6.16
C PHE A 74 -9.44 -6.06 4.78
N LYS A 75 -10.37 -6.19 3.84
CA LYS A 75 -10.05 -6.56 2.46
C LYS A 75 -10.63 -5.54 1.51
N CYS A 76 -9.95 -5.38 0.38
CA CYS A 76 -10.37 -4.43 -0.65
C CYS A 76 -11.56 -4.96 -1.42
N SER A 77 -12.48 -4.08 -1.76
CA SER A 77 -13.67 -4.45 -2.52
C SER A 77 -14.21 -3.23 -3.24
N ALA A 1 22.42 6.52 -7.76
CA ALA A 1 21.42 6.65 -6.68
C ALA A 1 21.01 5.27 -6.19
N VAL A 2 20.65 5.18 -4.92
CA VAL A 2 20.24 3.90 -4.34
C VAL A 2 18.74 3.69 -4.52
N ILE A 3 18.36 2.48 -4.91
CA ILE A 3 16.96 2.17 -5.13
C ILE A 3 16.30 1.68 -3.84
N THR A 4 15.91 2.61 -3.00
CA THR A 4 15.30 2.29 -1.72
C THR A 4 14.31 3.39 -1.31
N GLY A 5 13.75 4.05 -2.31
CA GLY A 5 12.80 5.13 -2.04
C GLY A 5 12.49 5.93 -3.28
N ALA A 6 11.78 5.33 -4.22
CA ALA A 6 11.44 6.00 -5.47
C ALA A 6 10.38 7.08 -5.26
N CYS A 7 9.69 7.02 -4.13
CA CYS A 7 8.65 8.00 -3.83
C CYS A 7 8.53 8.22 -2.32
N ASP A 8 8.22 9.46 -1.94
CA ASP A 8 8.07 9.82 -0.54
C ASP A 8 6.65 9.56 -0.07
N LYS A 9 5.69 10.02 -0.86
CA LYS A 9 4.28 9.87 -0.53
C LYS A 9 3.58 9.03 -1.58
N ASP A 10 2.59 8.25 -1.14
CA ASP A 10 1.81 7.38 -2.03
C ASP A 10 1.26 8.15 -3.22
N VAL A 11 1.03 9.45 -3.02
CA VAL A 11 0.51 10.34 -4.06
C VAL A 11 1.37 10.29 -5.33
N GLN A 12 2.66 10.06 -5.15
CA GLN A 12 3.60 10.01 -6.28
C GLN A 12 3.39 8.77 -7.15
N CYS A 13 2.70 7.77 -6.63
CA CYS A 13 2.42 6.55 -7.38
C CYS A 13 1.10 6.71 -8.14
N GLY A 14 0.28 5.67 -8.19
CA GLY A 14 -0.97 5.78 -8.89
C GLY A 14 -1.82 4.52 -8.86
N SER A 15 -2.46 4.25 -9.99
CA SER A 15 -3.34 3.11 -10.13
C SER A 15 -2.68 1.81 -9.70
N GLY A 16 -3.25 1.21 -8.65
CA GLY A 16 -2.76 -0.05 -8.14
C GLY A 16 -1.33 -0.03 -7.65
N THR A 17 -0.85 1.11 -7.14
CA THR A 17 0.51 1.18 -6.62
C THR A 17 0.63 2.17 -5.47
N CYS A 18 1.47 1.86 -4.47
CA CYS A 18 1.69 2.73 -3.32
C CYS A 18 3.15 2.67 -2.91
N CYS A 19 3.58 3.59 -2.04
CA CYS A 19 4.97 3.64 -1.60
C CYS A 19 5.22 2.80 -0.35
N ALA A 20 4.68 1.58 -0.35
CA ALA A 20 4.85 0.68 0.78
C ALA A 20 6.21 0.00 0.74
N ALA A 21 6.62 -0.50 1.89
CA ALA A 21 7.88 -1.20 2.02
C ALA A 21 7.69 -2.68 1.73
N SER A 22 8.73 -3.34 1.27
CA SER A 22 8.64 -4.77 0.96
C SER A 22 8.35 -5.57 2.23
N ALA A 23 7.42 -6.53 2.11
CA ALA A 23 7.00 -7.37 3.23
C ALA A 23 8.11 -8.29 3.74
N TRP A 24 9.09 -8.58 2.90
CA TRP A 24 10.17 -9.49 3.28
C TRP A 24 11.31 -8.74 3.99
N SER A 25 11.59 -7.54 3.53
CA SER A 25 12.65 -6.73 4.13
C SER A 25 12.33 -5.26 3.93
N ARG A 26 12.68 -4.41 4.87
CA ARG A 26 12.38 -2.98 4.73
C ARG A 26 13.41 -2.29 3.83
N ASN A 27 13.81 -2.97 2.77
CA ASN A 27 14.77 -2.42 1.81
C ASN A 27 14.05 -1.67 0.70
N ILE A 28 12.94 -2.24 0.22
CA ILE A 28 12.16 -1.61 -0.82
C ILE A 28 11.16 -0.66 -0.19
N ARG A 29 11.12 0.56 -0.71
CA ARG A 29 10.21 1.59 -0.21
C ARG A 29 9.81 2.51 -1.36
N PHE A 30 9.09 1.96 -2.32
CA PHE A 30 8.67 2.74 -3.47
C PHE A 30 7.36 2.23 -4.05
N CYS A 31 7.00 2.76 -5.22
CA CYS A 31 5.75 2.39 -5.88
C CYS A 31 5.67 0.89 -6.18
N ILE A 32 4.90 0.19 -5.37
CA ILE A 32 4.69 -1.23 -5.52
C ILE A 32 3.18 -1.47 -5.62
N PRO A 33 2.77 -2.60 -6.21
CA PRO A 33 1.34 -2.93 -6.42
C PRO A 33 0.48 -2.91 -5.16
N LEU A 34 -0.79 -2.54 -5.33
CA LEU A 34 -1.77 -2.47 -4.25
C LEU A 34 -2.47 -3.81 -4.02
N GLY A 35 -3.05 -3.96 -2.84
CA GLY A 35 -3.75 -5.18 -2.47
C GLY A 35 -5.01 -5.45 -3.28
N ASN A 36 -5.25 -6.72 -3.54
CA ASN A 36 -6.42 -7.18 -4.29
C ASN A 36 -7.52 -7.67 -3.35
N SER A 37 -8.74 -7.72 -3.85
CA SER A 37 -9.87 -8.19 -3.06
C SER A 37 -9.60 -9.60 -2.53
N GLY A 38 -9.77 -9.78 -1.23
CA GLY A 38 -9.53 -11.07 -0.63
C GLY A 38 -8.23 -11.13 0.14
N GLU A 39 -7.29 -10.25 -0.16
CA GLU A 39 -6.01 -10.26 0.54
C GLU A 39 -6.01 -9.25 1.68
N ASP A 40 -5.16 -9.50 2.67
CA ASP A 40 -5.07 -8.64 3.86
C ASP A 40 -4.66 -7.22 3.51
N CYS A 41 -5.20 -6.27 4.25
CA CYS A 41 -4.91 -4.86 4.05
C CYS A 41 -4.88 -4.13 5.39
N HIS A 42 -4.18 -3.01 5.44
CA HIS A 42 -4.11 -2.24 6.67
C HIS A 42 -5.23 -1.21 6.71
N PRO A 43 -6.02 -1.20 7.79
CA PRO A 43 -7.14 -0.27 7.95
C PRO A 43 -6.70 1.20 7.88
N ALA A 44 -5.50 1.46 8.41
CA ALA A 44 -4.94 2.81 8.43
C ALA A 44 -4.70 3.35 7.02
N SER A 45 -4.17 2.49 6.14
CA SER A 45 -3.92 2.87 4.77
C SER A 45 -5.24 2.94 4.00
N HIS A 46 -5.45 4.00 3.25
CA HIS A 46 -6.69 4.15 2.50
C HIS A 46 -6.43 4.07 1.00
N LYS A 47 -7.26 4.74 0.23
CA LYS A 47 -7.13 4.73 -1.23
C LYS A 47 -5.89 5.48 -1.70
N VAL A 48 -5.42 5.12 -2.88
CA VAL A 48 -4.26 5.75 -3.49
C VAL A 48 -4.70 6.53 -4.72
N PRO A 49 -4.18 7.77 -4.94
CA PRO A 49 -3.18 8.41 -4.07
C PRO A 49 -3.65 8.58 -2.63
N TYR A 50 -2.84 8.09 -1.71
CA TYR A 50 -3.15 8.16 -0.29
C TYR A 50 -2.92 9.57 0.23
N ASP A 51 -3.73 9.97 1.19
CA ASP A 51 -3.66 11.29 1.81
C ASP A 51 -2.46 11.36 2.76
N GLY A 52 -1.29 11.08 2.23
CA GLY A 52 -0.07 11.07 3.00
C GLY A 52 0.89 10.01 2.50
N LYS A 53 1.50 9.28 3.41
CA LYS A 53 2.41 8.21 3.03
C LYS A 53 2.41 7.11 4.09
N ARG A 54 2.41 5.87 3.64
CA ARG A 54 2.40 4.74 4.57
C ARG A 54 3.69 3.94 4.48
N LEU A 55 4.45 3.93 5.57
CA LEU A 55 5.72 3.21 5.61
C LEU A 55 5.50 1.77 6.09
N SER A 56 4.36 1.22 5.74
CA SER A 56 4.02 -0.15 6.11
C SER A 56 4.51 -1.10 5.03
N SER A 57 4.72 -2.36 5.38
CA SER A 57 5.21 -3.34 4.42
C SER A 57 4.05 -4.00 3.65
N LEU A 58 2.97 -3.25 3.47
CA LEU A 58 1.82 -3.74 2.74
C LEU A 58 1.03 -2.58 2.14
N CYS A 59 0.84 -2.61 0.83
CA CYS A 59 0.07 -1.57 0.14
C CYS A 59 -1.41 -1.74 0.43
N PRO A 60 -2.17 -0.63 0.50
CA PRO A 60 -3.61 -0.71 0.75
C PRO A 60 -4.35 -1.28 -0.45
N CYS A 61 -5.67 -1.26 -0.39
CA CYS A 61 -6.48 -1.78 -1.46
C CYS A 61 -6.38 -0.94 -2.72
N LYS A 62 -6.39 -1.62 -3.87
CA LYS A 62 -6.31 -0.97 -5.17
C LYS A 62 -7.42 0.07 -5.30
N SER A 63 -7.13 1.17 -5.99
CA SER A 63 -8.09 2.25 -6.18
C SER A 63 -9.45 1.70 -6.62
N GLY A 64 -10.46 1.92 -5.79
CA GLY A 64 -11.79 1.42 -6.08
C GLY A 64 -12.21 0.36 -5.07
N LEU A 65 -11.23 -0.32 -4.50
CA LEU A 65 -11.49 -1.37 -3.52
C LEU A 65 -11.55 -0.80 -2.12
N THR A 66 -12.22 -1.50 -1.22
CA THR A 66 -12.34 -1.03 0.14
C THR A 66 -11.81 -2.06 1.15
N CYS A 67 -10.95 -1.59 2.06
CA CYS A 67 -10.40 -2.45 3.10
C CYS A 67 -11.45 -2.65 4.19
N SER A 68 -11.85 -3.90 4.42
CA SER A 68 -12.88 -4.19 5.42
C SER A 68 -12.47 -5.33 6.34
N LYS A 69 -12.86 -5.24 7.61
CA LYS A 69 -12.54 -6.27 8.58
C LYS A 69 -13.23 -7.58 8.22
N SER A 70 -12.43 -8.53 7.76
CA SER A 70 -12.91 -9.83 7.37
C SER A 70 -12.76 -10.81 8.54
N GLY A 71 -13.74 -10.80 9.44
CA GLY A 71 -13.70 -11.65 10.60
C GLY A 71 -12.90 -11.03 11.71
N GLU A 72 -11.59 -10.95 11.51
CA GLU A 72 -10.71 -10.35 12.49
C GLU A 72 -9.71 -9.43 11.80
N LYS A 73 -9.08 -9.94 10.75
CA LYS A 73 -8.13 -9.12 10.01
C LYS A 73 -8.86 -8.37 8.93
N PHE A 74 -8.26 -7.30 8.48
CA PHE A 74 -8.85 -6.48 7.43
C PHE A 74 -8.38 -6.98 6.08
N LYS A 75 -9.32 -7.18 5.17
CA LYS A 75 -9.00 -7.65 3.83
C LYS A 75 -9.70 -6.78 2.80
N CYS A 76 -9.08 -6.67 1.65
CA CYS A 76 -9.60 -5.86 0.57
C CYS A 76 -10.89 -6.43 0.01
N SER A 77 -11.86 -5.55 -0.19
CA SER A 77 -13.14 -5.93 -0.75
C SER A 77 -13.32 -5.22 -2.08
N ALA A 1 22.81 2.26 -7.54
CA ALA A 1 21.41 1.91 -7.21
C ALA A 1 21.34 1.29 -5.82
N VAL A 2 20.24 1.53 -5.12
CA VAL A 2 20.06 0.99 -3.79
C VAL A 2 18.58 0.75 -3.50
N ILE A 3 18.26 -0.38 -2.90
CA ILE A 3 16.89 -0.72 -2.58
C ILE A 3 16.51 -0.15 -1.22
N THR A 4 15.82 0.98 -1.22
CA THR A 4 15.41 1.62 0.01
C THR A 4 14.13 2.43 -0.18
N GLY A 5 13.93 2.95 -1.39
CA GLY A 5 12.74 3.74 -1.68
C GLY A 5 12.90 4.51 -2.97
N ALA A 6 12.03 4.21 -3.94
CA ALA A 6 12.08 4.87 -5.24
C ALA A 6 11.19 6.11 -5.27
N CYS A 7 10.41 6.31 -4.22
CA CYS A 7 9.51 7.45 -4.16
C CYS A 7 9.61 8.18 -2.84
N ASP A 8 9.58 9.51 -2.91
CA ASP A 8 9.65 10.37 -1.74
C ASP A 8 8.34 10.29 -0.98
N LYS A 9 7.25 10.36 -1.71
CA LYS A 9 5.91 10.28 -1.14
C LYS A 9 5.02 9.46 -2.04
N ASP A 10 3.99 8.86 -1.44
CA ASP A 10 3.02 8.01 -2.13
C ASP A 10 2.46 8.70 -3.37
N VAL A 11 2.40 10.03 -3.30
CA VAL A 11 1.88 10.86 -4.39
C VAL A 11 2.60 10.59 -5.72
N GLN A 12 3.87 10.19 -5.66
CA GLN A 12 4.65 9.93 -6.86
C GLN A 12 4.30 8.58 -7.50
N CYS A 13 3.60 7.72 -6.78
CA CYS A 13 3.22 6.43 -7.31
C CYS A 13 1.87 6.50 -8.03
N GLY A 14 1.83 5.94 -9.23
CA GLY A 14 0.61 5.93 -10.00
C GLY A 14 -0.41 4.95 -9.45
N SER A 15 -1.68 5.21 -9.77
CA SER A 15 -2.77 4.37 -9.32
C SER A 15 -2.50 2.90 -9.66
N GLY A 16 -2.24 2.11 -8.64
CA GLY A 16 -1.92 0.71 -8.84
C GLY A 16 -0.76 0.29 -7.97
N THR A 17 0.01 1.29 -7.56
CA THR A 17 1.18 1.07 -6.71
C THR A 17 1.23 2.12 -5.60
N CYS A 18 1.90 1.82 -4.50
CA CYS A 18 2.01 2.77 -3.39
C CYS A 18 3.38 2.63 -2.73
N CYS A 19 3.79 3.65 -1.97
CA CYS A 19 5.09 3.63 -1.31
C CYS A 19 5.00 2.95 0.06
N ALA A 20 4.60 1.70 0.06
CA ALA A 20 4.48 0.93 1.30
C ALA A 20 5.76 0.16 1.57
N ALA A 21 6.11 0.06 2.83
CA ALA A 21 7.30 -0.69 3.23
C ALA A 21 6.98 -2.17 3.21
N SER A 22 7.93 -3.00 2.81
CA SER A 22 7.70 -4.43 2.76
C SER A 22 7.48 -5.00 4.17
N ALA A 23 6.45 -5.83 4.30
CA ALA A 23 6.08 -6.44 5.57
C ALA A 23 7.14 -7.39 6.11
N TRP A 24 7.96 -7.93 5.22
CA TRP A 24 9.00 -8.87 5.65
C TRP A 24 10.27 -8.12 6.04
N SER A 25 10.57 -7.06 5.32
CA SER A 25 11.73 -6.24 5.61
C SER A 25 11.45 -4.81 5.15
N ARG A 26 11.65 -3.85 6.04
CA ARG A 26 11.38 -2.46 5.70
C ARG A 26 12.50 -1.87 4.84
N ASN A 27 13.03 -2.67 3.92
CA ASN A 27 14.06 -2.21 3.02
C ASN A 27 13.41 -1.62 1.78
N ILE A 28 12.32 -2.23 1.34
CA ILE A 28 11.58 -1.74 0.20
C ILE A 28 10.54 -0.74 0.65
N ARG A 29 10.61 0.45 0.07
CA ARG A 29 9.69 1.52 0.38
C ARG A 29 9.44 2.34 -0.88
N PHE A 30 9.04 1.66 -1.95
CA PHE A 30 8.78 2.33 -3.20
C PHE A 30 7.44 1.92 -3.78
N CYS A 31 7.20 2.34 -5.03
CA CYS A 31 5.95 2.05 -5.73
C CYS A 31 5.71 0.55 -5.93
N ILE A 32 5.27 -0.12 -4.87
CA ILE A 32 4.95 -1.53 -4.94
C ILE A 32 3.46 -1.68 -5.22
N PRO A 33 3.04 -2.81 -5.83
CA PRO A 33 1.64 -3.05 -6.20
C PRO A 33 0.64 -2.93 -5.03
N LEU A 34 -0.58 -2.56 -5.37
CA LEU A 34 -1.65 -2.39 -4.39
C LEU A 34 -2.37 -3.71 -4.13
N GLY A 35 -3.05 -3.77 -2.98
CA GLY A 35 -3.78 -4.96 -2.58
C GLY A 35 -4.80 -5.45 -3.59
N ASN A 36 -4.83 -6.76 -3.77
CA ASN A 36 -5.74 -7.41 -4.69
C ASN A 36 -6.87 -8.10 -3.93
N SER A 37 -7.95 -8.43 -4.63
CA SER A 37 -9.09 -9.09 -4.01
C SER A 37 -8.67 -10.38 -3.33
N GLY A 38 -8.91 -10.45 -2.02
CA GLY A 38 -8.55 -11.63 -1.28
C GLY A 38 -7.41 -11.40 -0.31
N GLU A 39 -6.56 -10.43 -0.57
CA GLU A 39 -5.43 -10.16 0.33
C GLU A 39 -5.81 -9.09 1.36
N ASP A 40 -5.16 -9.15 2.51
CA ASP A 40 -5.43 -8.23 3.63
C ASP A 40 -5.18 -6.77 3.25
N CYS A 41 -5.89 -5.89 3.95
CA CYS A 41 -5.77 -4.46 3.73
C CYS A 41 -5.92 -3.73 5.06
N HIS A 42 -5.35 -2.53 5.15
CA HIS A 42 -5.45 -1.75 6.38
C HIS A 42 -6.68 -0.86 6.34
N PRO A 43 -7.53 -0.96 7.38
CA PRO A 43 -8.79 -0.18 7.45
C PRO A 43 -8.58 1.33 7.44
N ALA A 44 -7.73 1.82 8.33
CA ALA A 44 -7.47 3.25 8.42
C ALA A 44 -6.40 3.72 7.44
N SER A 45 -6.31 3.06 6.30
CA SER A 45 -5.34 3.44 5.28
C SER A 45 -5.96 4.45 4.33
N HIS A 46 -5.36 5.63 4.25
CA HIS A 46 -5.86 6.66 3.36
C HIS A 46 -5.66 6.26 1.90
N LYS A 47 -6.61 6.64 1.05
CA LYS A 47 -6.58 6.30 -0.37
C LYS A 47 -5.28 6.75 -1.03
N VAL A 48 -4.92 6.08 -2.12
CA VAL A 48 -3.71 6.41 -2.88
C VAL A 48 -4.06 7.46 -3.92
N PRO A 49 -3.21 8.50 -4.08
CA PRO A 49 -1.98 8.69 -3.31
C PRO A 49 -2.22 9.10 -1.86
N TYR A 50 -1.43 8.55 -0.96
CA TYR A 50 -1.53 8.83 0.45
C TYR A 50 -1.27 10.30 0.74
N ASP A 51 -2.13 10.88 1.56
CA ASP A 51 -2.05 12.29 1.96
C ASP A 51 -0.95 12.51 3.01
N GLY A 52 0.29 12.20 2.64
CA GLY A 52 1.40 12.39 3.55
C GLY A 52 2.52 11.43 3.27
N LYS A 53 3.04 10.82 4.32
CA LYS A 53 4.12 9.86 4.18
C LYS A 53 3.65 8.50 4.67
N ARG A 54 3.77 7.49 3.82
CA ARG A 54 3.32 6.15 4.17
C ARG A 54 4.42 5.32 4.82
N LEU A 55 4.23 5.03 6.09
CA LEU A 55 5.18 4.21 6.84
C LEU A 55 4.54 2.88 7.18
N SER A 56 3.48 2.57 6.46
CA SER A 56 2.75 1.33 6.66
C SER A 56 3.35 0.25 5.77
N SER A 57 3.41 -0.97 6.28
CA SER A 57 3.99 -2.08 5.55
C SER A 57 2.97 -2.82 4.67
N LEU A 58 1.96 -2.09 4.20
CA LEU A 58 0.94 -2.70 3.34
C LEU A 58 0.29 -1.66 2.43
N CYS A 59 0.22 -1.96 1.15
CA CYS A 59 -0.41 -1.07 0.18
C CYS A 59 -1.93 -1.26 0.23
N PRO A 60 -2.70 -0.16 0.12
CA PRO A 60 -4.16 -0.22 0.14
C PRO A 60 -4.69 -0.94 -1.10
N CYS A 61 -5.99 -1.21 -1.10
CA CYS A 61 -6.61 -1.90 -2.23
C CYS A 61 -6.45 -1.09 -3.50
N LYS A 62 -6.18 -1.79 -4.60
CA LYS A 62 -6.01 -1.17 -5.90
C LYS A 62 -7.28 -0.45 -6.33
N SER A 63 -7.13 0.57 -7.15
CA SER A 63 -8.27 1.36 -7.63
C SER A 63 -9.39 0.46 -8.14
N GLY A 64 -10.58 0.64 -7.58
CA GLY A 64 -11.71 -0.17 -7.96
C GLY A 64 -12.12 -1.11 -6.85
N LEU A 65 -11.15 -1.54 -6.06
CA LEU A 65 -11.39 -2.43 -4.95
C LEU A 65 -11.68 -1.68 -3.68
N THR A 66 -12.37 -2.34 -2.75
CA THR A 66 -12.71 -1.73 -1.49
C THR A 66 -12.21 -2.57 -0.31
N CYS A 67 -11.59 -1.91 0.65
CA CYS A 67 -11.07 -2.58 1.84
C CYS A 67 -12.22 -2.83 2.81
N SER A 68 -12.44 -4.09 3.17
CA SER A 68 -13.53 -4.43 4.08
C SER A 68 -13.20 -5.68 4.89
N LYS A 69 -13.77 -5.78 6.09
CA LYS A 69 -13.52 -6.93 6.94
C LYS A 69 -14.02 -8.19 6.26
N SER A 70 -13.11 -9.10 5.95
CA SER A 70 -13.45 -10.33 5.28
C SER A 70 -13.15 -11.53 6.18
N GLY A 71 -13.62 -11.47 7.41
CA GLY A 71 -13.40 -12.55 8.34
C GLY A 71 -12.89 -12.05 9.67
N GLU A 72 -11.59 -12.21 9.89
CA GLU A 72 -10.94 -11.79 11.10
C GLU A 72 -10.51 -10.33 11.00
N LYS A 73 -9.83 -10.00 9.91
CA LYS A 73 -9.35 -8.66 9.68
C LYS A 73 -9.93 -8.11 8.37
N PHE A 74 -9.37 -7.00 7.91
CA PHE A 74 -9.83 -6.37 6.68
C PHE A 74 -9.05 -6.90 5.48
N LYS A 75 -9.76 -7.21 4.42
CA LYS A 75 -9.15 -7.70 3.20
C LYS A 75 -9.74 -6.97 2.01
N CYS A 76 -8.97 -6.93 0.93
CA CYS A 76 -9.40 -6.26 -0.29
C CYS A 76 -10.42 -7.09 -1.04
N SER A 77 -11.45 -6.44 -1.55
CA SER A 77 -12.49 -7.11 -2.30
C SER A 77 -13.18 -6.11 -3.20
N ALA A 1 19.49 5.98 -6.44
CA ALA A 1 18.62 4.89 -5.94
C ALA A 1 19.22 4.29 -4.67
N VAL A 2 18.37 3.86 -3.76
CA VAL A 2 18.82 3.27 -2.51
C VAL A 2 17.78 2.28 -2.00
N ILE A 3 18.23 1.21 -1.38
CA ILE A 3 17.32 0.18 -0.88
C ILE A 3 16.86 0.50 0.54
N THR A 4 16.27 1.68 0.68
CA THR A 4 15.76 2.12 1.97
C THR A 4 14.58 3.06 1.78
N GLY A 5 14.03 3.04 0.57
CA GLY A 5 12.89 3.90 0.27
C GLY A 5 13.06 4.64 -1.03
N ALA A 6 12.09 4.52 -1.93
CA ALA A 6 12.14 5.21 -3.21
C ALA A 6 11.45 6.56 -3.11
N CYS A 7 10.38 6.60 -2.32
CA CYS A 7 9.59 7.80 -2.17
C CYS A 7 9.41 8.18 -0.70
N ASP A 8 9.27 9.48 -0.45
CA ASP A 8 9.08 10.01 0.90
C ASP A 8 7.65 9.78 1.34
N LYS A 9 6.71 10.06 0.43
CA LYS A 9 5.30 9.89 0.70
C LYS A 9 4.66 9.14 -0.45
N ASP A 10 3.59 8.40 -0.15
CA ASP A 10 2.85 7.62 -1.16
C ASP A 10 2.42 8.53 -2.32
N VAL A 11 2.35 9.82 -2.03
CA VAL A 11 1.96 10.83 -2.99
C VAL A 11 2.82 10.78 -4.26
N GLN A 12 4.06 10.33 -4.12
CA GLN A 12 4.99 10.24 -5.23
C GLN A 12 4.70 9.05 -6.13
N CYS A 13 4.06 8.02 -5.59
CA CYS A 13 3.73 6.84 -6.37
C CYS A 13 2.38 6.99 -7.03
N GLY A 14 2.30 6.58 -8.30
CA GLY A 14 1.07 6.66 -9.04
C GLY A 14 0.04 5.68 -8.51
N SER A 15 -1.23 6.00 -8.73
CA SER A 15 -2.35 5.18 -8.29
C SER A 15 -2.19 3.74 -8.78
N GLY A 16 -1.73 2.88 -7.89
CA GLY A 16 -1.51 1.49 -8.23
C GLY A 16 -0.35 0.92 -7.45
N THR A 17 0.54 1.83 -7.03
CA THR A 17 1.73 1.47 -6.27
C THR A 17 1.87 2.40 -5.06
N CYS A 18 2.42 1.92 -3.96
CA CYS A 18 2.58 2.76 -2.78
C CYS A 18 3.98 2.57 -2.18
N CYS A 19 4.36 3.44 -1.25
CA CYS A 19 5.69 3.39 -0.62
C CYS A 19 5.71 2.52 0.63
N ALA A 20 4.89 1.48 0.65
CA ALA A 20 4.86 0.58 1.80
C ALA A 20 6.08 -0.32 1.83
N ALA A 21 6.50 -0.68 3.02
CA ALA A 21 7.65 -1.56 3.18
C ALA A 21 7.23 -2.98 2.87
N SER A 22 8.00 -3.69 2.06
CA SER A 22 7.66 -5.06 1.70
C SER A 22 7.58 -5.94 2.94
N ALA A 23 6.57 -6.81 2.96
CA ALA A 23 6.35 -7.71 4.09
C ALA A 23 7.54 -8.64 4.34
N TRP A 24 8.34 -8.89 3.31
CA TRP A 24 9.49 -9.77 3.44
C TRP A 24 10.72 -9.01 3.92
N SER A 25 10.80 -7.71 3.61
CA SER A 25 11.94 -6.91 4.05
C SER A 25 11.53 -5.45 4.24
N ARG A 26 11.74 -4.93 5.44
CA ARG A 26 11.39 -3.55 5.74
C ARG A 26 12.39 -2.58 5.09
N ASN A 27 13.22 -3.11 4.22
CA ASN A 27 14.22 -2.32 3.49
C ASN A 27 13.63 -1.81 2.20
N ILE A 28 12.64 -2.53 1.68
CA ILE A 28 11.97 -2.14 0.45
C ILE A 28 10.86 -1.17 0.79
N ARG A 29 10.99 0.05 0.31
CA ARG A 29 10.01 1.10 0.55
C ARG A 29 9.84 1.91 -0.73
N PHE A 30 9.77 1.20 -1.84
CA PHE A 30 9.61 1.83 -3.14
C PHE A 30 8.17 1.73 -3.57
N CYS A 31 7.87 2.22 -4.76
CA CYS A 31 6.51 2.15 -5.31
C CYS A 31 6.12 0.70 -5.63
N ILE A 32 5.75 -0.06 -4.61
CA ILE A 32 5.34 -1.44 -4.80
C ILE A 32 3.84 -1.51 -5.08
N PRO A 33 3.40 -2.53 -5.85
CA PRO A 33 1.99 -2.69 -6.24
C PRO A 33 1.00 -2.76 -5.07
N LEU A 34 -0.23 -2.32 -5.35
CA LEU A 34 -1.31 -2.30 -4.38
C LEU A 34 -2.07 -3.62 -4.34
N GLY A 35 -2.88 -3.77 -3.29
CA GLY A 35 -3.68 -4.96 -3.07
C GLY A 35 -4.67 -5.26 -4.17
N ASN A 36 -4.81 -6.56 -4.44
CA ASN A 36 -5.71 -7.08 -5.47
C ASN A 36 -7.09 -7.40 -4.89
N SER A 37 -8.03 -7.74 -5.76
CA SER A 37 -9.38 -8.08 -5.35
C SER A 37 -9.37 -9.32 -4.46
N GLY A 38 -10.01 -9.21 -3.30
CA GLY A 38 -10.07 -10.32 -2.37
C GLY A 38 -8.77 -10.50 -1.60
N GLU A 39 -7.88 -9.52 -1.70
CA GLU A 39 -6.61 -9.57 -1.00
C GLU A 39 -6.70 -8.72 0.25
N ASP A 40 -5.86 -9.05 1.22
CA ASP A 40 -5.84 -8.33 2.49
C ASP A 40 -5.43 -6.88 2.31
N CYS A 41 -6.07 -6.00 3.03
CA CYS A 41 -5.78 -4.59 2.97
C CYS A 41 -5.91 -3.98 4.35
N HIS A 42 -5.07 -3.00 4.65
CA HIS A 42 -5.12 -2.37 5.95
C HIS A 42 -6.08 -1.19 5.91
N PRO A 43 -7.09 -1.20 6.81
CA PRO A 43 -8.10 -0.14 6.88
C PRO A 43 -7.49 1.26 7.02
N ALA A 44 -6.36 1.33 7.72
CA ALA A 44 -5.65 2.59 7.94
C ALA A 44 -5.15 3.15 6.61
N SER A 45 -4.71 2.27 5.72
CA SER A 45 -4.23 2.67 4.41
C SER A 45 -5.42 3.11 3.57
N HIS A 46 -5.29 4.20 2.86
CA HIS A 46 -6.40 4.70 2.05
C HIS A 46 -6.04 4.74 0.56
N LYS A 47 -6.51 5.77 -0.12
CA LYS A 47 -6.27 5.93 -1.55
C LYS A 47 -4.81 6.23 -1.86
N VAL A 48 -4.46 6.10 -3.13
CA VAL A 48 -3.12 6.39 -3.61
C VAL A 48 -3.23 7.24 -4.88
N PRO A 49 -2.49 8.36 -4.98
CA PRO A 49 -1.54 8.83 -3.94
C PRO A 49 -2.20 9.03 -2.58
N TYR A 50 -1.56 8.48 -1.55
CA TYR A 50 -2.06 8.57 -0.20
C TYR A 50 -1.77 9.93 0.41
N ASP A 51 -2.63 10.35 1.32
CA ASP A 51 -2.52 11.62 2.02
C ASP A 51 -1.40 11.56 3.07
N GLY A 52 -0.22 11.14 2.61
CA GLY A 52 0.93 10.99 3.48
C GLY A 52 1.78 9.84 3.02
N LYS A 53 2.22 9.00 3.96
CA LYS A 53 3.02 7.83 3.62
C LYS A 53 2.80 6.74 4.66
N ARG A 54 2.47 5.54 4.19
CA ARG A 54 2.21 4.41 5.07
C ARG A 54 3.49 3.66 5.44
N LEU A 55 3.73 3.50 6.73
CA LEU A 55 4.90 2.77 7.21
C LEU A 55 4.51 1.32 7.47
N SER A 56 3.46 0.88 6.80
CA SER A 56 2.95 -0.47 6.93
C SER A 56 3.62 -1.39 5.92
N SER A 57 3.59 -2.68 6.19
CA SER A 57 4.20 -3.66 5.30
C SER A 57 3.20 -4.14 4.24
N LEU A 58 2.20 -3.32 3.95
CA LEU A 58 1.19 -3.69 2.96
C LEU A 58 0.55 -2.45 2.34
N CYS A 59 0.50 -2.43 1.01
CA CYS A 59 -0.12 -1.32 0.27
C CYS A 59 -1.64 -1.47 0.35
N PRO A 60 -2.40 -0.36 0.17
CA PRO A 60 -3.86 -0.42 0.21
C PRO A 60 -4.42 -1.04 -1.06
N CYS A 61 -5.72 -0.92 -1.28
CA CYS A 61 -6.35 -1.47 -2.46
C CYS A 61 -6.02 -0.64 -3.69
N LYS A 62 -5.78 -1.32 -4.80
CA LYS A 62 -5.47 -0.65 -6.06
C LYS A 62 -6.65 0.19 -6.52
N SER A 63 -6.36 1.19 -7.36
CA SER A 63 -7.37 2.10 -7.90
C SER A 63 -8.62 1.35 -8.35
N GLY A 64 -9.77 1.76 -7.83
CA GLY A 64 -11.02 1.13 -8.19
C GLY A 64 -11.53 0.19 -7.12
N LEU A 65 -10.61 -0.41 -6.38
CA LEU A 65 -10.97 -1.34 -5.32
C LEU A 65 -11.17 -0.64 -3.98
N THR A 66 -12.17 -1.10 -3.25
CA THR A 66 -12.47 -0.53 -1.95
C THR A 66 -12.06 -1.49 -0.84
N CYS A 67 -11.37 -0.97 0.16
CA CYS A 67 -10.93 -1.77 1.29
C CYS A 67 -12.04 -1.86 2.33
N SER A 68 -12.53 -3.05 2.60
CA SER A 68 -13.60 -3.27 3.56
C SER A 68 -13.45 -4.65 4.17
N LYS A 69 -13.96 -4.80 5.38
CA LYS A 69 -13.87 -6.08 6.08
C LYS A 69 -14.67 -7.15 5.36
N SER A 70 -13.99 -8.19 4.92
CA SER A 70 -14.62 -9.30 4.20
C SER A 70 -14.06 -10.61 4.73
N GLY A 71 -13.99 -10.69 6.05
CA GLY A 71 -13.46 -11.86 6.71
C GLY A 71 -13.00 -11.53 8.11
N GLU A 72 -11.73 -11.76 8.38
CA GLU A 72 -11.16 -11.45 9.66
C GLU A 72 -10.69 -10.00 9.67
N LYS A 73 -10.05 -9.61 8.58
CA LYS A 73 -9.56 -8.26 8.42
C LYS A 73 -10.22 -7.63 7.20
N PHE A 74 -9.61 -6.56 6.69
CA PHE A 74 -10.14 -5.87 5.53
C PHE A 74 -9.57 -6.46 4.24
N LYS A 75 -10.42 -6.54 3.22
CA LYS A 75 -10.05 -7.05 1.91
C LYS A 75 -10.52 -6.08 0.84
N CYS A 76 -9.93 -6.18 -0.32
CA CYS A 76 -10.29 -5.34 -1.44
C CYS A 76 -11.47 -5.91 -2.19
N SER A 77 -12.48 -5.07 -2.42
CA SER A 77 -13.68 -5.48 -3.12
C SER A 77 -14.30 -4.26 -3.80
N ALA A 1 23.04 6.78 -3.39
CA ALA A 1 23.10 5.81 -4.50
C ALA A 1 22.54 4.46 -4.08
N VAL A 2 21.28 4.46 -3.66
CA VAL A 2 20.62 3.23 -3.23
C VAL A 2 19.13 3.31 -3.49
N ILE A 3 18.55 2.23 -4.02
CA ILE A 3 17.14 2.20 -4.34
C ILE A 3 16.32 1.72 -3.14
N THR A 4 16.43 2.46 -2.04
CA THR A 4 15.72 2.12 -0.82
C THR A 4 14.35 2.78 -0.80
N GLY A 5 14.23 3.92 -1.45
CA GLY A 5 12.96 4.61 -1.49
C GLY A 5 12.96 5.70 -2.55
N ALA A 6 12.09 5.53 -3.53
CA ALA A 6 11.96 6.48 -4.63
C ALA A 6 10.94 7.56 -4.31
N CYS A 7 10.17 7.36 -3.24
CA CYS A 7 9.15 8.31 -2.85
C CYS A 7 8.92 8.27 -1.36
N ASP A 8 8.35 9.34 -0.81
CA ASP A 8 8.07 9.41 0.61
C ASP A 8 6.58 9.21 0.89
N LYS A 9 5.75 10.01 0.26
CA LYS A 9 4.32 9.90 0.47
C LYS A 9 3.65 9.31 -0.75
N ASP A 10 2.60 8.53 -0.51
CA ASP A 10 1.82 7.87 -1.57
C ASP A 10 1.40 8.88 -2.63
N VAL A 11 1.38 10.14 -2.23
CA VAL A 11 1.02 11.26 -3.09
C VAL A 11 1.93 11.32 -4.33
N GLN A 12 3.15 10.81 -4.18
CA GLN A 12 4.14 10.81 -5.25
C GLN A 12 3.90 9.67 -6.24
N CYS A 13 3.17 8.65 -5.80
CA CYS A 13 2.87 7.51 -6.65
C CYS A 13 1.58 7.76 -7.43
N GLY A 14 0.73 6.74 -7.55
CA GLY A 14 -0.50 6.91 -8.27
C GLY A 14 -1.34 5.66 -8.34
N SER A 15 -1.90 5.42 -9.51
CA SER A 15 -2.77 4.29 -9.77
C SER A 15 -2.15 2.96 -9.31
N GLY A 16 -2.76 2.37 -8.30
CA GLY A 16 -2.31 1.10 -7.76
C GLY A 16 -0.88 1.08 -7.29
N THR A 17 -0.39 2.19 -6.74
CA THR A 17 0.98 2.24 -6.22
C THR A 17 1.08 3.14 -4.99
N CYS A 18 1.88 2.71 -4.00
CA CYS A 18 2.04 3.49 -2.77
C CYS A 18 3.48 3.35 -2.26
N CYS A 19 3.90 4.26 -1.38
CA CYS A 19 5.25 4.23 -0.85
C CYS A 19 5.36 3.36 0.39
N ALA A 20 4.99 2.10 0.25
CA ALA A 20 5.05 1.15 1.34
C ALA A 20 6.37 0.38 1.34
N ALA A 21 6.63 -0.33 2.42
CA ALA A 21 7.84 -1.12 2.55
C ALA A 21 7.63 -2.49 1.89
N SER A 22 8.71 -3.08 1.40
CA SER A 22 8.64 -4.39 0.76
C SER A 22 8.08 -5.45 1.72
N ALA A 23 7.14 -6.25 1.24
CA ALA A 23 6.49 -7.29 2.04
C ALA A 23 7.41 -8.49 2.33
N TRP A 24 8.68 -8.22 2.55
CA TRP A 24 9.64 -9.26 2.86
C TRP A 24 10.77 -8.71 3.71
N SER A 25 11.17 -7.47 3.45
CA SER A 25 12.23 -6.82 4.20
C SER A 25 12.00 -5.31 4.21
N ARG A 26 12.42 -4.64 5.25
CA ARG A 26 12.23 -3.18 5.33
C ARG A 26 13.34 -2.44 4.59
N ASN A 27 13.68 -2.92 3.39
CA ASN A 27 14.71 -2.29 2.58
C ASN A 27 14.08 -1.37 1.54
N ILE A 28 13.04 -1.87 0.89
CA ILE A 28 12.33 -1.09 -0.11
C ILE A 28 11.20 -0.29 0.55
N ARG A 29 11.10 0.96 0.16
CA ARG A 29 10.09 1.86 0.71
C ARG A 29 9.73 2.90 -0.35
N PHE A 30 9.34 2.42 -1.53
CA PHE A 30 8.98 3.31 -2.62
C PHE A 30 7.65 2.92 -3.25
N CYS A 31 7.37 3.50 -4.42
CA CYS A 31 6.12 3.25 -5.16
C CYS A 31 5.96 1.80 -5.57
N ILE A 32 5.51 0.98 -4.63
CA ILE A 32 5.26 -0.43 -4.91
C ILE A 32 3.78 -0.61 -5.21
N PRO A 33 3.41 -1.64 -5.98
CA PRO A 33 2.02 -1.89 -6.36
C PRO A 33 1.07 -2.17 -5.19
N LEU A 34 -0.20 -1.82 -5.40
CA LEU A 34 -1.25 -2.02 -4.40
C LEU A 34 -1.86 -3.41 -4.52
N GLY A 35 -2.57 -3.81 -3.48
CA GLY A 35 -3.22 -5.11 -3.44
C GLY A 35 -4.45 -5.19 -4.32
N ASN A 36 -4.61 -6.32 -4.99
CA ASN A 36 -5.74 -6.54 -5.88
C ASN A 36 -6.86 -7.29 -5.16
N SER A 37 -7.80 -7.82 -5.93
CA SER A 37 -8.92 -8.56 -5.39
C SER A 37 -8.46 -9.80 -4.63
N GLY A 38 -8.87 -9.89 -3.37
CA GLY A 38 -8.50 -11.03 -2.56
C GLY A 38 -7.21 -10.84 -1.80
N GLU A 39 -6.50 -9.74 -2.06
CA GLU A 39 -5.24 -9.49 -1.37
C GLU A 39 -5.46 -8.72 -0.08
N ASP A 40 -4.56 -8.94 0.88
CA ASP A 40 -4.64 -8.30 2.19
C ASP A 40 -4.51 -6.79 2.07
N CYS A 41 -5.19 -6.08 2.96
CA CYS A 41 -5.16 -4.63 2.98
C CYS A 41 -5.19 -4.12 4.41
N HIS A 42 -4.50 -3.03 4.67
CA HIS A 42 -4.49 -2.46 6.01
C HIS A 42 -5.63 -1.46 6.14
N PRO A 43 -6.52 -1.68 7.11
CA PRO A 43 -7.69 -0.80 7.34
C PRO A 43 -7.32 0.67 7.49
N ALA A 44 -6.20 0.92 8.18
CA ALA A 44 -5.73 2.27 8.43
C ALA A 44 -5.26 2.95 7.13
N SER A 45 -4.82 2.15 6.17
CA SER A 45 -4.36 2.68 4.91
C SER A 45 -5.54 3.00 3.99
N HIS A 46 -5.64 4.26 3.58
CA HIS A 46 -6.72 4.68 2.70
C HIS A 46 -6.28 4.60 1.25
N LYS A 47 -7.12 5.11 0.36
CA LYS A 47 -6.82 5.11 -1.07
C LYS A 47 -5.73 6.13 -1.38
N VAL A 48 -5.16 6.03 -2.57
CA VAL A 48 -4.13 6.95 -3.01
C VAL A 48 -4.80 8.17 -3.67
N PRO A 49 -4.29 9.38 -3.42
CA PRO A 49 -3.10 9.62 -2.59
C PRO A 49 -3.40 9.53 -1.10
N TYR A 50 -2.53 8.81 -0.39
CA TYR A 50 -2.65 8.65 1.05
C TYR A 50 -1.46 9.33 1.72
N ASP A 51 -1.66 9.84 2.93
CA ASP A 51 -0.61 10.54 3.68
C ASP A 51 0.62 9.64 3.90
N GLY A 52 0.37 8.35 3.86
CA GLY A 52 1.43 7.34 4.00
C GLY A 52 2.28 7.47 5.25
N LYS A 53 1.70 7.91 6.36
CA LYS A 53 2.46 8.01 7.60
C LYS A 53 2.39 6.69 8.35
N ARG A 54 2.81 5.64 7.68
CA ARG A 54 2.80 4.31 8.25
C ARG A 54 3.92 3.45 7.66
N LEU A 55 4.69 2.81 8.54
CA LEU A 55 5.79 1.97 8.10
C LEU A 55 5.30 0.55 7.86
N SER A 56 4.23 0.44 7.09
CA SER A 56 3.65 -0.85 6.76
C SER A 56 4.29 -1.42 5.51
N SER A 57 4.57 -2.72 5.54
CA SER A 57 5.17 -3.41 4.42
C SER A 57 4.09 -3.93 3.47
N LEU A 58 3.01 -3.18 3.35
CA LEU A 58 1.90 -3.55 2.49
C LEU A 58 1.14 -2.32 2.02
N CYS A 59 0.88 -2.25 0.72
CA CYS A 59 0.13 -1.16 0.12
C CYS A 59 -1.36 -1.41 0.28
N PRO A 60 -2.21 -0.38 0.18
CA PRO A 60 -3.66 -0.52 0.30
C PRO A 60 -4.27 -1.22 -0.92
N CYS A 61 -5.57 -1.08 -1.09
CA CYS A 61 -6.25 -1.69 -2.22
C CYS A 61 -6.04 -0.86 -3.48
N LYS A 62 -5.79 -1.54 -4.59
CA LYS A 62 -5.59 -0.86 -5.87
C LYS A 62 -6.89 -0.21 -6.30
N SER A 63 -6.77 0.85 -7.08
CA SER A 63 -7.93 1.60 -7.56
C SER A 63 -9.02 0.67 -8.08
N GLY A 64 -10.15 0.64 -7.37
CA GLY A 64 -11.26 -0.21 -7.76
C GLY A 64 -11.63 -1.18 -6.66
N LEU A 65 -10.64 -1.62 -5.89
CA LEU A 65 -10.87 -2.56 -4.80
C LEU A 65 -11.19 -1.86 -3.49
N THR A 66 -12.09 -2.47 -2.72
CA THR A 66 -12.48 -1.93 -1.44
C THR A 66 -11.96 -2.81 -0.30
N CYS A 67 -11.28 -2.21 0.66
CA CYS A 67 -10.75 -2.95 1.80
C CYS A 67 -11.89 -3.35 2.73
N SER A 68 -12.09 -4.65 2.92
CA SER A 68 -13.16 -5.13 3.78
C SER A 68 -12.66 -6.16 4.78
N LYS A 69 -13.24 -6.15 5.98
CA LYS A 69 -12.86 -7.07 7.03
C LYS A 69 -13.27 -8.49 6.66
N SER A 70 -12.27 -9.30 6.35
CA SER A 70 -12.48 -10.69 5.99
C SER A 70 -12.47 -11.55 7.24
N GLY A 71 -13.57 -11.51 7.98
CA GLY A 71 -13.68 -12.25 9.20
C GLY A 71 -13.00 -11.53 10.35
N GLU A 72 -11.69 -11.47 10.31
CA GLU A 72 -10.92 -10.77 11.33
C GLU A 72 -9.92 -9.82 10.69
N LYS A 73 -9.26 -10.26 9.63
CA LYS A 73 -8.30 -9.42 8.92
C LYS A 73 -9.03 -8.57 7.89
N PHE A 74 -8.27 -7.86 7.08
CA PHE A 74 -8.86 -7.02 6.06
C PHE A 74 -8.26 -7.36 4.70
N LYS A 75 -9.13 -7.61 3.71
CA LYS A 75 -8.67 -7.92 2.37
C LYS A 75 -9.48 -7.14 1.35
N CYS A 76 -8.85 -6.84 0.23
CA CYS A 76 -9.48 -6.10 -0.84
C CYS A 76 -10.53 -6.95 -1.55
N SER A 77 -11.69 -6.36 -1.77
CA SER A 77 -12.79 -7.05 -2.44
C SER A 77 -13.67 -6.03 -3.13
N ALA A 1 24.11 3.89 -6.27
CA ALA A 1 23.46 3.83 -4.93
C ALA A 1 22.26 2.92 -4.99
N VAL A 2 21.95 2.26 -3.88
CA VAL A 2 20.81 1.36 -3.82
C VAL A 2 19.55 2.13 -3.41
N ILE A 3 18.47 1.91 -4.15
CA ILE A 3 17.21 2.57 -3.87
C ILE A 3 16.35 1.70 -2.96
N THR A 4 16.03 2.23 -1.80
CA THR A 4 15.22 1.50 -0.84
C THR A 4 14.41 2.48 0.02
N GLY A 5 14.29 3.71 -0.47
CA GLY A 5 13.54 4.73 0.22
C GLY A 5 13.38 5.96 -0.64
N ALA A 6 12.52 5.84 -1.65
CA ALA A 6 12.29 6.94 -2.59
C ALA A 6 11.31 7.98 -2.06
N CYS A 7 10.46 7.59 -1.12
CA CYS A 7 9.47 8.52 -0.58
C CYS A 7 9.09 8.18 0.85
N ASP A 8 8.64 9.19 1.58
CA ASP A 8 8.23 9.04 2.97
C ASP A 8 6.74 8.74 3.05
N LYS A 9 5.95 9.68 2.56
CA LYS A 9 4.50 9.54 2.56
C LYS A 9 4.00 9.13 1.19
N ASP A 10 3.02 8.23 1.20
CA ASP A 10 2.39 7.69 -0.01
C ASP A 10 2.03 8.79 -1.00
N VAL A 11 1.68 9.96 -0.46
CA VAL A 11 1.29 11.13 -1.25
C VAL A 11 2.29 11.45 -2.36
N GLN A 12 3.57 11.17 -2.11
CA GLN A 12 4.62 11.45 -3.10
C GLN A 12 4.47 10.57 -4.35
N CYS A 13 3.93 9.38 -4.17
CA CYS A 13 3.74 8.45 -5.29
C CYS A 13 2.37 8.65 -5.94
N GLY A 14 2.25 8.18 -7.18
CA GLY A 14 1.01 8.30 -7.91
C GLY A 14 -0.04 7.32 -7.42
N SER A 15 -1.28 7.55 -7.84
CA SER A 15 -2.44 6.72 -7.49
C SER A 15 -2.30 5.29 -8.03
N GLY A 16 -1.34 4.56 -7.50
CA GLY A 16 -1.09 3.20 -7.92
C GLY A 16 0.01 2.56 -7.09
N THR A 17 0.91 3.40 -6.55
CA THR A 17 2.01 2.93 -5.73
C THR A 17 1.99 3.63 -4.37
N CYS A 18 2.33 2.91 -3.31
CA CYS A 18 2.32 3.50 -1.97
C CYS A 18 3.73 3.42 -1.37
N CYS A 19 4.03 4.33 -0.45
CA CYS A 19 5.35 4.38 0.18
C CYS A 19 5.41 3.51 1.43
N ALA A 20 4.95 2.28 1.32
CA ALA A 20 4.98 1.36 2.46
C ALA A 20 6.22 0.50 2.38
N ALA A 21 6.28 -0.51 3.23
CA ALA A 21 7.40 -1.43 3.24
C ALA A 21 7.12 -2.60 2.29
N SER A 22 8.14 -3.04 1.57
CA SER A 22 7.95 -4.16 0.65
C SER A 22 7.54 -5.42 1.42
N ALA A 23 6.66 -6.21 0.83
CA ALA A 23 6.17 -7.44 1.45
C ALA A 23 7.29 -8.40 1.84
N TRP A 24 8.41 -8.32 1.14
CA TRP A 24 9.53 -9.22 1.43
C TRP A 24 10.46 -8.65 2.51
N SER A 25 10.59 -7.33 2.58
CA SER A 25 11.45 -6.73 3.59
C SER A 25 10.97 -5.33 3.97
N ARG A 26 10.96 -5.02 5.26
CA ARG A 26 10.54 -3.70 5.72
C ARG A 26 11.66 -2.68 5.53
N ASN A 27 12.60 -3.01 4.65
CA ASN A 27 13.72 -2.15 4.34
C ASN A 27 13.37 -1.26 3.15
N ILE A 28 12.54 -1.80 2.25
CA ILE A 28 12.10 -1.06 1.08
C ILE A 28 10.91 -0.21 1.45
N ARG A 29 11.06 1.09 1.27
CA ARG A 29 10.01 2.04 1.58
C ARG A 29 9.93 3.11 0.50
N PHE A 30 9.34 2.75 -0.62
CA PHE A 30 9.20 3.68 -1.73
C PHE A 30 7.94 3.36 -2.54
N CYS A 31 7.84 3.96 -3.73
CA CYS A 31 6.68 3.74 -4.61
C CYS A 31 6.50 2.28 -5.03
N ILE A 32 5.96 1.47 -4.13
CA ILE A 32 5.70 0.06 -4.44
C ILE A 32 4.24 -0.08 -4.83
N PRO A 33 3.93 -1.02 -5.75
CA PRO A 33 2.56 -1.22 -6.26
C PRO A 33 1.51 -1.54 -5.19
N LEU A 34 0.27 -1.16 -5.49
CA LEU A 34 -0.87 -1.36 -4.59
C LEU A 34 -1.51 -2.74 -4.79
N GLY A 35 -2.39 -3.09 -3.87
CA GLY A 35 -3.08 -4.37 -3.91
C GLY A 35 -4.16 -4.46 -4.97
N ASN A 36 -4.32 -5.66 -5.52
CA ASN A 36 -5.32 -5.95 -6.54
C ASN A 36 -6.53 -6.62 -5.92
N SER A 37 -7.53 -6.97 -6.73
CA SER A 37 -8.72 -7.63 -6.22
C SER A 37 -8.35 -8.98 -5.63
N GLY A 38 -8.81 -9.24 -4.41
CA GLY A 38 -8.51 -10.49 -3.75
C GLY A 38 -7.28 -10.39 -2.88
N GLU A 39 -6.59 -9.25 -2.95
CA GLU A 39 -5.38 -9.03 -2.15
C GLU A 39 -5.72 -8.45 -0.80
N ASP A 40 -4.86 -8.69 0.16
CA ASP A 40 -5.03 -8.19 1.52
C ASP A 40 -4.91 -6.66 1.55
N CYS A 41 -5.71 -6.02 2.39
CA CYS A 41 -5.67 -4.57 2.51
C CYS A 41 -5.97 -4.14 3.93
N HIS A 42 -5.40 -3.02 4.34
CA HIS A 42 -5.62 -2.50 5.67
C HIS A 42 -6.74 -1.47 5.62
N PRO A 43 -7.77 -1.63 6.46
CA PRO A 43 -8.93 -0.72 6.50
C PRO A 43 -8.53 0.75 6.67
N ALA A 44 -7.55 0.99 7.53
CA ALA A 44 -7.06 2.34 7.79
C ALA A 44 -6.38 2.93 6.55
N SER A 45 -5.73 2.07 5.79
CA SER A 45 -5.04 2.48 4.58
C SER A 45 -6.05 2.81 3.48
N HIS A 46 -5.80 3.87 2.73
CA HIS A 46 -6.71 4.27 1.66
C HIS A 46 -5.93 4.49 0.38
N LYS A 47 -6.64 4.76 -0.71
CA LYS A 47 -6.01 4.99 -2.00
C LYS A 47 -5.04 6.16 -1.96
N VAL A 48 -4.03 6.10 -2.81
CA VAL A 48 -3.01 7.14 -2.91
C VAL A 48 -3.48 8.22 -3.89
N PRO A 49 -3.19 9.51 -3.63
CA PRO A 49 -2.42 9.97 -2.45
C PRO A 49 -3.09 9.68 -1.12
N TYR A 50 -2.29 9.24 -0.17
CA TYR A 50 -2.77 8.91 1.16
C TYR A 50 -1.70 9.26 2.20
N ASP A 51 -2.12 9.76 3.35
CA ASP A 51 -1.19 10.11 4.41
C ASP A 51 -0.67 8.84 5.08
N GLY A 52 0.29 8.21 4.44
CA GLY A 52 0.84 6.98 4.96
C GLY A 52 2.02 7.22 5.89
N LYS A 53 1.98 6.57 7.04
CA LYS A 53 3.04 6.68 8.03
C LYS A 53 3.09 5.39 8.86
N ARG A 54 2.87 4.27 8.19
CA ARG A 54 2.88 2.98 8.86
C ARG A 54 4.02 2.10 8.33
N LEU A 55 4.67 1.38 9.24
CA LEU A 55 5.78 0.51 8.87
C LEU A 55 5.26 -0.90 8.55
N SER A 56 4.22 -0.95 7.72
CA SER A 56 3.61 -2.21 7.32
C SER A 56 4.05 -2.58 5.91
N SER A 57 4.25 -3.87 5.67
CA SER A 57 4.68 -4.35 4.37
C SER A 57 3.49 -4.66 3.47
N LEU A 58 2.53 -3.73 3.40
CA LEU A 58 1.36 -3.93 2.56
C LEU A 58 0.78 -2.60 2.08
N CYS A 59 0.66 -2.46 0.77
CA CYS A 59 0.07 -1.27 0.17
C CYS A 59 -1.45 -1.38 0.15
N PRO A 60 -2.16 -0.25 0.14
CA PRO A 60 -3.64 -0.25 0.11
C PRO A 60 -4.16 -0.74 -1.23
N CYS A 61 -5.46 -0.58 -1.45
CA CYS A 61 -6.08 -1.02 -2.69
C CYS A 61 -5.80 -0.02 -3.81
N LYS A 62 -5.53 -0.54 -5.00
CA LYS A 62 -5.26 0.30 -6.16
C LYS A 62 -6.49 1.14 -6.49
N SER A 63 -6.26 2.28 -7.14
CA SER A 63 -7.33 3.19 -7.50
C SER A 63 -8.45 2.46 -8.24
N GLY A 64 -9.67 2.59 -7.74
CA GLY A 64 -10.80 1.93 -8.34
C GLY A 64 -11.32 0.77 -7.51
N LEU A 65 -10.43 0.13 -6.77
CA LEU A 65 -10.80 -1.00 -5.93
C LEU A 65 -11.24 -0.56 -4.55
N THR A 66 -12.09 -1.37 -3.93
CA THR A 66 -12.58 -1.05 -2.62
C THR A 66 -12.08 -2.04 -1.57
N CYS A 67 -11.51 -1.52 -0.49
CA CYS A 67 -11.02 -2.35 0.60
C CYS A 67 -12.16 -2.68 1.56
N SER A 68 -12.46 -3.96 1.72
CA SER A 68 -13.55 -4.38 2.60
C SER A 68 -13.26 -5.76 3.16
N LYS A 69 -13.89 -6.10 4.27
CA LYS A 69 -13.68 -7.39 4.88
C LYS A 69 -14.20 -8.50 3.97
N SER A 70 -13.27 -9.15 3.29
CA SER A 70 -13.61 -10.20 2.35
C SER A 70 -13.36 -11.57 2.97
N GLY A 71 -13.78 -11.74 4.21
CA GLY A 71 -13.59 -13.01 4.88
C GLY A 71 -13.17 -12.84 6.32
N GLU A 72 -11.90 -13.10 6.58
CA GLU A 72 -11.33 -13.01 7.90
C GLU A 72 -10.88 -11.57 8.18
N LYS A 73 -10.29 -10.95 7.18
CA LYS A 73 -9.81 -9.59 7.29
C LYS A 73 -10.25 -8.79 6.07
N PHE A 74 -9.63 -7.64 5.87
CA PHE A 74 -9.97 -6.78 4.75
C PHE A 74 -9.15 -7.11 3.52
N LYS A 75 -9.82 -7.20 2.39
CA LYS A 75 -9.19 -7.49 1.11
C LYS A 75 -9.77 -6.56 0.06
N CYS A 76 -8.99 -6.31 -0.97
CA CYS A 76 -9.39 -5.41 -2.03
C CYS A 76 -10.40 -6.08 -2.95
N SER A 77 -11.52 -5.41 -3.15
CA SER A 77 -12.57 -5.90 -4.02
C SER A 77 -12.52 -5.12 -5.32
N ALA A 1 22.20 9.16 -6.28
CA ALA A 1 20.89 8.48 -6.35
C ALA A 1 20.91 7.25 -5.46
N VAL A 2 19.76 6.91 -4.89
CA VAL A 2 19.65 5.75 -4.03
C VAL A 2 18.25 5.17 -4.09
N ILE A 3 18.15 3.85 -4.13
CA ILE A 3 16.86 3.18 -4.19
C ILE A 3 16.33 2.94 -2.80
N THR A 4 15.57 3.90 -2.29
CA THR A 4 15.00 3.80 -0.95
C THR A 4 13.67 4.55 -0.85
N GLY A 5 13.51 5.60 -1.63
CA GLY A 5 12.28 6.37 -1.61
C GLY A 5 12.10 7.22 -2.83
N ALA A 6 11.17 6.83 -3.69
CA ALA A 6 10.89 7.55 -4.93
C ALA A 6 9.81 8.60 -4.73
N CYS A 7 9.10 8.53 -3.62
CA CYS A 7 8.02 9.47 -3.35
C CYS A 7 7.87 9.76 -1.87
N ASP A 8 7.50 11.00 -1.56
CA ASP A 8 7.28 11.40 -0.18
C ASP A 8 5.85 11.10 0.22
N LYS A 9 4.93 11.46 -0.66
CA LYS A 9 3.52 11.22 -0.44
C LYS A 9 2.98 10.36 -1.56
N ASP A 10 2.04 9.49 -1.22
CA ASP A 10 1.42 8.57 -2.19
C ASP A 10 0.83 9.34 -3.37
N VAL A 11 0.62 10.62 -3.16
CA VAL A 11 0.09 11.53 -4.17
C VAL A 11 0.92 11.51 -5.46
N GLN A 12 2.19 11.15 -5.33
CA GLN A 12 3.10 11.12 -6.47
C GLN A 12 2.97 9.82 -7.28
N CYS A 13 2.35 8.80 -6.69
CA CYS A 13 2.17 7.52 -7.37
C CYS A 13 0.85 7.50 -8.15
N GLY A 14 0.05 6.46 -7.95
CA GLY A 14 -1.22 6.36 -8.64
C GLY A 14 -1.87 5.01 -8.40
N SER A 15 -3.13 4.88 -8.82
CA SER A 15 -3.88 3.64 -8.65
C SER A 15 -3.11 2.45 -9.19
N GLY A 16 -2.57 1.65 -8.27
CA GLY A 16 -1.79 0.49 -8.65
C GLY A 16 -0.60 0.31 -7.75
N THR A 17 -0.03 1.44 -7.33
CA THR A 17 1.13 1.46 -6.45
C THR A 17 0.98 2.56 -5.41
N CYS A 18 1.44 2.32 -4.18
CA CYS A 18 1.35 3.33 -3.13
C CYS A 18 2.71 3.54 -2.49
N CYS A 19 2.89 4.69 -1.82
CA CYS A 19 4.16 4.97 -1.17
C CYS A 19 4.18 4.37 0.23
N ALA A 20 4.91 3.27 0.36
CA ALA A 20 5.01 2.58 1.63
C ALA A 20 6.26 1.71 1.64
N ALA A 21 6.54 1.11 2.78
CA ALA A 21 7.70 0.25 2.92
C ALA A 21 7.38 -1.15 2.41
N SER A 22 8.31 -1.75 1.69
CA SER A 22 8.10 -3.09 1.15
C SER A 22 8.01 -4.11 2.29
N ALA A 23 7.05 -5.03 2.15
CA ALA A 23 6.80 -6.07 3.16
C ALA A 23 8.00 -7.00 3.38
N TRP A 24 8.87 -7.11 2.37
CA TRP A 24 10.03 -7.98 2.47
C TRP A 24 11.21 -7.27 3.12
N SER A 25 11.35 -5.98 2.85
CA SER A 25 12.43 -5.19 3.42
C SER A 25 12.00 -3.74 3.54
N ARG A 26 12.08 -3.18 4.75
CA ARG A 26 11.69 -1.79 4.97
C ARG A 26 12.73 -0.81 4.45
N ASN A 27 13.43 -1.21 3.40
CA ASN A 27 14.44 -0.38 2.77
C ASN A 27 13.79 0.44 1.66
N ILE A 28 12.85 -0.18 0.98
CA ILE A 28 12.11 0.47 -0.09
C ILE A 28 10.88 1.16 0.46
N ARG A 29 10.76 2.44 0.17
CA ARG A 29 9.63 3.26 0.61
C ARG A 29 9.18 4.13 -0.56
N PHE A 30 8.61 3.52 -1.59
CA PHE A 30 8.15 4.28 -2.74
C PHE A 30 6.93 3.63 -3.38
N CYS A 31 6.66 3.99 -4.65
CA CYS A 31 5.50 3.46 -5.37
C CYS A 31 5.56 1.94 -5.53
N ILE A 32 5.15 1.23 -4.50
CA ILE A 32 5.14 -0.22 -4.52
C ILE A 32 3.72 -0.71 -4.79
N PRO A 33 3.59 -1.89 -5.43
CA PRO A 33 2.29 -2.45 -5.81
C PRO A 33 1.28 -2.55 -4.66
N LEU A 34 0.00 -2.42 -5.02
CA LEU A 34 -1.10 -2.48 -4.05
C LEU A 34 -1.53 -3.91 -3.80
N GLY A 35 -2.27 -4.11 -2.72
CA GLY A 35 -2.74 -5.43 -2.35
C GLY A 35 -3.63 -6.09 -3.40
N ASN A 36 -3.38 -7.38 -3.62
CA ASN A 36 -4.12 -8.18 -4.57
C ASN A 36 -5.35 -8.79 -3.91
N SER A 37 -6.27 -9.30 -4.74
CA SER A 37 -7.47 -9.93 -4.22
C SER A 37 -7.09 -11.16 -3.39
N GLY A 38 -7.70 -11.29 -2.22
CA GLY A 38 -7.40 -12.41 -1.36
C GLY A 38 -6.22 -12.13 -0.44
N GLU A 39 -5.49 -11.05 -0.69
CA GLU A 39 -4.34 -10.71 0.12
C GLU A 39 -4.73 -9.84 1.30
N ASP A 40 -3.86 -9.83 2.31
CA ASP A 40 -4.09 -9.07 3.53
C ASP A 40 -4.10 -7.57 3.28
N CYS A 41 -4.90 -6.87 4.07
CA CYS A 41 -5.00 -5.43 3.97
C CYS A 41 -5.33 -4.86 5.33
N HIS A 42 -4.77 -3.71 5.66
CA HIS A 42 -5.05 -3.10 6.93
C HIS A 42 -6.27 -2.21 6.80
N PRO A 43 -7.29 -2.45 7.64
CA PRO A 43 -8.55 -1.72 7.61
C PRO A 43 -8.39 -0.19 7.61
N ALA A 44 -7.44 0.30 8.39
CA ALA A 44 -7.20 1.74 8.49
C ALA A 44 -6.39 2.31 7.33
N SER A 45 -6.43 1.65 6.18
CA SER A 45 -5.70 2.15 5.02
C SER A 45 -6.58 3.07 4.20
N HIS A 46 -6.11 4.31 4.01
CA HIS A 46 -6.87 5.26 3.22
C HIS A 46 -6.70 4.96 1.74
N LYS A 47 -7.72 5.27 0.96
CA LYS A 47 -7.72 5.03 -0.48
C LYS A 47 -6.52 5.68 -1.16
N VAL A 48 -6.05 5.09 -2.24
CA VAL A 48 -4.92 5.60 -2.99
C VAL A 48 -5.39 6.63 -4.00
N PRO A 49 -4.66 7.74 -4.17
CA PRO A 49 -3.41 8.01 -3.44
C PRO A 49 -3.65 8.37 -1.97
N TYR A 50 -2.84 7.77 -1.10
CA TYR A 50 -2.93 8.01 0.34
C TYR A 50 -2.58 9.46 0.66
N ASP A 51 -3.27 10.02 1.64
CA ASP A 51 -3.08 11.40 2.08
C ASP A 51 -1.78 11.61 2.86
N GLY A 52 -0.68 11.05 2.36
CA GLY A 52 0.59 11.20 3.02
C GLY A 52 1.53 10.07 2.70
N LYS A 53 2.27 9.62 3.70
CA LYS A 53 3.20 8.52 3.52
C LYS A 53 2.85 7.39 4.47
N ARG A 54 2.84 6.17 3.96
CA ARG A 54 2.49 5.02 4.77
C ARG A 54 3.72 4.45 5.47
N LEU A 55 3.65 4.36 6.79
CA LEU A 55 4.75 3.83 7.58
C LEU A 55 4.62 2.31 7.72
N SER A 56 3.50 1.79 7.22
CA SER A 56 3.24 0.37 7.26
C SER A 56 3.84 -0.29 6.03
N SER A 57 4.31 -1.51 6.17
CA SER A 57 4.92 -2.24 5.07
C SER A 57 3.87 -2.99 4.25
N LEU A 58 2.74 -2.34 3.99
CA LEU A 58 1.67 -2.95 3.22
C LEU A 58 0.81 -1.89 2.53
N CYS A 59 0.73 -1.98 1.21
CA CYS A 59 -0.10 -1.07 0.42
C CYS A 59 -1.55 -1.53 0.48
N PRO A 60 -2.52 -0.61 0.42
CA PRO A 60 -3.94 -0.98 0.47
C PRO A 60 -4.35 -1.73 -0.80
N CYS A 61 -5.57 -2.23 -0.81
CA CYS A 61 -6.09 -2.97 -1.96
C CYS A 61 -6.07 -2.11 -3.22
N LYS A 62 -5.80 -2.73 -4.36
CA LYS A 62 -5.77 -2.02 -5.64
C LYS A 62 -7.10 -1.33 -5.87
N SER A 63 -7.04 -0.14 -6.47
CA SER A 63 -8.24 0.64 -6.74
C SER A 63 -9.29 -0.21 -7.46
N GLY A 64 -10.36 -0.51 -6.75
CA GLY A 64 -11.41 -1.35 -7.29
C GLY A 64 -11.75 -2.47 -6.33
N LEU A 65 -10.75 -2.89 -5.57
CA LEU A 65 -10.90 -3.94 -4.59
C LEU A 65 -11.33 -3.38 -3.25
N THR A 66 -12.11 -4.14 -2.51
CA THR A 66 -12.58 -3.70 -1.23
C THR A 66 -11.94 -4.49 -0.09
N CYS A 67 -11.35 -3.78 0.86
CA CYS A 67 -10.73 -4.42 2.01
C CYS A 67 -11.81 -4.82 2.99
N SER A 68 -11.97 -6.12 3.21
CA SER A 68 -13.00 -6.61 4.12
C SER A 68 -12.43 -7.66 5.05
N LYS A 69 -13.10 -7.86 6.16
CA LYS A 69 -12.65 -8.84 7.14
C LYS A 69 -12.87 -10.26 6.64
N SER A 70 -11.77 -10.95 6.37
CA SER A 70 -11.81 -12.33 5.92
C SER A 70 -11.73 -13.25 7.13
N GLY A 71 -12.68 -13.06 8.04
CA GLY A 71 -12.71 -13.86 9.25
C GLY A 71 -11.93 -13.21 10.37
N GLU A 72 -10.66 -13.58 10.50
CA GLU A 72 -9.80 -13.03 11.55
C GLU A 72 -9.08 -11.77 11.08
N LYS A 73 -8.51 -11.84 9.89
CA LYS A 73 -7.77 -10.70 9.32
C LYS A 73 -8.57 -10.05 8.20
N PHE A 74 -8.13 -8.87 7.79
CA PHE A 74 -8.79 -8.15 6.71
C PHE A 74 -8.05 -8.44 5.41
N LYS A 75 -8.79 -8.78 4.37
CA LYS A 75 -8.20 -9.08 3.08
C LYS A 75 -9.01 -8.48 1.95
N CYS A 76 -8.33 -8.22 0.85
CA CYS A 76 -8.94 -7.63 -0.33
C CYS A 76 -9.95 -8.56 -0.96
N SER A 77 -11.12 -8.04 -1.28
CA SER A 77 -12.19 -8.80 -1.90
C SER A 77 -13.05 -7.88 -2.74
N ALA A 1 22.74 0.14 -7.48
CA ALA A 1 23.10 0.52 -6.09
C ALA A 1 22.32 -0.34 -5.11
N VAL A 2 22.06 0.20 -3.92
CA VAL A 2 21.30 -0.53 -2.92
C VAL A 2 19.81 -0.26 -3.08
N ILE A 3 19.02 -1.32 -2.99
CA ILE A 3 17.58 -1.20 -3.14
C ILE A 3 16.92 -1.11 -1.76
N THR A 4 16.23 -0.01 -1.51
CA THR A 4 15.55 0.19 -0.24
C THR A 4 14.31 1.07 -0.44
N GLY A 5 13.76 1.03 -1.64
CA GLY A 5 12.57 1.80 -1.94
C GLY A 5 12.81 2.82 -3.03
N ALA A 6 11.92 2.82 -4.02
CA ALA A 6 12.01 3.74 -5.15
C ALA A 6 11.26 5.04 -4.88
N CYS A 7 10.48 5.05 -3.81
CA CYS A 7 9.69 6.22 -3.47
C CYS A 7 9.47 6.33 -1.97
N ASP A 8 9.32 7.56 -1.49
CA ASP A 8 9.09 7.79 -0.07
C ASP A 8 7.61 7.99 0.19
N LYS A 9 6.98 8.81 -0.65
CA LYS A 9 5.55 9.07 -0.53
C LYS A 9 4.81 8.52 -1.75
N ASP A 10 3.59 8.04 -1.52
CA ASP A 10 2.75 7.48 -2.59
C ASP A 10 2.52 8.49 -3.70
N VAL A 11 2.58 9.78 -3.34
CA VAL A 11 2.39 10.86 -4.29
C VAL A 11 3.39 10.78 -5.44
N GLN A 12 4.55 10.20 -5.15
CA GLN A 12 5.61 10.04 -6.15
C GLN A 12 5.23 8.99 -7.19
N CYS A 13 4.38 8.05 -6.81
CA CYS A 13 3.93 7.00 -7.71
C CYS A 13 2.66 7.42 -8.45
N GLY A 14 1.60 6.63 -8.31
CA GLY A 14 0.34 6.92 -8.96
C GLY A 14 -0.75 6.02 -8.45
N SER A 15 -2.00 6.45 -8.59
CA SER A 15 -3.15 5.67 -8.13
C SER A 15 -3.13 4.27 -8.74
N GLY A 16 -2.69 3.30 -7.96
CA GLY A 16 -2.60 1.94 -8.42
C GLY A 16 -1.47 1.21 -7.73
N THR A 17 -0.47 1.98 -7.34
CA THR A 17 0.71 1.46 -6.65
C THR A 17 1.06 2.36 -5.46
N CYS A 18 1.44 1.77 -4.34
CA CYS A 18 1.79 2.54 -3.15
C CYS A 18 3.20 2.17 -2.71
N CYS A 19 3.84 3.04 -1.94
CA CYS A 19 5.20 2.80 -1.46
C CYS A 19 5.22 2.02 -0.15
N ALA A 20 4.51 0.90 -0.14
CA ALA A 20 4.45 0.06 1.05
C ALA A 20 5.69 -0.81 1.16
N ALA A 21 5.93 -1.32 2.36
CA ALA A 21 7.07 -2.18 2.61
C ALA A 21 6.71 -3.64 2.40
N SER A 22 7.63 -4.42 1.88
CA SER A 22 7.36 -5.84 1.66
C SER A 22 7.12 -6.56 2.99
N ALA A 23 6.10 -7.39 3.02
CA ALA A 23 5.71 -8.13 4.23
C ALA A 23 6.78 -9.13 4.69
N TRP A 24 7.63 -9.56 3.78
CA TRP A 24 8.66 -10.54 4.12
C TRP A 24 9.95 -9.90 4.63
N SER A 25 10.32 -8.76 4.06
CA SER A 25 11.53 -8.06 4.47
C SER A 25 11.39 -6.57 4.22
N ARG A 26 12.08 -5.74 4.99
CA ARG A 26 12.01 -4.30 4.82
C ARG A 26 12.93 -3.82 3.68
N ASN A 27 12.95 -4.57 2.58
CA ASN A 27 13.78 -4.22 1.44
C ASN A 27 12.97 -3.47 0.38
N ILE A 28 11.73 -3.90 0.17
CA ILE A 28 10.86 -3.26 -0.80
C ILE A 28 10.09 -2.12 -0.15
N ARG A 29 10.21 -0.95 -0.75
CA ARG A 29 9.55 0.25 -0.28
C ARG A 29 9.28 1.16 -1.47
N PHE A 30 8.87 0.57 -2.58
CA PHE A 30 8.60 1.34 -3.79
C PHE A 30 7.18 1.17 -4.26
N CYS A 31 6.91 1.73 -5.44
CA CYS A 31 5.57 1.68 -6.04
C CYS A 31 5.10 0.25 -6.31
N ILE A 32 4.57 -0.41 -5.29
CA ILE A 32 4.05 -1.76 -5.45
C ILE A 32 2.54 -1.72 -5.64
N PRO A 33 1.98 -2.65 -6.42
CA PRO A 33 0.54 -2.69 -6.73
C PRO A 33 -0.38 -2.75 -5.50
N LEU A 34 -1.59 -2.23 -5.69
CA LEU A 34 -2.60 -2.19 -4.63
C LEU A 34 -3.42 -3.47 -4.60
N GLY A 35 -4.14 -3.65 -3.49
CA GLY A 35 -4.96 -4.83 -3.29
C GLY A 35 -6.26 -4.83 -4.08
N ASN A 36 -6.77 -6.04 -4.34
CA ASN A 36 -8.01 -6.20 -5.09
C ASN A 36 -9.14 -6.67 -4.18
N SER A 37 -10.34 -6.65 -4.72
CA SER A 37 -11.53 -7.06 -3.98
C SER A 37 -11.38 -8.47 -3.41
N GLY A 38 -11.50 -8.58 -2.09
CA GLY A 38 -11.38 -9.87 -1.45
C GLY A 38 -10.13 -9.99 -0.61
N GLU A 39 -9.11 -9.20 -0.92
CA GLU A 39 -7.86 -9.27 -0.16
C GLU A 39 -7.79 -8.14 0.86
N ASP A 40 -7.05 -8.37 1.94
CA ASP A 40 -6.89 -7.40 3.02
C ASP A 40 -6.30 -6.08 2.53
N CYS A 41 -6.66 -5.01 3.22
CA CYS A 41 -6.20 -3.68 2.88
C CYS A 41 -6.09 -2.82 4.11
N HIS A 42 -5.24 -1.82 4.05
CA HIS A 42 -5.10 -0.89 5.17
C HIS A 42 -6.05 0.27 4.94
N PRO A 43 -6.87 0.59 5.96
CA PRO A 43 -7.89 1.65 5.88
C PRO A 43 -7.41 2.92 5.18
N ALA A 44 -6.38 3.54 5.72
CA ALA A 44 -5.84 4.77 5.15
C ALA A 44 -4.41 4.98 5.58
N SER A 45 -3.73 3.87 5.88
CA SER A 45 -2.34 3.94 6.31
C SER A 45 -1.39 4.05 5.13
N HIS A 46 -1.95 4.13 3.94
CA HIS A 46 -1.16 4.26 2.72
C HIS A 46 -2.07 4.37 1.51
N LYS A 47 -3.19 5.06 1.67
CA LYS A 47 -4.12 5.26 0.56
C LYS A 47 -3.46 6.17 -0.47
N VAL A 48 -3.59 5.84 -1.74
CA VAL A 48 -2.95 6.65 -2.76
C VAL A 48 -3.86 7.79 -3.19
N PRO A 49 -3.34 9.04 -3.17
CA PRO A 49 -1.96 9.33 -2.79
C PRO A 49 -1.82 9.64 -1.30
N TYR A 50 -0.84 9.00 -0.65
CA TYR A 50 -0.60 9.20 0.77
C TYR A 50 0.69 9.96 0.98
N ASP A 51 0.60 11.13 1.61
CA ASP A 51 1.76 11.94 1.90
C ASP A 51 2.41 11.45 3.19
N GLY A 52 2.89 10.22 3.14
CA GLY A 52 3.50 9.63 4.31
C GLY A 52 4.18 8.32 3.98
N LYS A 53 5.31 8.09 4.62
CA LYS A 53 6.09 6.88 4.41
C LYS A 53 5.85 5.90 5.55
N ARG A 54 4.58 5.64 5.81
CA ARG A 54 4.17 4.72 6.86
C ARG A 54 4.79 3.34 6.63
N LEU A 55 5.25 2.71 7.70
CA LEU A 55 5.88 1.41 7.60
C LEU A 55 4.83 0.31 7.60
N SER A 56 3.98 0.35 6.59
CA SER A 56 2.93 -0.63 6.42
C SER A 56 3.34 -1.63 5.35
N SER A 57 3.24 -2.91 5.66
CA SER A 57 3.62 -3.95 4.72
C SER A 57 2.44 -4.35 3.83
N LEU A 58 1.53 -3.42 3.59
CA LEU A 58 0.36 -3.70 2.77
C LEU A 58 -0.18 -2.43 2.12
N CYS A 59 -0.37 -2.47 0.80
CA CYS A 59 -0.92 -1.34 0.06
C CYS A 59 -2.43 -1.29 0.25
N PRO A 60 -3.08 -0.15 -0.09
CA PRO A 60 -4.53 -0.01 0.02
C PRO A 60 -5.25 -0.70 -1.13
N CYS A 61 -6.48 -0.28 -1.39
CA CYS A 61 -7.26 -0.84 -2.48
C CYS A 61 -6.99 -0.14 -3.79
N LYS A 62 -7.02 -0.90 -4.87
CA LYS A 62 -6.79 -0.36 -6.21
C LYS A 62 -7.78 0.76 -6.51
N SER A 63 -7.39 1.68 -7.38
CA SER A 63 -8.23 2.81 -7.74
C SER A 63 -9.65 2.35 -8.11
N GLY A 64 -10.63 2.87 -7.39
CA GLY A 64 -12.01 2.50 -7.65
C GLY A 64 -12.56 1.54 -6.61
N LEU A 65 -11.66 0.82 -5.95
CA LEU A 65 -12.06 -0.14 -4.93
C LEU A 65 -12.15 0.51 -3.56
N THR A 66 -12.99 -0.04 -2.71
CA THR A 66 -13.16 0.52 -1.38
C THR A 66 -12.70 -0.46 -0.30
N CYS A 67 -11.87 0.03 0.62
CA CYS A 67 -11.38 -0.78 1.72
C CYS A 67 -12.44 -0.80 2.83
N SER A 68 -12.98 -1.97 3.11
CA SER A 68 -14.02 -2.09 4.13
C SER A 68 -13.72 -3.25 5.07
N LYS A 69 -14.09 -3.09 6.34
CA LYS A 69 -13.84 -4.15 7.32
C LYS A 69 -14.73 -5.35 7.05
N SER A 70 -14.12 -6.40 6.57
CA SER A 70 -14.84 -7.64 6.29
C SER A 70 -14.70 -8.56 7.50
N GLY A 71 -15.47 -8.25 8.53
CA GLY A 71 -15.42 -9.04 9.74
C GLY A 71 -14.45 -8.47 10.75
N GLU A 72 -13.29 -9.06 10.84
CA GLU A 72 -12.25 -8.64 11.77
C GLU A 72 -11.35 -7.57 11.14
N LYS A 73 -10.74 -7.90 10.02
CA LYS A 73 -9.83 -6.98 9.34
C LYS A 73 -10.48 -6.31 8.13
N PHE A 74 -9.79 -5.35 7.57
CA PHE A 74 -10.26 -4.62 6.40
C PHE A 74 -9.82 -5.32 5.12
N LYS A 75 -10.77 -5.51 4.21
CA LYS A 75 -10.49 -6.15 2.93
C LYS A 75 -11.07 -5.29 1.81
N CYS A 76 -10.45 -5.34 0.67
CA CYS A 76 -10.88 -4.57 -0.48
C CYS A 76 -12.19 -5.08 -1.04
N SER A 77 -13.00 -4.16 -1.53
CA SER A 77 -14.28 -4.49 -2.11
C SER A 77 -14.47 -3.65 -3.36
N ALA A 1 22.04 0.08 -9.46
CA ALA A 1 21.49 1.08 -8.52
C ALA A 1 21.05 0.39 -7.25
N VAL A 2 21.14 1.08 -6.12
CA VAL A 2 20.75 0.51 -4.85
C VAL A 2 19.26 0.77 -4.58
N ILE A 3 18.55 -0.27 -4.19
CA ILE A 3 17.13 -0.15 -3.90
C ILE A 3 16.91 0.11 -2.43
N THR A 4 16.23 1.20 -2.11
CA THR A 4 15.97 1.56 -0.73
C THR A 4 14.66 2.35 -0.59
N GLY A 5 14.42 3.29 -1.49
CA GLY A 5 13.21 4.08 -1.42
C GLY A 5 13.18 5.17 -2.47
N ALA A 6 12.15 5.13 -3.30
CA ALA A 6 11.99 6.11 -4.37
C ALA A 6 11.14 7.30 -3.92
N CYS A 7 10.45 7.15 -2.80
CA CYS A 7 9.58 8.21 -2.30
C CYS A 7 9.47 8.16 -0.78
N ASP A 8 8.92 9.24 -0.21
CA ASP A 8 8.73 9.32 1.22
C ASP A 8 7.25 9.43 1.55
N LYS A 9 6.54 10.26 0.79
CA LYS A 9 5.11 10.46 0.98
C LYS A 9 4.31 9.74 -0.09
N ASP A 10 3.22 9.09 0.31
CA ASP A 10 2.34 8.38 -0.62
C ASP A 10 1.84 9.34 -1.69
N VAL A 11 1.74 10.60 -1.31
CA VAL A 11 1.29 11.67 -2.18
C VAL A 11 2.14 11.76 -3.45
N GLN A 12 3.41 11.38 -3.33
CA GLN A 12 4.35 11.42 -4.45
C GLN A 12 3.99 10.36 -5.51
N CYS A 13 3.28 9.33 -5.09
CA CYS A 13 2.88 8.26 -5.99
C CYS A 13 1.53 8.59 -6.64
N GLY A 14 0.56 7.69 -6.53
CA GLY A 14 -0.75 7.93 -7.11
C GLY A 14 -1.74 6.84 -6.76
N SER A 15 -2.96 6.95 -7.29
CA SER A 15 -4.02 5.98 -7.05
C SER A 15 -3.70 4.64 -7.70
N GLY A 16 -2.66 3.99 -7.20
CA GLY A 16 -2.23 2.71 -7.71
C GLY A 16 -0.98 2.23 -7.01
N THR A 17 -0.22 3.17 -6.46
CA THR A 17 1.02 2.85 -5.76
C THR A 17 1.16 3.70 -4.50
N CYS A 18 1.79 3.15 -3.46
CA CYS A 18 2.00 3.87 -2.21
C CYS A 18 3.42 3.63 -1.74
N CYS A 19 3.94 4.49 -0.86
CA CYS A 19 5.32 4.35 -0.37
C CYS A 19 5.41 3.44 0.84
N ALA A 20 4.83 2.25 0.71
CA ALA A 20 4.86 1.27 1.78
C ALA A 20 6.12 0.43 1.71
N ALA A 21 6.40 -0.26 2.80
CA ALA A 21 7.57 -1.13 2.89
C ALA A 21 7.23 -2.50 2.33
N SER A 22 8.20 -3.14 1.68
CA SER A 22 7.97 -4.47 1.12
C SER A 22 7.72 -5.50 2.22
N ALA A 23 6.70 -6.32 2.01
CA ALA A 23 6.30 -7.35 2.98
C ALA A 23 7.36 -8.43 3.15
N TRP A 24 8.24 -8.58 2.17
CA TRP A 24 9.27 -9.61 2.23
C TRP A 24 10.53 -9.12 2.95
N SER A 25 10.87 -7.85 2.78
CA SER A 25 12.05 -7.31 3.43
C SER A 25 11.88 -5.81 3.68
N ARG A 26 12.40 -5.31 4.80
CA ARG A 26 12.29 -3.89 5.12
C ARG A 26 13.29 -3.05 4.32
N ASN A 27 13.57 -3.47 3.10
CA ASN A 27 14.52 -2.78 2.24
C ASN A 27 13.83 -1.85 1.25
N ILE A 28 12.71 -2.29 0.69
CA ILE A 28 11.97 -1.48 -0.27
C ILE A 28 10.97 -0.58 0.43
N ARG A 29 11.05 0.70 0.12
CA ARG A 29 10.16 1.72 0.69
C ARG A 29 9.86 2.75 -0.39
N PHE A 30 9.11 2.35 -1.41
CA PHE A 30 8.77 3.27 -2.48
C PHE A 30 7.39 3.01 -3.03
N CYS A 31 7.08 3.67 -4.15
CA CYS A 31 5.77 3.54 -4.81
C CYS A 31 5.47 2.12 -5.27
N ILE A 32 5.12 1.25 -4.34
CA ILE A 32 4.78 -0.12 -4.66
C ILE A 32 3.27 -0.19 -4.93
N PRO A 33 2.83 -1.16 -5.75
CA PRO A 33 1.43 -1.31 -6.13
C PRO A 33 0.45 -1.46 -4.95
N LEU A 34 -0.78 -1.02 -5.19
CA LEU A 34 -1.85 -1.06 -4.20
C LEU A 34 -2.57 -2.41 -4.25
N GLY A 35 -3.44 -2.63 -3.27
CA GLY A 35 -4.19 -3.86 -3.18
C GLY A 35 -5.25 -3.99 -4.26
N ASN A 36 -5.28 -5.18 -4.88
CA ASN A 36 -6.23 -5.49 -5.94
C ASN A 36 -7.50 -6.09 -5.35
N SER A 37 -8.54 -6.19 -6.17
CA SER A 37 -9.81 -6.75 -5.73
C SER A 37 -9.64 -8.18 -5.25
N GLY A 38 -10.12 -8.48 -4.06
CA GLY A 38 -10.01 -9.81 -3.51
C GLY A 38 -8.69 -10.05 -2.79
N GLU A 39 -7.79 -9.09 -2.84
CA GLU A 39 -6.50 -9.25 -2.17
C GLU A 39 -6.48 -8.55 -0.83
N ASP A 40 -5.51 -8.93 -0.01
CA ASP A 40 -5.38 -8.38 1.34
C ASP A 40 -5.09 -6.88 1.35
N CYS A 41 -5.52 -6.26 2.43
CA CYS A 41 -5.35 -4.84 2.63
C CYS A 41 -5.28 -4.54 4.12
N HIS A 42 -4.45 -3.59 4.50
CA HIS A 42 -4.35 -3.24 5.90
C HIS A 42 -5.38 -2.15 6.18
N PRO A 43 -6.29 -2.40 7.13
CA PRO A 43 -7.38 -1.49 7.49
C PRO A 43 -6.92 -0.04 7.73
N ALA A 44 -5.77 0.10 8.38
CA ALA A 44 -5.21 1.42 8.69
C ALA A 44 -4.79 2.17 7.42
N SER A 45 -4.42 1.43 6.39
CA SER A 45 -4.01 2.04 5.13
C SER A 45 -5.22 2.60 4.38
N HIS A 46 -5.08 3.80 3.82
CA HIS A 46 -6.16 4.43 3.09
C HIS A 46 -5.71 4.75 1.66
N LYS A 47 -6.64 4.66 0.72
CA LYS A 47 -6.37 4.88 -0.71
C LYS A 47 -5.54 6.15 -0.95
N VAL A 48 -4.68 6.05 -1.95
CA VAL A 48 -3.80 7.16 -2.36
C VAL A 48 -4.54 8.02 -3.39
N PRO A 49 -4.37 9.36 -3.38
CA PRO A 49 -3.48 10.07 -2.44
C PRO A 49 -3.84 9.89 -0.98
N TYR A 50 -2.83 9.58 -0.19
CA TYR A 50 -2.97 9.38 1.24
C TYR A 50 -2.17 10.44 1.97
N ASP A 51 -2.73 10.99 3.04
CA ASP A 51 -2.05 12.01 3.81
C ASP A 51 -0.88 11.38 4.56
N GLY A 52 0.33 11.70 4.13
CA GLY A 52 1.50 11.13 4.74
C GLY A 52 2.01 9.95 3.93
N LYS A 53 2.34 8.86 4.61
CA LYS A 53 2.79 7.66 3.95
C LYS A 53 2.45 6.44 4.77
N ARG A 54 2.27 5.32 4.12
CA ARG A 54 1.93 4.10 4.82
C ARG A 54 3.16 3.37 5.35
N LEU A 55 3.36 3.43 6.66
CA LEU A 55 4.47 2.76 7.31
C LEU A 55 4.06 1.33 7.65
N SER A 56 3.74 0.59 6.60
CA SER A 56 3.31 -0.79 6.74
C SER A 56 3.84 -1.58 5.56
N SER A 57 3.85 -2.89 5.67
CA SER A 57 4.37 -3.74 4.61
C SER A 57 3.30 -4.09 3.57
N LEU A 58 2.25 -3.28 3.50
CA LEU A 58 1.19 -3.51 2.53
C LEU A 58 0.47 -2.21 2.17
N CYS A 59 0.36 -1.95 0.88
CA CYS A 59 -0.34 -0.76 0.39
C CYS A 59 -1.84 -0.94 0.52
N PRO A 60 -2.61 0.16 0.63
CA PRO A 60 -4.07 0.10 0.75
C PRO A 60 -4.73 -0.35 -0.55
N CYS A 61 -6.05 -0.48 -0.54
CA CYS A 61 -6.78 -0.88 -1.72
C CYS A 61 -6.76 0.23 -2.76
N LYS A 62 -6.66 -0.13 -4.03
CA LYS A 62 -6.66 0.86 -5.10
C LYS A 62 -7.96 1.67 -5.06
N SER A 63 -7.89 2.94 -5.42
CA SER A 63 -9.06 3.82 -5.41
C SER A 63 -10.27 3.14 -6.05
N GLY A 64 -11.38 3.17 -5.32
CA GLY A 64 -12.60 2.53 -5.80
C GLY A 64 -12.90 1.26 -5.02
N LEU A 65 -11.86 0.62 -4.51
CA LEU A 65 -12.01 -0.60 -3.73
C LEU A 65 -12.17 -0.31 -2.26
N THR A 66 -12.96 -1.13 -1.59
CA THR A 66 -13.19 -0.96 -0.17
C THR A 66 -12.52 -2.08 0.62
N CYS A 67 -11.69 -1.69 1.59
CA CYS A 67 -11.00 -2.66 2.43
C CYS A 67 -11.96 -3.15 3.52
N SER A 68 -12.12 -4.47 3.63
CA SER A 68 -13.02 -5.02 4.62
C SER A 68 -12.55 -6.38 5.11
N LYS A 69 -12.86 -6.71 6.35
CA LYS A 69 -12.45 -7.98 6.93
C LYS A 69 -13.15 -9.14 6.26
N SER A 70 -12.42 -9.85 5.42
CA SER A 70 -12.92 -11.00 4.71
C SER A 70 -12.71 -12.27 5.54
N GLY A 71 -13.63 -12.52 6.46
CA GLY A 71 -13.52 -13.67 7.31
C GLY A 71 -12.68 -13.41 8.55
N GLU A 72 -11.41 -13.13 8.34
CA GLU A 72 -10.51 -12.84 9.44
C GLU A 72 -9.55 -11.72 9.05
N LYS A 73 -8.97 -11.83 7.87
CA LYS A 73 -8.06 -10.80 7.39
C LYS A 73 -8.82 -9.82 6.53
N PHE A 74 -8.29 -8.63 6.39
CA PHE A 74 -8.93 -7.60 5.60
C PHE A 74 -8.50 -7.70 4.14
N LYS A 75 -9.47 -7.71 3.24
CA LYS A 75 -9.21 -7.78 1.81
C LYS A 75 -10.06 -6.76 1.06
N CYS A 76 -9.58 -6.38 -0.10
CA CYS A 76 -10.24 -5.40 -0.94
C CYS A 76 -11.48 -6.00 -1.61
N SER A 77 -12.55 -5.24 -1.64
CA SER A 77 -13.80 -5.67 -2.25
C SER A 77 -14.52 -4.46 -2.83
N ALA A 1 23.11 -1.88 -5.67
CA ALA A 1 22.81 -0.57 -5.06
C ALA A 1 21.92 -0.77 -3.83
N VAL A 2 22.04 0.11 -2.85
CA VAL A 2 21.24 0.01 -1.64
C VAL A 2 19.93 0.77 -1.81
N ILE A 3 18.84 0.17 -1.36
CA ILE A 3 17.54 0.79 -1.48
C ILE A 3 17.16 1.49 -0.17
N THR A 4 16.95 2.79 -0.26
CA THR A 4 16.60 3.58 0.91
C THR A 4 15.25 4.26 0.71
N GLY A 5 14.39 3.62 -0.07
CA GLY A 5 13.07 4.17 -0.34
C GLY A 5 13.12 5.27 -1.38
N ALA A 6 12.36 5.09 -2.45
CA ALA A 6 12.31 6.07 -3.53
C ALA A 6 11.34 7.20 -3.22
N CYS A 7 10.61 7.07 -2.12
CA CYS A 7 9.65 8.09 -1.74
C CYS A 7 9.48 8.16 -0.22
N ASP A 8 9.23 9.37 0.27
CA ASP A 8 9.02 9.58 1.70
C ASP A 8 7.52 9.58 1.99
N LYS A 9 6.81 10.46 1.30
CA LYS A 9 5.36 10.56 1.44
C LYS A 9 4.69 9.73 0.37
N ASP A 10 3.59 9.07 0.74
CA ASP A 10 2.85 8.23 -0.20
C ASP A 10 2.40 9.07 -1.39
N VAL A 11 2.15 10.35 -1.11
CA VAL A 11 1.71 11.33 -2.10
C VAL A 11 2.68 11.42 -3.28
N GLN A 12 3.95 11.10 -3.03
CA GLN A 12 4.98 11.13 -4.07
C GLN A 12 4.74 10.06 -5.14
N CYS A 13 4.05 8.99 -4.76
CA CYS A 13 3.76 7.92 -5.70
C CYS A 13 2.44 8.16 -6.42
N GLY A 14 2.44 7.88 -7.72
CA GLY A 14 1.25 8.06 -8.52
C GLY A 14 0.19 7.03 -8.18
N SER A 15 -1.06 7.41 -8.36
CA SER A 15 -2.19 6.52 -8.07
C SER A 15 -2.01 5.17 -8.74
N GLY A 16 -1.83 4.14 -7.92
CA GLY A 16 -1.61 2.81 -8.43
C GLY A 16 -0.47 2.15 -7.68
N THR A 17 0.43 2.98 -7.19
CA THR A 17 1.58 2.54 -6.42
C THR A 17 1.67 3.32 -5.11
N CYS A 18 2.11 2.68 -4.04
CA CYS A 18 2.21 3.34 -2.74
C CYS A 18 3.60 3.13 -2.15
N CYS A 19 3.93 3.90 -1.12
CA CYS A 19 5.25 3.81 -0.48
C CYS A 19 5.26 2.76 0.63
N ALA A 20 4.83 1.56 0.32
CA ALA A 20 4.80 0.47 1.29
C ALA A 20 6.12 -0.30 1.30
N ALA A 21 6.38 -0.95 2.42
CA ALA A 21 7.58 -1.75 2.56
C ALA A 21 7.30 -3.18 2.12
N SER A 22 8.27 -3.85 1.53
CA SER A 22 8.07 -5.22 1.08
C SER A 22 7.85 -6.16 2.27
N ALA A 23 6.77 -6.93 2.20
CA ALA A 23 6.39 -7.86 3.26
C ALA A 23 7.38 -9.01 3.43
N TRP A 24 8.18 -9.28 2.40
CA TRP A 24 9.14 -10.37 2.47
C TRP A 24 10.46 -9.93 3.09
N SER A 25 10.87 -8.70 2.82
CA SER A 25 12.10 -8.16 3.36
C SER A 25 11.99 -6.65 3.48
N ARG A 26 12.48 -6.09 4.57
CA ARG A 26 12.41 -4.65 4.79
C ARG A 26 13.46 -3.91 3.95
N ASN A 27 13.54 -4.24 2.67
CA ASN A 27 14.49 -3.60 1.77
C ASN A 27 13.78 -2.59 0.86
N ILE A 28 12.60 -2.96 0.39
CA ILE A 28 11.82 -2.08 -0.47
C ILE A 28 10.91 -1.20 0.37
N ARG A 29 10.93 0.10 0.09
CA ARG A 29 10.10 1.06 0.79
C ARG A 29 9.83 2.21 -0.16
N PHE A 30 9.34 1.89 -1.34
CA PHE A 30 9.06 2.91 -2.34
C PHE A 30 7.78 2.61 -3.10
N CYS A 31 7.57 3.35 -4.18
CA CYS A 31 6.37 3.20 -5.01
C CYS A 31 6.21 1.77 -5.54
N ILE A 32 5.37 1.00 -4.88
CA ILE A 32 5.09 -0.36 -5.29
C ILE A 32 3.59 -0.50 -5.58
N PRO A 33 3.22 -1.40 -6.50
CA PRO A 33 1.82 -1.59 -6.92
C PRO A 33 0.85 -1.92 -5.78
N LEU A 34 -0.39 -1.46 -5.95
CA LEU A 34 -1.47 -1.67 -4.99
C LEU A 34 -2.22 -2.97 -5.27
N GLY A 35 -2.99 -3.41 -4.28
CA GLY A 35 -3.76 -4.63 -4.40
C GLY A 35 -5.08 -4.44 -5.12
N ASN A 36 -5.52 -5.49 -5.81
CA ASN A 36 -6.78 -5.46 -6.55
C ASN A 36 -7.87 -6.22 -5.80
N SER A 37 -8.99 -6.47 -6.49
CA SER A 37 -10.11 -7.18 -5.90
C SER A 37 -9.69 -8.58 -5.49
N GLY A 38 -10.01 -8.94 -4.25
CA GLY A 38 -9.67 -10.25 -3.73
C GLY A 38 -8.34 -10.24 -3.00
N GLU A 39 -7.59 -9.16 -3.14
CA GLU A 39 -6.29 -9.04 -2.50
C GLU A 39 -6.42 -8.40 -1.12
N ASP A 40 -5.58 -8.89 -0.21
CA ASP A 40 -5.55 -8.40 1.17
C ASP A 40 -5.17 -6.92 1.24
N CYS A 41 -5.74 -6.20 2.18
CA CYS A 41 -5.44 -4.80 2.36
C CYS A 41 -5.23 -4.52 3.84
N HIS A 42 -4.94 -3.27 4.17
CA HIS A 42 -4.76 -2.89 5.55
C HIS A 42 -5.83 -1.88 5.94
N PRO A 43 -6.64 -2.18 6.97
CA PRO A 43 -7.71 -1.29 7.43
C PRO A 43 -7.20 0.09 7.83
N ALA A 44 -6.00 0.14 8.39
CA ALA A 44 -5.38 1.38 8.82
C ALA A 44 -4.94 2.23 7.64
N SER A 45 -4.66 1.58 6.52
CA SER A 45 -4.24 2.27 5.32
C SER A 45 -5.43 2.89 4.60
N HIS A 46 -5.32 4.17 4.27
CA HIS A 46 -6.39 4.87 3.59
C HIS A 46 -6.25 4.70 2.08
N LYS A 47 -6.74 5.66 1.31
CA LYS A 47 -6.64 5.61 -0.13
C LYS A 47 -5.33 6.25 -0.57
N VAL A 48 -4.76 5.73 -1.64
CA VAL A 48 -3.50 6.25 -2.17
C VAL A 48 -3.77 7.36 -3.18
N PRO A 49 -3.01 8.48 -3.12
CA PRO A 49 -1.91 8.67 -2.14
C PRO A 49 -2.40 8.82 -0.72
N TYR A 50 -1.82 8.02 0.17
CA TYR A 50 -2.17 8.03 1.58
C TYR A 50 -1.79 9.37 2.23
N ASP A 51 -2.60 9.80 3.19
CA ASP A 51 -2.39 11.04 3.93
C ASP A 51 -1.22 10.94 4.92
N GLY A 52 -0.08 10.46 4.44
CA GLY A 52 1.09 10.33 5.29
C GLY A 52 2.10 9.36 4.71
N LYS A 53 2.76 8.61 5.58
CA LYS A 53 3.76 7.64 5.15
C LYS A 53 3.84 6.45 6.12
N ARG A 54 2.72 5.76 6.29
CA ARG A 54 2.68 4.60 7.18
C ARG A 54 3.67 3.53 6.74
N LEU A 55 4.32 2.90 7.71
CA LEU A 55 5.30 1.87 7.43
C LEU A 55 4.62 0.51 7.31
N SER A 56 3.67 0.43 6.39
CA SER A 56 2.94 -0.80 6.16
C SER A 56 3.66 -1.65 5.12
N SER A 57 3.65 -2.96 5.34
CA SER A 57 4.32 -3.89 4.43
C SER A 57 3.39 -4.34 3.31
N LEU A 58 2.31 -3.61 3.09
CA LEU A 58 1.35 -3.94 2.05
C LEU A 58 0.61 -2.70 1.58
N CYS A 59 0.58 -2.48 0.27
CA CYS A 59 -0.13 -1.35 -0.31
C CYS A 59 -1.63 -1.57 -0.22
N PRO A 60 -2.44 -0.50 -0.09
CA PRO A 60 -3.89 -0.61 -0.01
C PRO A 60 -4.51 -1.00 -1.36
N CYS A 61 -5.79 -0.73 -1.51
CA CYS A 61 -6.50 -1.04 -2.74
C CYS A 61 -6.16 -0.05 -3.83
N LYS A 62 -5.98 -0.55 -5.04
CA LYS A 62 -5.66 0.31 -6.17
C LYS A 62 -6.79 1.31 -6.39
N SER A 63 -6.43 2.47 -6.91
CA SER A 63 -7.38 3.54 -7.15
C SER A 63 -8.61 3.05 -7.92
N GLY A 64 -9.79 3.29 -7.34
CA GLY A 64 -11.03 2.86 -7.95
C GLY A 64 -11.69 1.75 -7.15
N LEU A 65 -10.86 0.90 -6.54
CA LEU A 65 -11.37 -0.20 -5.74
C LEU A 65 -11.57 0.19 -4.29
N THR A 66 -12.33 -0.62 -3.56
CA THR A 66 -12.60 -0.35 -2.16
C THR A 66 -12.41 -1.62 -1.31
N CYS A 67 -11.78 -1.47 -0.16
CA CYS A 67 -11.54 -2.59 0.73
C CYS A 67 -12.66 -2.74 1.75
N SER A 68 -12.91 -3.97 2.15
CA SER A 68 -13.95 -4.28 3.13
C SER A 68 -13.53 -5.48 3.94
N LYS A 69 -14.08 -5.59 5.14
CA LYS A 69 -13.74 -6.72 6.00
C LYS A 69 -14.40 -7.98 5.50
N SER A 70 -13.57 -8.89 5.03
CA SER A 70 -14.04 -10.16 4.52
C SER A 70 -14.09 -11.19 5.64
N GLY A 71 -14.99 -10.96 6.58
CA GLY A 71 -15.13 -11.85 7.73
C GLY A 71 -14.33 -11.38 8.92
N GLU A 72 -13.02 -11.28 8.74
CA GLU A 72 -12.14 -10.83 9.80
C GLU A 72 -11.03 -9.97 9.21
N LYS A 73 -10.44 -10.43 8.12
CA LYS A 73 -9.40 -9.68 7.45
C LYS A 73 -10.02 -8.73 6.44
N PHE A 74 -9.27 -7.73 6.05
CA PHE A 74 -9.75 -6.75 5.07
C PHE A 74 -9.22 -7.08 3.69
N LYS A 75 -10.11 -7.29 2.73
CA LYS A 75 -9.71 -7.59 1.36
C LYS A 75 -10.32 -6.56 0.42
N CYS A 76 -9.57 -6.22 -0.61
CA CYS A 76 -10.01 -5.25 -1.60
C CYS A 76 -11.07 -5.85 -2.51
N SER A 77 -11.97 -5.01 -2.99
CA SER A 77 -13.02 -5.45 -3.88
C SER A 77 -13.28 -4.38 -4.93
N ALA A 1 23.13 4.59 -4.59
CA ALA A 1 21.90 5.18 -4.01
C ALA A 1 21.54 4.48 -2.72
N VAL A 2 20.91 5.19 -1.80
CA VAL A 2 20.52 4.60 -0.53
C VAL A 2 19.13 4.00 -0.62
N ILE A 3 18.97 2.80 -0.08
CA ILE A 3 17.69 2.11 -0.13
C ILE A 3 16.84 2.49 1.09
N THR A 4 15.98 3.48 0.91
CA THR A 4 15.13 3.95 1.97
C THR A 4 13.81 4.50 1.40
N GLY A 5 13.43 3.97 0.25
CA GLY A 5 12.20 4.39 -0.38
C GLY A 5 12.46 5.24 -1.62
N ALA A 6 11.78 4.91 -2.70
CA ALA A 6 11.91 5.63 -3.95
C ALA A 6 11.15 6.96 -3.89
N CYS A 7 10.21 7.02 -2.98
CA CYS A 7 9.38 8.20 -2.82
C CYS A 7 9.19 8.57 -1.35
N ASP A 8 8.84 9.83 -1.14
CA ASP A 8 8.60 10.37 0.20
C ASP A 8 7.18 10.04 0.62
N LYS A 9 6.23 10.35 -0.24
CA LYS A 9 4.83 10.12 0.04
C LYS A 9 4.18 9.32 -1.07
N ASP A 10 3.21 8.49 -0.69
CA ASP A 10 2.47 7.62 -1.64
C ASP A 10 1.94 8.43 -2.81
N VAL A 11 1.66 9.71 -2.57
CA VAL A 11 1.13 10.62 -3.58
C VAL A 11 2.01 10.65 -4.83
N GLN A 12 3.32 10.47 -4.66
CA GLN A 12 4.24 10.49 -5.79
C GLN A 12 4.06 9.28 -6.70
N CYS A 13 3.55 8.19 -6.15
CA CYS A 13 3.32 6.98 -6.93
C CYS A 13 1.92 7.01 -7.55
N GLY A 14 1.84 6.64 -8.82
CA GLY A 14 0.58 6.63 -9.51
C GLY A 14 -0.37 5.59 -8.97
N SER A 15 -1.65 5.82 -9.18
CA SER A 15 -2.70 4.91 -8.72
C SER A 15 -2.42 3.48 -9.20
N GLY A 16 -1.95 2.66 -8.28
CA GLY A 16 -1.62 1.31 -8.60
C GLY A 16 -0.43 0.85 -7.78
N THR A 17 0.31 1.83 -7.27
CA THR A 17 1.50 1.57 -6.47
C THR A 17 1.54 2.51 -5.25
N CYS A 18 2.26 2.13 -4.20
CA CYS A 18 2.38 2.98 -3.00
C CYS A 18 3.80 2.91 -2.45
N CYS A 19 4.16 3.88 -1.61
CA CYS A 19 5.51 3.95 -1.04
C CYS A 19 5.61 3.21 0.29
N ALA A 20 4.90 2.11 0.42
CA ALA A 20 4.95 1.31 1.64
C ALA A 20 6.14 0.37 1.62
N ALA A 21 6.41 -0.23 2.77
CA ALA A 21 7.50 -1.17 2.88
C ALA A 21 7.08 -2.51 2.30
N SER A 22 7.94 -3.14 1.52
CA SER A 22 7.59 -4.42 0.92
C SER A 22 7.45 -5.49 2.01
N ALA A 23 6.54 -6.43 1.79
CA ALA A 23 6.28 -7.50 2.74
C ALA A 23 7.52 -8.37 2.99
N TRP A 24 8.42 -8.43 2.02
CA TRP A 24 9.62 -9.24 2.17
C TRP A 24 10.75 -8.47 2.84
N SER A 25 10.79 -7.16 2.65
CA SER A 25 11.83 -6.34 3.26
C SER A 25 11.32 -4.93 3.54
N ARG A 26 11.39 -4.52 4.80
CA ARG A 26 10.93 -3.19 5.19
C ARG A 26 11.87 -2.08 4.71
N ASN A 27 12.91 -2.44 3.97
CA ASN A 27 13.84 -1.45 3.45
C ASN A 27 13.36 -0.98 2.08
N ILE A 28 12.44 -1.74 1.48
CA ILE A 28 11.88 -1.38 0.19
C ILE A 28 10.67 -0.48 0.42
N ARG A 29 10.72 0.72 -0.14
CA ARG A 29 9.62 1.66 -0.03
C ARG A 29 9.47 2.41 -1.34
N PHE A 30 9.63 1.69 -2.43
CA PHE A 30 9.49 2.29 -3.74
C PHE A 30 8.05 2.18 -4.16
N CYS A 31 7.74 2.59 -5.38
CA CYS A 31 6.37 2.49 -5.88
C CYS A 31 6.02 1.02 -6.09
N ILE A 32 5.68 0.32 -5.01
CA ILE A 32 5.33 -1.09 -5.09
C ILE A 32 3.82 -1.23 -5.33
N PRO A 33 3.43 -2.27 -6.08
CA PRO A 33 2.02 -2.53 -6.45
C PRO A 33 1.04 -2.57 -5.27
N LEU A 34 -0.16 -2.08 -5.54
CA LEU A 34 -1.23 -2.04 -4.55
C LEU A 34 -2.03 -3.34 -4.56
N GLY A 35 -2.75 -3.57 -3.47
CA GLY A 35 -3.56 -4.77 -3.34
C GLY A 35 -4.65 -4.88 -4.39
N ASN A 36 -5.03 -6.11 -4.73
CA ASN A 36 -6.07 -6.35 -5.72
C ASN A 36 -7.23 -7.10 -5.07
N SER A 37 -8.14 -7.63 -5.89
CA SER A 37 -9.30 -8.36 -5.37
C SER A 37 -8.86 -9.61 -4.61
N GLY A 38 -9.18 -9.65 -3.33
CA GLY A 38 -8.83 -10.80 -2.51
C GLY A 38 -7.50 -10.63 -1.81
N GLU A 39 -6.86 -9.47 -2.00
CA GLU A 39 -5.58 -9.20 -1.38
C GLU A 39 -5.76 -8.58 0.00
N ASP A 40 -4.77 -8.80 0.86
CA ASP A 40 -4.81 -8.26 2.21
C ASP A 40 -4.68 -6.75 2.21
N CYS A 41 -5.38 -6.11 3.13
CA CYS A 41 -5.34 -4.67 3.25
C CYS A 41 -5.50 -4.26 4.70
N HIS A 42 -4.81 -3.20 5.10
CA HIS A 42 -4.90 -2.73 6.46
C HIS A 42 -6.05 -1.72 6.55
N PRO A 43 -6.96 -1.91 7.52
CA PRO A 43 -8.13 -1.05 7.70
C PRO A 43 -7.83 0.45 7.68
N ALA A 44 -6.73 0.85 8.33
CA ALA A 44 -6.36 2.26 8.42
C ALA A 44 -5.63 2.77 7.17
N SER A 45 -5.65 2.01 6.10
CA SER A 45 -4.99 2.42 4.86
C SER A 45 -5.98 3.18 3.98
N HIS A 46 -5.64 4.41 3.63
CA HIS A 46 -6.51 5.22 2.78
C HIS A 46 -6.16 4.97 1.32
N LYS A 47 -7.14 5.16 0.46
CA LYS A 47 -6.98 4.95 -0.98
C LYS A 47 -5.84 5.80 -1.55
N VAL A 48 -5.18 5.28 -2.58
CA VAL A 48 -4.09 5.98 -3.24
C VAL A 48 -4.64 6.88 -4.35
N PRO A 49 -4.11 8.10 -4.51
CA PRO A 49 -3.01 8.64 -3.68
C PRO A 49 -3.38 8.80 -2.20
N TYR A 50 -2.57 8.17 -1.35
CA TYR A 50 -2.77 8.21 0.09
C TYR A 50 -2.41 9.60 0.63
N ASP A 51 -3.14 10.03 1.65
CA ASP A 51 -2.90 11.33 2.30
C ASP A 51 -1.63 11.30 3.15
N GLY A 52 -0.52 10.93 2.53
CA GLY A 52 0.75 10.85 3.23
C GLY A 52 1.60 9.74 2.65
N LYS A 53 2.12 8.89 3.51
CA LYS A 53 2.94 7.77 3.09
C LYS A 53 2.79 6.62 4.08
N ARG A 54 2.51 5.43 3.57
CA ARG A 54 2.31 4.28 4.42
C ARG A 54 3.62 3.70 4.93
N LEU A 55 3.71 3.51 6.24
CA LEU A 55 4.89 2.94 6.86
C LEU A 55 4.63 1.48 7.19
N SER A 56 3.59 0.95 6.58
CA SER A 56 3.22 -0.45 6.77
C SER A 56 3.92 -1.31 5.73
N SER A 57 4.06 -2.59 6.02
CA SER A 57 4.72 -3.51 5.10
C SER A 57 3.72 -4.09 4.09
N LEU A 58 2.69 -3.30 3.79
CA LEU A 58 1.65 -3.72 2.85
C LEU A 58 0.98 -2.51 2.21
N CYS A 59 0.92 -2.50 0.89
CA CYS A 59 0.26 -1.41 0.15
C CYS A 59 -1.25 -1.58 0.24
N PRO A 60 -2.02 -0.49 0.35
CA PRO A 60 -3.48 -0.57 0.43
C PRO A 60 -4.10 -1.03 -0.88
N CYS A 61 -5.42 -1.06 -0.92
CA CYS A 61 -6.14 -1.47 -2.11
C CYS A 61 -5.93 -0.45 -3.23
N LYS A 62 -5.73 -0.95 -4.45
CA LYS A 62 -5.54 -0.07 -5.59
C LYS A 62 -6.83 0.70 -5.86
N SER A 63 -6.71 1.90 -6.41
CA SER A 63 -7.86 2.75 -6.71
C SER A 63 -8.94 1.95 -7.44
N GLY A 64 -10.03 1.69 -6.75
CA GLY A 64 -11.12 0.93 -7.31
C GLY A 64 -11.54 -0.20 -6.38
N LEU A 65 -10.57 -0.75 -5.67
CA LEU A 65 -10.83 -1.83 -4.72
C LEU A 65 -11.14 -1.28 -3.35
N THR A 66 -12.12 -1.89 -2.70
CA THR A 66 -12.53 -1.46 -1.37
C THR A 66 -12.04 -2.45 -0.31
N CYS A 67 -11.39 -1.93 0.73
CA CYS A 67 -10.90 -2.75 1.81
C CYS A 67 -12.05 -3.12 2.75
N SER A 68 -12.24 -4.41 2.98
CA SER A 68 -13.32 -4.87 3.84
C SER A 68 -12.89 -6.11 4.62
N LYS A 69 -13.54 -6.34 5.75
CA LYS A 69 -13.22 -7.48 6.59
C LYS A 69 -13.66 -8.78 5.95
N SER A 70 -12.70 -9.54 5.47
CA SER A 70 -12.95 -10.81 4.85
C SER A 70 -12.73 -11.92 5.86
N GLY A 71 -13.63 -12.00 6.83
CA GLY A 71 -13.49 -12.99 7.87
C GLY A 71 -12.73 -12.44 9.05
N GLU A 72 -11.48 -12.86 9.20
CA GLU A 72 -10.65 -12.39 10.31
C GLU A 72 -9.88 -11.13 9.90
N LYS A 73 -9.19 -11.16 8.78
CA LYS A 73 -8.42 -10.01 8.29
C LYS A 73 -9.24 -9.18 7.32
N PHE A 74 -8.64 -8.09 6.84
CA PHE A 74 -9.29 -7.23 5.88
C PHE A 74 -8.68 -7.46 4.50
N LYS A 75 -9.53 -7.63 3.50
CA LYS A 75 -9.09 -7.86 2.13
C LYS A 75 -9.80 -6.92 1.18
N CYS A 76 -9.16 -6.66 0.06
CA CYS A 76 -9.70 -5.79 -0.96
C CYS A 76 -10.76 -6.51 -1.77
N SER A 77 -11.86 -5.83 -2.04
CA SER A 77 -12.96 -6.41 -2.81
C SER A 77 -13.77 -5.29 -3.43
N ALA A 1 23.37 1.10 -6.85
CA ALA A 1 22.76 2.22 -6.09
C ALA A 1 21.90 1.67 -4.96
N VAL A 2 21.79 2.43 -3.88
CA VAL A 2 21.00 2.01 -2.73
C VAL A 2 19.55 2.48 -2.90
N ILE A 3 18.61 1.59 -2.62
CA ILE A 3 17.21 1.92 -2.73
C ILE A 3 16.67 2.47 -1.42
N THR A 4 16.20 3.70 -1.46
CA THR A 4 15.67 4.36 -0.26
C THR A 4 14.30 4.97 -0.55
N GLY A 5 13.53 4.28 -1.39
CA GLY A 5 12.21 4.75 -1.74
C GLY A 5 12.23 5.74 -2.90
N ALA A 6 11.48 5.43 -3.94
CA ALA A 6 11.39 6.28 -5.12
C ALA A 6 10.43 7.45 -4.93
N CYS A 7 9.64 7.38 -3.87
CA CYS A 7 8.67 8.44 -3.61
C CYS A 7 8.56 8.74 -2.12
N ASP A 8 8.10 9.94 -1.81
CA ASP A 8 7.93 10.37 -0.43
C ASP A 8 6.47 10.36 -0.05
N LYS A 9 5.64 10.87 -0.96
CA LYS A 9 4.20 10.94 -0.75
C LYS A 9 3.50 10.00 -1.72
N ASP A 10 2.48 9.31 -1.22
CA ASP A 10 1.72 8.35 -2.02
C ASP A 10 1.19 8.99 -3.30
N VAL A 11 0.88 10.28 -3.21
CA VAL A 11 0.37 11.06 -4.33
C VAL A 11 1.25 10.95 -5.58
N GLN A 12 2.54 10.73 -5.37
CA GLN A 12 3.50 10.61 -6.48
C GLN A 12 3.26 9.35 -7.30
N CYS A 13 2.75 8.30 -6.66
CA CYS A 13 2.49 7.05 -7.34
C CYS A 13 1.07 7.00 -7.91
N GLY A 14 0.95 6.45 -9.11
CA GLY A 14 -0.34 6.34 -9.75
C GLY A 14 -1.22 5.29 -9.09
N SER A 15 -2.52 5.45 -9.24
CA SER A 15 -3.50 4.54 -8.66
C SER A 15 -3.20 3.10 -9.09
N GLY A 16 -2.68 2.33 -8.15
CA GLY A 16 -2.32 0.96 -8.42
C GLY A 16 -1.10 0.59 -7.63
N THR A 17 -0.27 1.60 -7.37
CA THR A 17 0.96 1.44 -6.60
C THR A 17 0.98 2.45 -5.46
N CYS A 18 1.49 2.07 -4.30
CA CYS A 18 1.53 2.98 -3.16
C CYS A 18 2.95 3.10 -2.63
N CYS A 19 3.22 4.18 -1.91
CA CYS A 19 4.56 4.42 -1.35
C CYS A 19 4.74 3.80 0.03
N ALA A 20 4.36 2.53 0.15
CA ALA A 20 4.50 1.82 1.40
C ALA A 20 5.83 1.08 1.45
N ALA A 21 6.24 0.70 2.64
CA ALA A 21 7.48 -0.04 2.81
C ALA A 21 7.23 -1.52 2.57
N SER A 22 8.10 -2.16 1.81
CA SER A 22 7.91 -3.57 1.52
C SER A 22 8.21 -4.42 2.75
N ALA A 23 7.36 -5.41 3.00
CA ALA A 23 7.52 -6.29 4.15
C ALA A 23 8.84 -7.08 4.08
N TRP A 24 9.36 -7.24 2.87
CA TRP A 24 10.60 -7.99 2.68
C TRP A 24 11.83 -7.09 2.79
N SER A 25 11.65 -5.78 2.63
CA SER A 25 12.76 -4.84 2.73
C SER A 25 12.29 -3.49 3.25
N ARG A 26 12.81 -3.12 4.41
CA ARG A 26 12.46 -1.84 5.05
C ARG A 26 12.99 -0.64 4.27
N ASN A 27 13.90 -0.88 3.34
CA ASN A 27 14.47 0.21 2.55
C ASN A 27 13.64 0.50 1.31
N ILE A 28 12.75 -0.44 0.95
CA ILE A 28 11.88 -0.23 -0.19
C ILE A 28 10.62 0.49 0.27
N ARG A 29 10.41 1.67 -0.27
CA ARG A 29 9.25 2.47 0.07
C ARG A 29 8.88 3.32 -1.13
N PHE A 30 8.76 2.66 -2.27
CA PHE A 30 8.43 3.35 -3.50
C PHE A 30 7.10 2.84 -4.05
N CYS A 31 6.82 3.17 -5.31
CA CYS A 31 5.58 2.76 -5.96
C CYS A 31 5.44 1.24 -6.06
N ILE A 32 5.09 0.59 -4.96
CA ILE A 32 4.90 -0.85 -4.96
C ILE A 32 3.42 -1.17 -5.21
N PRO A 33 3.13 -2.27 -5.91
CA PRO A 33 1.76 -2.65 -6.27
C PRO A 33 0.82 -2.86 -5.08
N LEU A 34 -0.47 -2.59 -5.32
CA LEU A 34 -1.52 -2.73 -4.31
C LEU A 34 -2.09 -4.15 -4.31
N GLY A 35 -2.82 -4.47 -3.26
CA GLY A 35 -3.42 -5.78 -3.13
C GLY A 35 -4.76 -5.90 -3.83
N ASN A 36 -5.10 -7.10 -4.26
CA ASN A 36 -6.37 -7.35 -4.94
C ASN A 36 -7.27 -8.22 -4.07
N SER A 37 -8.43 -8.59 -4.61
CA SER A 37 -9.41 -9.39 -3.87
C SER A 37 -8.80 -10.69 -3.36
N GLY A 38 -8.96 -10.93 -2.07
CA GLY A 38 -8.42 -12.14 -1.46
C GLY A 38 -7.10 -11.88 -0.76
N GLU A 39 -6.43 -10.80 -1.12
CA GLU A 39 -5.16 -10.45 -0.51
C GLU A 39 -5.37 -9.58 0.72
N ASP A 40 -4.47 -9.70 1.68
CA ASP A 40 -4.56 -8.95 2.93
C ASP A 40 -4.31 -7.46 2.72
N CYS A 41 -4.97 -6.65 3.52
CA CYS A 41 -4.84 -5.21 3.45
C CYS A 41 -4.78 -4.62 4.86
N HIS A 42 -4.05 -3.54 5.00
CA HIS A 42 -3.94 -2.89 6.31
C HIS A 42 -5.05 -1.87 6.46
N PRO A 43 -5.90 -2.03 7.50
CA PRO A 43 -7.03 -1.14 7.75
C PRO A 43 -6.60 0.33 7.87
N ALA A 44 -5.44 0.55 8.46
CA ALA A 44 -4.90 1.90 8.65
C ALA A 44 -4.55 2.54 7.31
N SER A 45 -4.17 1.73 6.35
CA SER A 45 -3.82 2.21 5.02
C SER A 45 -5.09 2.57 4.26
N HIS A 46 -5.12 3.77 3.70
CA HIS A 46 -6.28 4.23 2.97
C HIS A 46 -6.04 4.10 1.47
N LYS A 47 -7.11 4.22 0.69
CA LYS A 47 -7.04 4.11 -0.76
C LYS A 47 -6.03 5.09 -1.36
N VAL A 48 -5.43 4.66 -2.47
CA VAL A 48 -4.43 5.45 -3.19
C VAL A 48 -5.12 6.38 -4.19
N PRO A 49 -4.63 7.62 -4.34
CA PRO A 49 -3.46 8.13 -3.60
C PRO A 49 -3.77 8.53 -2.16
N TYR A 50 -2.98 8.00 -1.25
CA TYR A 50 -3.11 8.28 0.16
C TYR A 50 -2.55 9.67 0.46
N ASP A 51 -3.29 10.46 1.25
CA ASP A 51 -2.85 11.79 1.61
C ASP A 51 -1.64 11.71 2.55
N GLY A 52 -0.51 12.17 2.08
CA GLY A 52 0.70 12.12 2.87
C GLY A 52 1.50 10.86 2.60
N LYS A 53 1.93 10.21 3.67
CA LYS A 53 2.71 8.99 3.57
C LYS A 53 2.46 8.10 4.78
N ARG A 54 2.38 6.81 4.56
CA ARG A 54 2.13 5.87 5.63
C ARG A 54 3.28 4.89 5.77
N LEU A 55 3.69 4.61 6.99
CA LEU A 55 4.78 3.68 7.26
C LEU A 55 4.23 2.26 7.35
N SER A 56 3.41 1.91 6.39
CA SER A 56 2.80 0.60 6.33
C SER A 56 3.69 -0.36 5.53
N SER A 57 3.80 -1.59 6.00
CA SER A 57 4.62 -2.58 5.31
C SER A 57 3.82 -3.33 4.26
N LEU A 58 2.64 -2.80 3.93
CA LEU A 58 1.77 -3.40 2.94
C LEU A 58 0.87 -2.35 2.30
N CYS A 59 0.78 -2.36 0.99
CA CYS A 59 -0.07 -1.43 0.25
C CYS A 59 -1.53 -1.80 0.46
N PRO A 60 -2.44 -0.83 0.41
CA PRO A 60 -3.87 -1.09 0.58
C PRO A 60 -4.47 -1.78 -0.64
N CYS A 61 -5.79 -1.79 -0.72
CA CYS A 61 -6.48 -2.41 -1.84
C CYS A 61 -6.41 -1.51 -3.06
N LYS A 62 -6.26 -2.13 -4.23
CA LYS A 62 -6.19 -1.39 -5.48
C LYS A 62 -7.45 -0.55 -5.66
N SER A 63 -7.30 0.61 -6.27
CA SER A 63 -8.42 1.53 -6.49
C SER A 63 -9.61 0.79 -7.12
N GLY A 64 -10.73 0.81 -6.41
CA GLY A 64 -11.92 0.13 -6.88
C GLY A 64 -12.36 -0.95 -5.91
N LEU A 65 -11.40 -1.57 -5.24
CA LEU A 65 -11.70 -2.63 -4.28
C LEU A 65 -11.91 -2.08 -2.88
N THR A 66 -12.48 -2.91 -2.02
CA THR A 66 -12.74 -2.49 -0.66
C THR A 66 -12.03 -3.38 0.36
N CYS A 67 -11.36 -2.75 1.32
CA CYS A 67 -10.65 -3.47 2.37
C CYS A 67 -11.60 -3.73 3.53
N SER A 68 -11.72 -4.99 3.94
CA SER A 68 -12.61 -5.34 5.04
C SER A 68 -12.09 -6.56 5.79
N LYS A 69 -12.49 -6.69 7.04
CA LYS A 69 -12.04 -7.82 7.84
C LYS A 69 -12.66 -9.11 7.34
N SER A 70 -11.85 -9.91 6.67
CA SER A 70 -12.28 -11.18 6.13
C SER A 70 -12.02 -12.28 7.15
N GLY A 71 -12.61 -12.12 8.33
CA GLY A 71 -12.42 -13.08 9.39
C GLY A 71 -11.60 -12.51 10.51
N GLU A 72 -10.33 -12.85 10.53
CA GLU A 72 -9.41 -12.36 11.55
C GLU A 72 -8.75 -11.06 11.10
N LYS A 73 -8.10 -11.10 9.94
CA LYS A 73 -7.42 -9.93 9.41
C LYS A 73 -8.25 -9.23 8.34
N PHE A 74 -7.80 -8.06 7.93
CA PHE A 74 -8.47 -7.29 6.91
C PHE A 74 -7.92 -7.71 5.55
N LYS A 75 -8.81 -8.05 4.64
CA LYS A 75 -8.41 -8.47 3.31
C LYS A 75 -9.24 -7.75 2.26
N CYS A 76 -8.66 -7.58 1.10
CA CYS A 76 -9.31 -6.88 0.00
C CYS A 76 -10.43 -7.70 -0.60
N SER A 77 -11.55 -7.03 -0.83
CA SER A 77 -12.71 -7.66 -1.42
C SER A 77 -13.03 -6.95 -2.73
N ALA A 1 24.62 3.46 -4.52
CA ALA A 1 23.14 3.40 -4.60
C ALA A 1 22.59 2.55 -3.46
N VAL A 2 21.41 2.89 -2.97
CA VAL A 2 20.80 2.16 -1.88
C VAL A 2 19.27 2.24 -1.99
N ILE A 3 18.62 1.10 -1.81
CA ILE A 3 17.17 1.03 -1.89
C ILE A 3 16.55 1.26 -0.52
N THR A 4 15.76 2.31 -0.40
CA THR A 4 15.12 2.63 0.86
C THR A 4 13.78 3.37 0.65
N GLY A 5 13.73 4.25 -0.34
CA GLY A 5 12.52 4.98 -0.61
C GLY A 5 12.64 5.87 -1.83
N ALA A 6 11.82 5.59 -2.83
CA ALA A 6 11.82 6.34 -4.08
C ALA A 6 10.82 7.50 -4.03
N CYS A 7 10.02 7.56 -2.98
CA CYS A 7 9.02 8.62 -2.89
C CYS A 7 8.74 9.02 -1.44
N ASP A 8 8.47 10.30 -1.24
CA ASP A 8 8.14 10.83 0.09
C ASP A 8 6.65 10.75 0.30
N LYS A 9 5.94 10.92 -0.79
CA LYS A 9 4.49 10.89 -0.79
C LYS A 9 3.99 10.05 -1.97
N ASP A 10 2.95 9.25 -1.72
CA ASP A 10 2.36 8.39 -2.74
C ASP A 10 1.93 9.21 -3.95
N VAL A 11 1.66 10.49 -3.71
CA VAL A 11 1.27 11.42 -4.77
C VAL A 11 2.30 11.42 -5.90
N GLN A 12 3.56 11.17 -5.54
CA GLN A 12 4.66 11.12 -6.49
C GLN A 12 4.60 9.87 -7.38
N CYS A 13 3.88 8.86 -6.91
CA CYS A 13 3.74 7.61 -7.65
C CYS A 13 2.54 7.67 -8.60
N GLY A 14 1.59 6.76 -8.41
CA GLY A 14 0.41 6.73 -9.25
C GLY A 14 -0.50 5.57 -8.90
N SER A 15 -1.78 5.71 -9.23
CA SER A 15 -2.78 4.68 -8.95
C SER A 15 -2.31 3.31 -9.44
N GLY A 16 -1.89 2.48 -8.51
CA GLY A 16 -1.39 1.16 -8.84
C GLY A 16 -0.29 0.76 -7.88
N THR A 17 0.45 1.76 -7.43
CA THR A 17 1.54 1.57 -6.49
C THR A 17 1.51 2.71 -5.46
N CYS A 18 1.68 2.39 -4.19
CA CYS A 18 1.66 3.42 -3.15
C CYS A 18 2.99 3.43 -2.41
N CYS A 19 3.28 4.50 -1.69
CA CYS A 19 4.52 4.59 -0.94
C CYS A 19 4.33 3.96 0.44
N ALA A 20 4.96 2.82 0.64
CA ALA A 20 4.86 2.09 1.89
C ALA A 20 5.97 1.07 1.98
N ALA A 21 6.11 0.43 3.13
CA ALA A 21 7.12 -0.57 3.34
C ALA A 21 6.73 -1.86 2.62
N SER A 22 7.68 -2.51 1.97
CA SER A 22 7.38 -3.73 1.26
C SER A 22 7.22 -4.88 2.24
N ALA A 23 6.27 -5.76 1.97
CA ALA A 23 6.00 -6.91 2.82
C ALA A 23 7.21 -7.85 2.93
N TRP A 24 8.08 -7.82 1.93
CA TRP A 24 9.25 -8.68 1.91
C TRP A 24 10.44 -8.04 2.62
N SER A 25 10.49 -6.72 2.68
CA SER A 25 11.60 -6.03 3.33
C SER A 25 11.18 -4.69 3.92
N ARG A 26 11.52 -4.47 5.19
CA ARG A 26 11.19 -3.21 5.86
C ARG A 26 12.11 -2.08 5.37
N ASN A 27 13.00 -2.42 4.45
CA ASN A 27 13.94 -1.45 3.90
C ASN A 27 13.35 -0.72 2.71
N ILE A 28 12.41 -1.36 2.03
CA ILE A 28 11.78 -0.75 0.87
C ILE A 28 10.58 0.06 1.32
N ARG A 29 10.53 1.32 0.90
CA ARG A 29 9.45 2.22 1.23
C ARG A 29 9.23 3.19 0.08
N PHE A 30 8.76 2.66 -1.04
CA PHE A 30 8.52 3.47 -2.23
C PHE A 30 7.27 3.01 -2.96
N CYS A 31 7.16 3.39 -4.23
CA CYS A 31 5.99 3.02 -5.06
C CYS A 31 5.88 1.50 -5.22
N ILE A 32 5.24 0.85 -4.25
CA ILE A 32 5.04 -0.59 -4.30
C ILE A 32 3.59 -0.89 -4.66
N PRO A 33 3.36 -2.02 -5.35
CA PRO A 33 2.02 -2.43 -5.82
C PRO A 33 0.92 -2.42 -4.75
N LEU A 34 -0.30 -2.13 -5.19
CA LEU A 34 -1.47 -2.08 -4.32
C LEU A 34 -2.10 -3.47 -4.20
N GLY A 35 -2.88 -3.65 -3.14
CA GLY A 35 -3.53 -4.93 -2.89
C GLY A 35 -4.57 -5.31 -3.94
N ASN A 36 -4.55 -6.58 -4.33
CA ASN A 36 -5.47 -7.11 -5.33
C ASN A 36 -6.69 -7.76 -4.65
N SER A 37 -7.64 -8.19 -5.45
CA SER A 37 -8.85 -8.83 -4.95
C SER A 37 -8.53 -10.09 -4.15
N GLY A 38 -9.05 -10.17 -2.94
CA GLY A 38 -8.81 -11.32 -2.10
C GLY A 38 -7.53 -11.22 -1.28
N GLU A 39 -6.76 -10.18 -1.54
CA GLU A 39 -5.51 -9.97 -0.80
C GLU A 39 -5.77 -9.16 0.45
N ASP A 40 -4.99 -9.46 1.49
CA ASP A 40 -5.13 -8.80 2.78
C ASP A 40 -4.87 -7.31 2.67
N CYS A 41 -5.67 -6.54 3.38
CA CYS A 41 -5.54 -5.10 3.41
C CYS A 41 -5.66 -4.61 4.84
N HIS A 42 -4.88 -3.61 5.19
CA HIS A 42 -4.93 -3.07 6.54
C HIS A 42 -5.99 -1.99 6.59
N PRO A 43 -6.96 -2.13 7.52
CA PRO A 43 -8.08 -1.19 7.69
C PRO A 43 -7.65 0.27 7.69
N ALA A 44 -6.49 0.56 8.28
CA ALA A 44 -5.96 1.92 8.34
C ALA A 44 -5.36 2.37 7.01
N SER A 45 -5.97 1.96 5.92
CA SER A 45 -5.50 2.33 4.60
C SER A 45 -6.21 3.60 4.14
N HIS A 46 -5.59 4.33 3.23
CA HIS A 46 -6.19 5.54 2.69
C HIS A 46 -6.05 5.53 1.19
N LYS A 47 -7.07 6.04 0.51
CA LYS A 47 -7.10 6.06 -0.95
C LYS A 47 -5.88 6.74 -1.57
N VAL A 48 -5.56 6.32 -2.78
CA VAL A 48 -4.43 6.84 -3.54
C VAL A 48 -4.88 8.09 -4.31
N PRO A 49 -4.02 9.12 -4.42
CA PRO A 49 -2.67 9.11 -3.83
C PRO A 49 -2.65 9.38 -2.34
N TYR A 50 -1.91 8.54 -1.63
CA TYR A 50 -1.75 8.65 -0.18
C TYR A 50 -0.75 9.76 0.14
N ASP A 51 -1.06 10.61 1.11
CA ASP A 51 -0.13 11.66 1.48
C ASP A 51 0.92 11.10 2.43
N GLY A 52 2.17 11.16 2.02
CA GLY A 52 3.23 10.64 2.83
C GLY A 52 3.57 9.22 2.43
N LYS A 53 4.03 8.45 3.38
CA LYS A 53 4.36 7.07 3.12
C LYS A 53 4.01 6.22 4.33
N ARG A 54 3.35 5.11 4.06
CA ARG A 54 2.92 4.21 5.11
C ARG A 54 4.09 3.49 5.76
N LEU A 55 4.06 3.40 7.08
CA LEU A 55 5.12 2.73 7.83
C LEU A 55 4.79 1.25 7.92
N SER A 56 3.60 0.91 7.48
CA SER A 56 3.13 -0.47 7.47
C SER A 56 3.55 -1.11 6.16
N SER A 57 3.82 -2.41 6.18
CA SER A 57 4.27 -3.11 4.99
C SER A 57 3.10 -3.59 4.13
N LEU A 58 2.11 -2.73 3.93
CA LEU A 58 0.97 -3.08 3.11
C LEU A 58 0.29 -1.85 2.50
N CYS A 59 0.23 -1.82 1.17
CA CYS A 59 -0.42 -0.73 0.44
C CYS A 59 -1.93 -0.95 0.45
N PRO A 60 -2.74 0.11 0.23
CA PRO A 60 -4.19 -0.01 0.20
C PRO A 60 -4.65 -0.79 -1.03
N CYS A 61 -5.94 -1.01 -1.13
CA CYS A 61 -6.51 -1.73 -2.27
C CYS A 61 -6.36 -0.90 -3.54
N LYS A 62 -6.07 -1.58 -4.65
CA LYS A 62 -5.92 -0.91 -5.92
C LYS A 62 -7.21 -0.21 -6.34
N SER A 63 -7.09 0.86 -7.11
CA SER A 63 -8.23 1.64 -7.55
C SER A 63 -9.36 0.74 -8.07
N GLY A 64 -10.55 0.94 -7.50
CA GLY A 64 -11.69 0.14 -7.89
C GLY A 64 -12.08 -0.86 -6.81
N LEU A 65 -11.08 -1.34 -6.09
CA LEU A 65 -11.30 -2.31 -5.02
C LEU A 65 -11.57 -1.63 -3.70
N THR A 66 -12.25 -2.33 -2.81
CA THR A 66 -12.56 -1.79 -1.50
C THR A 66 -12.13 -2.74 -0.39
N CYS A 67 -11.40 -2.22 0.58
CA CYS A 67 -10.94 -3.01 1.71
C CYS A 67 -12.13 -3.34 2.61
N SER A 68 -12.34 -4.62 2.87
CA SER A 68 -13.47 -5.03 3.70
C SER A 68 -13.09 -6.21 4.57
N LYS A 69 -13.80 -6.35 5.68
CA LYS A 69 -13.54 -7.44 6.61
C LYS A 69 -14.01 -8.76 6.03
N SER A 70 -13.06 -9.56 5.61
CA SER A 70 -13.35 -10.88 5.05
C SER A 70 -13.16 -11.92 6.13
N GLY A 71 -14.19 -12.07 6.96
CA GLY A 71 -14.11 -13.01 8.05
C GLY A 71 -13.44 -12.39 9.25
N GLU A 72 -12.22 -12.83 9.55
CA GLU A 72 -11.50 -12.30 10.69
C GLU A 72 -10.66 -11.08 10.31
N LYS A 73 -9.89 -11.17 9.23
CA LYS A 73 -9.06 -10.06 8.78
C LYS A 73 -9.79 -9.20 7.75
N PHE A 74 -9.05 -8.26 7.18
CA PHE A 74 -9.58 -7.38 6.15
C PHE A 74 -8.89 -7.70 4.83
N LYS A 75 -9.67 -7.88 3.78
CA LYS A 75 -9.12 -8.19 2.47
C LYS A 75 -9.77 -7.30 1.42
N CYS A 76 -9.04 -7.06 0.35
CA CYS A 76 -9.53 -6.22 -0.73
C CYS A 76 -10.63 -6.93 -1.50
N SER A 77 -11.80 -6.34 -1.50
CA SER A 77 -12.93 -6.89 -2.21
C SER A 77 -13.17 -6.10 -3.48
N ALA A 1 20.54 1.15 -10.29
CA ALA A 1 19.98 2.14 -9.33
C ALA A 1 19.90 1.52 -7.95
N VAL A 2 20.02 2.35 -6.92
CA VAL A 2 19.94 1.87 -5.55
C VAL A 2 18.51 1.88 -5.05
N ILE A 3 18.09 0.79 -4.42
CA ILE A 3 16.74 0.68 -3.91
C ILE A 3 16.66 1.21 -2.48
N THR A 4 15.90 2.27 -2.29
CA THR A 4 15.74 2.86 -0.97
C THR A 4 14.38 3.55 -0.84
N GLY A 5 13.93 4.17 -1.93
CA GLY A 5 12.66 4.85 -1.93
C GLY A 5 12.48 5.69 -3.18
N ALA A 6 11.50 5.30 -4.00
CA ALA A 6 11.23 6.02 -5.24
C ALA A 6 10.20 7.13 -5.06
N CYS A 7 9.52 7.13 -3.92
CA CYS A 7 8.50 8.15 -3.69
C CYS A 7 8.49 8.64 -2.25
N ASP A 8 8.19 9.92 -2.10
CA ASP A 8 8.08 10.56 -0.79
C ASP A 8 6.63 10.61 -0.41
N LYS A 9 5.81 10.88 -1.41
CA LYS A 9 4.38 10.97 -1.24
C LYS A 9 3.70 9.87 -2.03
N ASP A 10 2.77 9.19 -1.37
CA ASP A 10 2.00 8.10 -1.97
C ASP A 10 1.30 8.60 -3.22
N VAL A 11 1.05 9.91 -3.24
CA VAL A 11 0.41 10.58 -4.36
C VAL A 11 1.18 10.39 -5.67
N GLN A 12 2.50 10.19 -5.54
CA GLN A 12 3.36 10.00 -6.70
C GLN A 12 3.11 8.65 -7.38
N CYS A 13 2.52 7.71 -6.65
CA CYS A 13 2.24 6.40 -7.20
C CYS A 13 0.88 6.35 -7.87
N GLY A 14 0.85 5.86 -9.11
CA GLY A 14 -0.39 5.76 -9.84
C GLY A 14 -1.21 4.58 -9.40
N SER A 15 -2.50 4.62 -9.70
CA SER A 15 -3.43 3.55 -9.34
C SER A 15 -2.88 2.20 -9.76
N GLY A 16 -2.61 1.37 -8.77
CA GLY A 16 -2.06 0.05 -9.01
C GLY A 16 -0.86 -0.19 -8.11
N THR A 17 -0.21 0.90 -7.75
CA THR A 17 0.96 0.86 -6.88
C THR A 17 0.82 1.92 -5.77
N CYS A 18 1.53 1.75 -4.67
CA CYS A 18 1.47 2.70 -3.57
C CYS A 18 2.81 2.77 -2.86
N CYS A 19 3.03 3.80 -2.07
CA CYS A 19 4.28 3.93 -1.35
C CYS A 19 4.20 3.16 -0.04
N ALA A 20 4.99 2.10 0.05
CA ALA A 20 5.01 1.25 1.22
C ALA A 20 6.29 0.42 1.24
N ALA A 21 6.56 -0.18 2.38
CA ALA A 21 7.74 -1.01 2.55
C ALA A 21 7.47 -2.43 2.07
N SER A 22 8.50 -3.10 1.57
CA SER A 22 8.34 -4.47 1.10
C SER A 22 8.04 -5.42 2.27
N ALA A 23 7.10 -6.33 2.07
CA ALA A 23 6.68 -7.29 3.10
C ALA A 23 7.77 -8.28 3.48
N TRP A 24 8.72 -8.52 2.59
CA TRP A 24 9.79 -9.49 2.86
C TRP A 24 10.96 -8.85 3.60
N SER A 25 11.27 -7.61 3.27
CA SER A 25 12.38 -6.90 3.91
C SER A 25 12.10 -5.41 3.89
N ARG A 26 12.46 -4.69 4.95
CA ARG A 26 12.22 -3.25 4.99
C ARG A 26 13.26 -2.48 4.17
N ASN A 27 13.61 -3.02 3.01
CA ASN A 27 14.59 -2.38 2.13
C ASN A 27 13.91 -1.55 1.06
N ILE A 28 12.80 -2.05 0.54
CA ILE A 28 12.05 -1.34 -0.48
C ILE A 28 11.01 -0.43 0.17
N ARG A 29 10.96 0.83 -0.28
CA ARG A 29 10.03 1.81 0.24
C ARG A 29 9.55 2.70 -0.91
N PHE A 30 8.84 2.14 -1.88
CA PHE A 30 8.38 2.93 -3.01
C PHE A 30 7.08 2.40 -3.59
N CYS A 31 6.77 2.84 -4.82
CA CYS A 31 5.55 2.43 -5.52
C CYS A 31 5.49 0.93 -5.78
N ILE A 32 4.99 0.20 -4.81
CA ILE A 32 4.84 -1.24 -4.92
C ILE A 32 3.39 -1.58 -5.21
N PRO A 33 3.11 -2.76 -5.78
CA PRO A 33 1.74 -3.17 -6.15
C PRO A 33 0.73 -3.09 -5.01
N LEU A 34 -0.49 -2.69 -5.36
CA LEU A 34 -1.60 -2.56 -4.41
C LEU A 34 -2.35 -3.88 -4.22
N GLY A 35 -3.04 -3.97 -3.09
CA GLY A 35 -3.81 -5.15 -2.76
C GLY A 35 -5.11 -5.24 -3.53
N ASN A 36 -5.55 -6.47 -3.77
CA ASN A 36 -6.79 -6.72 -4.50
C ASN A 36 -7.79 -7.45 -3.61
N SER A 37 -8.98 -7.67 -4.15
CA SER A 37 -10.06 -8.36 -3.43
C SER A 37 -9.57 -9.69 -2.88
N GLY A 38 -9.85 -9.91 -1.61
CA GLY A 38 -9.44 -11.14 -0.97
C GLY A 38 -8.17 -10.99 -0.15
N GLU A 39 -7.43 -9.91 -0.35
CA GLU A 39 -6.19 -9.72 0.40
C GLU A 39 -6.27 -8.66 1.49
N ASP A 40 -5.34 -8.81 2.44
CA ASP A 40 -5.22 -7.96 3.62
C ASP A 40 -5.01 -6.48 3.28
N CYS A 41 -5.51 -5.62 4.16
CA CYS A 41 -5.36 -4.19 4.03
C CYS A 41 -5.32 -3.61 5.44
N HIS A 42 -4.56 -2.55 5.65
CA HIS A 42 -4.50 -1.96 6.98
C HIS A 42 -5.56 -0.88 7.11
N PRO A 43 -6.53 -1.09 8.02
CA PRO A 43 -7.64 -0.16 8.24
C PRO A 43 -7.17 1.24 8.63
N ALA A 44 -6.17 1.30 9.50
CA ALA A 44 -5.62 2.57 9.98
C ALA A 44 -4.90 3.31 8.87
N SER A 45 -4.25 2.57 7.98
CA SER A 45 -3.53 3.16 6.87
C SER A 45 -4.51 3.70 5.83
N HIS A 46 -4.45 5.00 5.58
CA HIS A 46 -5.35 5.62 4.61
C HIS A 46 -4.97 5.17 3.21
N LYS A 47 -5.98 5.02 2.36
CA LYS A 47 -5.79 4.57 0.99
C LYS A 47 -4.98 5.59 0.18
N VAL A 48 -4.90 5.33 -1.12
CA VAL A 48 -4.16 6.19 -2.02
C VAL A 48 -5.07 7.33 -2.49
N PRO A 49 -4.55 8.57 -2.56
CA PRO A 49 -3.15 8.87 -2.25
C PRO A 49 -2.93 9.38 -0.82
N TYR A 50 -1.91 8.85 -0.17
CA TYR A 50 -1.56 9.25 1.19
C TYR A 50 -0.53 10.39 1.13
N ASP A 51 -0.68 11.39 2.00
CA ASP A 51 0.26 12.52 2.03
C ASP A 51 1.57 12.10 2.72
N GLY A 52 2.22 11.10 2.16
CA GLY A 52 3.45 10.60 2.71
C GLY A 52 3.64 9.15 2.36
N LYS A 53 4.12 8.37 3.30
CA LYS A 53 4.30 6.95 3.09
C LYS A 53 3.93 6.20 4.35
N ARG A 54 3.09 5.20 4.21
CA ARG A 54 2.64 4.40 5.33
C ARG A 54 3.78 3.53 5.84
N LEU A 55 3.91 3.45 7.16
CA LEU A 55 4.96 2.65 7.78
C LEU A 55 4.47 1.23 7.94
N SER A 56 4.11 0.63 6.83
CA SER A 56 3.61 -0.73 6.79
C SER A 56 4.10 -1.42 5.53
N SER A 57 4.40 -2.69 5.63
CA SER A 57 4.90 -3.46 4.50
C SER A 57 3.75 -4.05 3.69
N LEU A 58 2.69 -3.26 3.50
CA LEU A 58 1.53 -3.73 2.75
C LEU A 58 0.78 -2.56 2.12
N CYS A 59 0.54 -2.64 0.82
CA CYS A 59 -0.21 -1.62 0.10
C CYS A 59 -1.70 -1.86 0.30
N PRO A 60 -2.49 -0.80 0.46
CA PRO A 60 -3.94 -0.92 0.64
C PRO A 60 -4.64 -1.39 -0.63
N CYS A 61 -5.96 -1.29 -0.67
CA CYS A 61 -6.73 -1.71 -1.83
C CYS A 61 -6.48 -0.78 -3.01
N LYS A 62 -6.33 -1.37 -4.18
CA LYS A 62 -6.11 -0.59 -5.40
C LYS A 62 -7.36 0.22 -5.72
N SER A 63 -7.16 1.39 -6.33
CA SER A 63 -8.25 2.29 -6.68
C SER A 63 -9.42 1.55 -7.33
N GLY A 64 -10.59 1.68 -6.72
CA GLY A 64 -11.77 1.01 -7.23
C GLY A 64 -12.30 -0.04 -6.28
N LEU A 65 -11.39 -0.68 -5.55
CA LEU A 65 -11.75 -1.71 -4.60
C LEU A 65 -12.04 -1.14 -3.21
N THR A 66 -12.84 -1.85 -2.45
CA THR A 66 -13.20 -1.41 -1.12
C THR A 66 -12.80 -2.45 -0.06
N CYS A 67 -12.15 -2.00 1.00
CA CYS A 67 -11.73 -2.91 2.06
C CYS A 67 -12.78 -3.00 3.15
N SER A 68 -12.95 -4.19 3.71
CA SER A 68 -13.90 -4.43 4.77
C SER A 68 -13.30 -5.39 5.78
N LYS A 69 -13.83 -5.39 7.00
CA LYS A 69 -13.30 -6.26 8.04
C LYS A 69 -13.61 -7.73 7.73
N SER A 70 -12.60 -8.44 7.29
CA SER A 70 -12.71 -9.85 6.96
C SER A 70 -12.41 -10.68 8.20
N GLY A 71 -13.37 -10.73 9.11
CA GLY A 71 -13.19 -11.48 10.33
C GLY A 71 -12.47 -10.68 11.38
N GLU A 72 -11.17 -10.91 11.49
CA GLU A 72 -10.34 -10.23 12.48
C GLU A 72 -9.80 -8.91 11.92
N LYS A 73 -9.11 -9.01 10.80
CA LYS A 73 -8.51 -7.84 10.17
C LYS A 73 -9.38 -7.31 9.04
N PHE A 74 -8.80 -6.44 8.22
CA PHE A 74 -9.48 -5.85 7.09
C PHE A 74 -8.92 -6.40 5.79
N LYS A 75 -9.79 -6.78 4.87
CA LYS A 75 -9.37 -7.29 3.59
C LYS A 75 -10.14 -6.62 2.46
N CYS A 76 -9.46 -6.45 1.35
CA CYS A 76 -10.03 -5.81 0.17
C CYS A 76 -11.12 -6.66 -0.46
N SER A 77 -12.06 -5.99 -1.09
CA SER A 77 -13.17 -6.64 -1.76
C SER A 77 -13.51 -5.84 -3.02
N ALA A 1 22.04 3.83 -8.40
CA ALA A 1 21.22 4.43 -7.32
C ALA A 1 21.00 3.42 -6.22
N VAL A 2 20.84 3.89 -4.99
CA VAL A 2 20.62 3.01 -3.85
C VAL A 2 19.12 2.77 -3.67
N ILE A 3 18.76 1.52 -3.39
CA ILE A 3 17.36 1.17 -3.20
C ILE A 3 16.96 1.35 -1.74
N THR A 4 16.06 2.28 -1.51
CA THR A 4 15.58 2.55 -0.16
C THR A 4 14.14 3.07 -0.18
N GLY A 5 13.81 3.86 -1.19
CA GLY A 5 12.48 4.41 -1.30
C GLY A 5 12.43 5.68 -2.12
N ALA A 6 11.59 5.69 -3.14
CA ALA A 6 11.44 6.86 -4.00
C ALA A 6 10.48 7.88 -3.41
N CYS A 7 9.80 7.50 -2.35
CA CYS A 7 8.83 8.38 -1.71
C CYS A 7 8.77 8.11 -0.21
N ASP A 8 8.55 9.17 0.57
CA ASP A 8 8.46 9.03 2.01
C ASP A 8 6.99 8.93 2.43
N LYS A 9 6.20 9.85 1.91
CA LYS A 9 4.77 9.90 2.18
C LYS A 9 4.00 9.33 1.00
N ASP A 10 2.96 8.55 1.30
CA ASP A 10 2.12 7.93 0.27
C ASP A 10 1.56 8.97 -0.68
N VAL A 11 1.44 10.20 -0.20
CA VAL A 11 0.92 11.32 -0.98
C VAL A 11 1.68 11.50 -2.30
N GLN A 12 2.98 11.17 -2.30
CA GLN A 12 3.79 11.31 -3.50
C GLN A 12 3.36 10.33 -4.60
N CYS A 13 2.81 9.20 -4.20
CA CYS A 13 2.38 8.19 -5.15
C CYS A 13 0.93 8.41 -5.58
N GLY A 14 0.67 8.24 -6.87
CA GLY A 14 -0.66 8.40 -7.39
C GLY A 14 -1.53 7.20 -7.11
N SER A 15 -2.84 7.38 -7.25
CA SER A 15 -3.80 6.31 -7.01
C SER A 15 -3.52 5.11 -7.90
N GLY A 16 -2.84 4.13 -7.32
CA GLY A 16 -2.46 2.93 -8.04
C GLY A 16 -1.22 2.32 -7.44
N THR A 17 -0.44 3.17 -6.77
CA THR A 17 0.81 2.75 -6.12
C THR A 17 0.93 3.41 -4.74
N CYS A 18 1.68 2.80 -3.83
CA CYS A 18 1.86 3.36 -2.49
C CYS A 18 3.30 3.20 -2.05
N CYS A 19 3.69 3.87 -0.97
CA CYS A 19 5.06 3.81 -0.47
C CYS A 19 5.24 2.68 0.54
N ALA A 20 4.79 1.49 0.17
CA ALA A 20 4.92 0.34 1.04
C ALA A 20 6.28 -0.32 0.90
N ALA A 21 6.74 -0.93 1.98
CA ALA A 21 8.02 -1.62 1.97
C ALA A 21 7.82 -3.04 1.48
N SER A 22 8.77 -3.56 0.71
CA SER A 22 8.66 -4.92 0.19
C SER A 22 8.61 -5.92 1.34
N ALA A 23 7.58 -6.77 1.33
CA ALA A 23 7.35 -7.77 2.36
C ALA A 23 8.48 -8.81 2.44
N TRP A 24 9.24 -8.96 1.36
CA TRP A 24 10.31 -9.94 1.34
C TRP A 24 11.62 -9.35 1.89
N SER A 25 11.82 -8.05 1.69
CA SER A 25 13.01 -7.39 2.18
C SER A 25 12.73 -5.92 2.44
N ARG A 26 13.09 -5.42 3.61
CA ARG A 26 12.86 -4.02 3.95
C ARG A 26 13.86 -3.11 3.25
N ASN A 27 13.89 -3.20 1.93
CA ASN A 27 14.80 -2.39 1.11
C ASN A 27 14.01 -1.49 0.17
N ILE A 28 12.97 -2.05 -0.45
CA ILE A 28 12.14 -1.29 -1.36
C ILE A 28 11.01 -0.60 -0.60
N ARG A 29 10.87 0.70 -0.80
CA ARG A 29 9.80 1.44 -0.17
C ARG A 29 9.43 2.64 -1.02
N PHE A 30 9.04 2.37 -2.24
CA PHE A 30 8.65 3.42 -3.16
C PHE A 30 7.29 3.13 -3.74
N CYS A 31 6.89 3.91 -4.74
CA CYS A 31 5.58 3.76 -5.39
C CYS A 31 5.38 2.40 -6.03
N ILE A 32 5.07 1.40 -5.22
CA ILE A 32 4.82 0.05 -5.70
C ILE A 32 3.32 -0.13 -5.88
N PRO A 33 2.90 -1.00 -6.80
CA PRO A 33 1.48 -1.25 -7.10
C PRO A 33 0.62 -1.61 -5.88
N LEU A 34 -0.65 -1.21 -5.94
CA LEU A 34 -1.59 -1.45 -4.87
C LEU A 34 -2.27 -2.82 -5.03
N GLY A 35 -3.01 -3.20 -4.00
CA GLY A 35 -3.71 -4.48 -3.98
C GLY A 35 -4.96 -4.51 -4.85
N ASN A 36 -5.20 -5.67 -5.45
CA ASN A 36 -6.35 -5.91 -6.30
C ASN A 36 -7.55 -6.38 -5.50
N SER A 37 -8.64 -6.67 -6.20
CA SER A 37 -9.85 -7.16 -5.57
C SER A 37 -9.57 -8.49 -4.88
N GLY A 38 -10.02 -8.61 -3.63
CA GLY A 38 -9.81 -9.84 -2.89
C GLY A 38 -8.43 -9.93 -2.25
N GLU A 39 -7.58 -8.94 -2.52
CA GLU A 39 -6.24 -8.97 -1.95
C GLU A 39 -6.19 -8.29 -0.59
N ASP A 40 -5.17 -8.68 0.17
CA ASP A 40 -4.97 -8.17 1.52
C ASP A 40 -4.77 -6.67 1.57
N CYS A 41 -5.29 -6.06 2.62
CA CYS A 41 -5.17 -4.64 2.83
C CYS A 41 -5.17 -4.33 4.32
N HIS A 42 -4.42 -3.33 4.73
CA HIS A 42 -4.36 -2.96 6.13
C HIS A 42 -5.46 -1.94 6.41
N PRO A 43 -6.28 -2.18 7.45
CA PRO A 43 -7.39 -1.28 7.81
C PRO A 43 -6.94 0.16 8.04
N ALA A 44 -5.78 0.32 8.69
CA ALA A 44 -5.24 1.64 8.98
C ALA A 44 -4.90 2.40 7.71
N SER A 45 -4.30 1.71 6.74
CA SER A 45 -3.95 2.32 5.48
C SER A 45 -5.19 2.47 4.61
N HIS A 46 -5.38 3.63 4.03
CA HIS A 46 -6.55 3.86 3.20
C HIS A 46 -6.14 3.96 1.73
N LYS A 47 -7.00 4.54 0.90
CA LYS A 47 -6.68 4.67 -0.52
C LYS A 47 -5.64 5.76 -0.76
N VAL A 48 -4.81 5.52 -1.76
CA VAL A 48 -3.75 6.44 -2.14
C VAL A 48 -4.27 7.46 -3.15
N PRO A 49 -3.82 8.72 -3.08
CA PRO A 49 -2.83 9.20 -2.11
C PRO A 49 -3.34 9.23 -0.67
N TYR A 50 -2.63 8.55 0.20
CA TYR A 50 -2.97 8.50 1.61
C TYR A 50 -2.29 9.66 2.34
N ASP A 51 -3.05 10.36 3.17
CA ASP A 51 -2.49 11.48 3.93
C ASP A 51 -1.64 10.95 5.07
N GLY A 52 -0.33 11.17 4.97
CA GLY A 52 0.58 10.70 5.98
C GLY A 52 1.65 9.80 5.44
N LYS A 53 2.24 8.99 6.32
CA LYS A 53 3.27 8.04 5.94
C LYS A 53 3.27 6.85 6.90
N ARG A 54 3.31 5.65 6.35
CA ARG A 54 3.31 4.44 7.16
C ARG A 54 4.42 3.50 6.75
N LEU A 55 4.87 2.68 7.69
CA LEU A 55 5.94 1.72 7.44
C LEU A 55 5.36 0.32 7.25
N SER A 56 4.30 0.23 6.48
CA SER A 56 3.67 -1.05 6.21
C SER A 56 4.28 -1.73 4.99
N SER A 57 4.48 -3.03 5.10
CA SER A 57 5.06 -3.81 4.01
C SER A 57 3.98 -4.34 3.06
N LEU A 58 2.88 -3.62 2.95
CA LEU A 58 1.79 -4.01 2.08
C LEU A 58 0.99 -2.80 1.62
N CYS A 59 0.84 -2.66 0.31
CA CYS A 59 0.08 -1.56 -0.26
C CYS A 59 -1.41 -1.81 -0.13
N PRO A 60 -2.21 -0.77 0.17
CA PRO A 60 -3.65 -0.89 0.33
C PRO A 60 -4.36 -1.15 -1.00
N CYS A 61 -5.68 -1.01 -0.99
CA CYS A 61 -6.49 -1.23 -2.18
C CYS A 61 -6.29 -0.14 -3.22
N LYS A 62 -6.22 -0.54 -4.48
CA LYS A 62 -6.05 0.42 -5.56
C LYS A 62 -7.35 1.16 -5.87
N SER A 63 -7.29 2.03 -6.87
CA SER A 63 -8.44 2.82 -7.28
C SER A 63 -9.63 1.92 -7.58
N GLY A 64 -10.78 2.28 -7.02
CA GLY A 64 -11.98 1.50 -7.22
C GLY A 64 -12.21 0.46 -6.13
N LEU A 65 -11.12 -0.05 -5.55
CA LEU A 65 -11.22 -1.06 -4.51
C LEU A 65 -11.33 -0.44 -3.12
N THR A 66 -12.10 -1.10 -2.26
CA THR A 66 -12.29 -0.64 -0.90
C THR A 66 -11.87 -1.72 0.08
N CYS A 67 -11.09 -1.35 1.10
CA CYS A 67 -10.61 -2.29 2.09
C CYS A 67 -11.74 -2.62 3.08
N SER A 68 -11.95 -3.91 3.31
CA SER A 68 -13.00 -4.34 4.23
C SER A 68 -12.60 -5.66 4.89
N LYS A 69 -13.22 -5.96 6.02
CA LYS A 69 -12.92 -7.18 6.74
C LYS A 69 -13.47 -8.39 5.99
N SER A 70 -12.58 -9.10 5.34
CA SER A 70 -12.95 -10.29 4.58
C SER A 70 -12.79 -11.49 5.49
N GLY A 71 -13.80 -11.70 6.33
CA GLY A 71 -13.74 -12.78 7.27
C GLY A 71 -13.00 -12.34 8.52
N GLU A 72 -11.74 -12.75 8.63
CA GLU A 72 -10.95 -12.38 9.79
C GLU A 72 -10.05 -11.19 9.49
N LYS A 73 -9.28 -11.23 8.41
CA LYS A 73 -8.41 -10.11 8.11
C LYS A 73 -9.11 -9.15 7.15
N PHE A 74 -8.39 -8.14 6.71
CA PHE A 74 -8.96 -7.17 5.80
C PHE A 74 -8.45 -7.38 4.38
N LYS A 75 -9.39 -7.35 3.44
CA LYS A 75 -9.07 -7.53 2.03
C LYS A 75 -9.93 -6.60 1.18
N CYS A 76 -9.43 -6.29 0.01
CA CYS A 76 -10.10 -5.39 -0.91
C CYS A 76 -11.37 -5.99 -1.48
N SER A 77 -12.39 -5.16 -1.61
CA SER A 77 -13.67 -5.56 -2.16
C SER A 77 -14.31 -4.34 -2.82
N ALA A 1 21.91 -0.29 -5.23
CA ALA A 1 20.82 0.64 -4.84
C ALA A 1 20.71 0.69 -3.32
N VAL A 2 20.34 1.84 -2.78
CA VAL A 2 20.21 1.98 -1.34
C VAL A 2 18.79 1.60 -0.89
N ILE A 3 18.72 0.73 0.11
CA ILE A 3 17.44 0.28 0.63
C ILE A 3 16.97 1.19 1.75
N THR A 4 16.21 2.22 1.40
CA THR A 4 15.71 3.16 2.39
C THR A 4 14.37 3.78 1.95
N GLY A 5 14.19 3.95 0.65
CA GLY A 5 12.96 4.53 0.16
C GLY A 5 13.18 5.30 -1.12
N ALA A 6 12.34 5.03 -2.11
CA ALA A 6 12.44 5.69 -3.40
C ALA A 6 11.59 6.95 -3.41
N CYS A 7 10.58 6.98 -2.56
CA CYS A 7 9.67 8.11 -2.48
C CYS A 7 9.11 8.28 -1.07
N ASP A 8 7.84 8.66 -0.96
CA ASP A 8 7.20 8.88 0.34
C ASP A 8 5.68 8.92 0.20
N LYS A 9 5.22 9.66 -0.79
CA LYS A 9 3.79 9.82 -1.04
C LYS A 9 3.38 9.07 -2.29
N ASP A 10 2.26 8.35 -2.20
CA ASP A 10 1.71 7.55 -3.31
C ASP A 10 1.69 8.33 -4.62
N VAL A 11 1.38 9.62 -4.52
CA VAL A 11 1.29 10.53 -5.66
C VAL A 11 2.50 10.43 -6.59
N GLN A 12 3.67 10.20 -6.01
CA GLN A 12 4.91 10.09 -6.77
C GLN A 12 4.93 8.84 -7.65
N CYS A 13 4.32 7.76 -7.18
CA CYS A 13 4.31 6.51 -7.93
C CYS A 13 3.08 6.37 -8.81
N GLY A 14 1.99 6.94 -8.35
CA GLY A 14 0.74 6.87 -9.08
C GLY A 14 -0.12 5.72 -8.64
N SER A 15 -1.43 5.81 -8.94
CA SER A 15 -2.41 4.79 -8.58
C SER A 15 -2.09 3.44 -9.22
N GLY A 16 -1.17 2.73 -8.60
CA GLY A 16 -0.73 1.44 -9.07
C GLY A 16 0.38 0.91 -8.19
N THR A 17 1.18 1.84 -7.68
CA THR A 17 2.27 1.53 -6.79
C THR A 17 2.29 2.56 -5.66
N CYS A 18 2.68 2.16 -4.46
CA CYS A 18 2.69 3.10 -3.35
C CYS A 18 4.02 3.07 -2.61
N CYS A 19 4.29 4.14 -1.88
CA CYS A 19 5.54 4.28 -1.14
C CYS A 19 5.42 3.71 0.28
N ALA A 20 4.85 2.53 0.38
CA ALA A 20 4.69 1.87 1.67
C ALA A 20 5.93 1.07 2.03
N ALA A 21 6.08 0.80 3.31
CA ALA A 21 7.20 0.00 3.78
C ALA A 21 6.88 -1.47 3.51
N SER A 22 7.82 -2.19 2.93
CA SER A 22 7.56 -3.60 2.62
C SER A 22 7.31 -4.39 3.89
N ALA A 23 6.33 -5.30 3.83
CA ALA A 23 5.95 -6.11 4.98
C ALA A 23 7.11 -6.96 5.50
N TRP A 24 8.09 -7.24 4.65
CA TRP A 24 9.24 -8.04 5.05
C TRP A 24 10.35 -7.18 5.65
N SER A 25 10.42 -5.92 5.24
CA SER A 25 11.45 -5.04 5.76
C SER A 25 10.99 -3.59 5.76
N ARG A 26 11.07 -2.93 6.91
CA ARG A 26 10.66 -1.53 7.03
C ARG A 26 11.66 -0.60 6.36
N ASN A 27 12.66 -1.18 5.70
CA ASN A 27 13.68 -0.41 5.02
C ASN A 27 13.26 -0.12 3.58
N ILE A 28 12.32 -0.90 3.08
CA ILE A 28 11.83 -0.70 1.73
C ILE A 28 10.69 0.30 1.72
N ARG A 29 10.88 1.40 1.00
CA ARG A 29 9.88 2.44 0.88
C ARG A 29 9.88 2.98 -0.54
N PHE A 30 9.98 2.08 -1.50
CA PHE A 30 9.98 2.46 -2.91
C PHE A 30 8.59 2.28 -3.48
N CYS A 31 8.44 2.50 -4.77
CA CYS A 31 7.16 2.33 -5.44
C CYS A 31 6.81 0.85 -5.55
N ILE A 32 6.29 0.28 -4.47
CA ILE A 32 5.92 -1.12 -4.46
C ILE A 32 4.47 -1.26 -4.93
N PRO A 33 4.13 -2.38 -5.60
CA PRO A 33 2.79 -2.62 -6.14
C PRO A 33 1.66 -2.57 -5.09
N LEU A 34 0.46 -2.29 -5.58
CA LEU A 34 -0.72 -2.19 -4.72
C LEU A 34 -1.38 -3.56 -4.52
N GLY A 35 -2.26 -3.61 -3.53
CA GLY A 35 -2.96 -4.85 -3.21
C GLY A 35 -3.87 -5.31 -4.32
N ASN A 36 -3.81 -6.59 -4.63
CA ASN A 36 -4.63 -7.18 -5.68
C ASN A 36 -5.91 -7.79 -5.11
N SER A 37 -6.72 -8.35 -5.99
CA SER A 37 -7.98 -8.96 -5.61
C SER A 37 -7.78 -10.13 -4.64
N GLY A 38 -8.41 -10.04 -3.48
CA GLY A 38 -8.31 -11.09 -2.49
C GLY A 38 -7.05 -10.99 -1.64
N GLU A 39 -6.27 -9.93 -1.83
CA GLU A 39 -5.07 -9.75 -1.05
C GLU A 39 -5.40 -8.98 0.20
N ASP A 40 -4.65 -9.27 1.25
CA ASP A 40 -4.86 -8.64 2.55
C ASP A 40 -4.49 -7.17 2.52
N CYS A 41 -5.31 -6.37 3.16
CA CYS A 41 -5.10 -4.93 3.22
C CYS A 41 -5.36 -4.41 4.63
N HIS A 42 -4.71 -3.32 4.98
CA HIS A 42 -4.89 -2.74 6.30
C HIS A 42 -6.04 -1.75 6.27
N PRO A 43 -7.06 -1.96 7.13
CA PRO A 43 -8.23 -1.09 7.18
C PRO A 43 -7.87 0.38 7.48
N ALA A 44 -6.91 0.57 8.38
CA ALA A 44 -6.46 1.90 8.75
C ALA A 44 -5.76 2.60 7.60
N SER A 45 -5.01 1.82 6.83
CA SER A 45 -4.28 2.36 5.69
C SER A 45 -5.25 2.84 4.63
N HIS A 46 -5.27 4.15 4.41
CA HIS A 46 -6.16 4.74 3.42
C HIS A 46 -5.72 4.40 2.01
N LYS A 47 -6.67 4.39 1.09
CA LYS A 47 -6.41 4.08 -0.31
C LYS A 47 -5.50 5.10 -0.98
N VAL A 48 -5.14 4.82 -2.23
CA VAL A 48 -4.28 5.67 -3.02
C VAL A 48 -5.12 6.72 -3.77
N PRO A 49 -4.64 7.97 -3.84
CA PRO A 49 -3.38 8.40 -3.27
C PRO A 49 -3.50 8.87 -1.82
N TYR A 50 -2.59 8.40 -0.97
CA TYR A 50 -2.59 8.77 0.44
C TYR A 50 -2.08 10.20 0.63
N ASP A 51 -2.81 10.99 1.39
CA ASP A 51 -2.40 12.35 1.69
C ASP A 51 -1.53 12.35 2.93
N GLY A 52 -0.38 12.99 2.84
CA GLY A 52 0.54 13.01 3.95
C GLY A 52 1.76 12.17 3.66
N LYS A 53 1.92 11.08 4.39
CA LYS A 53 3.03 10.17 4.20
C LYS A 53 2.61 8.76 4.60
N ARG A 54 2.79 7.81 3.70
CA ARG A 54 2.39 6.44 3.95
C ARG A 54 3.46 5.66 4.71
N LEU A 55 3.26 5.49 6.00
CA LEU A 55 4.19 4.74 6.82
C LEU A 55 3.61 3.38 7.16
N SER A 56 2.74 2.90 6.29
CA SER A 56 2.12 1.60 6.45
C SER A 56 2.97 0.52 5.80
N SER A 57 2.94 -0.69 6.35
CA SER A 57 3.73 -1.79 5.82
C SER A 57 2.96 -2.57 4.75
N LEU A 58 1.96 -1.92 4.15
CA LEU A 58 1.17 -2.55 3.11
C LEU A 58 0.57 -1.49 2.19
N CYS A 59 0.62 -1.73 0.88
CA CYS A 59 0.06 -0.81 -0.10
C CYS A 59 -1.46 -0.93 -0.11
N PRO A 60 -2.18 0.14 -0.48
CA PRO A 60 -3.64 0.11 -0.55
C PRO A 60 -4.11 -0.72 -1.74
N CYS A 61 -5.41 -0.92 -1.83
CA CYS A 61 -5.97 -1.69 -2.93
C CYS A 61 -5.82 -0.95 -4.24
N LYS A 62 -5.48 -1.68 -5.29
CA LYS A 62 -5.29 -1.09 -6.62
C LYS A 62 -6.56 -0.39 -7.08
N SER A 63 -6.40 0.60 -7.96
CA SER A 63 -7.52 1.37 -8.49
C SER A 63 -8.68 0.46 -8.90
N GLY A 64 -9.88 0.79 -8.42
CA GLY A 64 -11.04 -0.01 -8.70
C GLY A 64 -11.44 -0.89 -7.53
N LEU A 65 -10.44 -1.42 -6.84
CA LEU A 65 -10.68 -2.29 -5.69
C LEU A 65 -10.77 -1.49 -4.40
N THR A 66 -11.46 -2.05 -3.42
CA THR A 66 -11.62 -1.41 -2.14
C THR A 66 -11.42 -2.40 -1.00
N CYS A 67 -10.73 -1.95 0.04
CA CYS A 67 -10.44 -2.80 1.20
C CYS A 67 -11.70 -3.04 2.03
N SER A 68 -11.98 -4.29 2.32
CA SER A 68 -13.15 -4.67 3.10
C SER A 68 -12.83 -5.94 3.87
N LYS A 69 -13.54 -6.18 4.95
CA LYS A 69 -13.28 -7.37 5.75
C LYS A 69 -13.78 -8.62 5.06
N SER A 70 -12.83 -9.43 4.61
CA SER A 70 -13.14 -10.68 3.94
C SER A 70 -13.16 -11.81 4.97
N GLY A 71 -14.08 -11.72 5.92
CA GLY A 71 -14.18 -12.74 6.94
C GLY A 71 -13.46 -12.36 8.22
N GLU A 72 -12.21 -12.80 8.31
CA GLU A 72 -11.39 -12.54 9.49
C GLU A 72 -10.65 -11.21 9.36
N LYS A 73 -9.91 -11.06 8.27
CA LYS A 73 -9.15 -9.83 8.04
C LYS A 73 -9.69 -9.06 6.86
N PHE A 74 -9.09 -7.91 6.60
CA PHE A 74 -9.49 -7.07 5.49
C PHE A 74 -8.72 -7.46 4.23
N LYS A 75 -9.43 -7.56 3.13
CA LYS A 75 -8.85 -7.91 1.85
C LYS A 75 -9.45 -7.03 0.77
N CYS A 76 -8.69 -6.86 -0.29
CA CYS A 76 -9.11 -6.04 -1.42
C CYS A 76 -10.16 -6.76 -2.25
N SER A 77 -11.27 -6.08 -2.51
CA SER A 77 -12.35 -6.64 -3.30
C SER A 77 -13.13 -5.50 -3.93
N ALA A 1 20.09 3.42 -10.17
CA ALA A 1 20.22 1.95 -9.97
C ALA A 1 20.43 1.63 -8.50
N VAL A 2 19.48 2.02 -7.67
CA VAL A 2 19.57 1.78 -6.24
C VAL A 2 18.16 1.64 -5.64
N ILE A 3 18.00 0.71 -4.72
CA ILE A 3 16.71 0.49 -4.09
C ILE A 3 16.55 1.36 -2.86
N THR A 4 15.74 2.40 -2.98
CA THR A 4 15.50 3.32 -1.87
C THR A 4 14.10 3.94 -1.99
N GLY A 5 13.70 4.26 -3.21
CA GLY A 5 12.40 4.84 -3.44
C GLY A 5 12.38 5.74 -4.66
N ALA A 6 11.49 5.46 -5.59
CA ALA A 6 11.36 6.24 -6.81
C ALA A 6 10.39 7.39 -6.63
N CYS A 7 9.62 7.35 -5.56
CA CYS A 7 8.63 8.38 -5.29
C CYS A 7 8.40 8.54 -3.79
N ASP A 8 7.20 8.97 -3.42
CA ASP A 8 6.82 9.16 -2.02
C ASP A 8 5.31 9.27 -1.92
N LYS A 9 4.74 10.03 -2.83
CA LYS A 9 3.30 10.22 -2.88
C LYS A 9 2.72 9.45 -4.07
N ASP A 10 1.65 8.71 -3.82
CA ASP A 10 1.00 7.90 -4.88
C ASP A 10 0.68 8.75 -6.10
N VAL A 11 0.41 10.02 -5.85
CA VAL A 11 0.09 10.99 -6.90
C VAL A 11 1.14 10.98 -8.02
N GLN A 12 2.39 10.69 -7.63
CA GLN A 12 3.50 10.64 -8.59
C GLN A 12 3.41 9.43 -9.51
N CYS A 13 2.87 8.32 -9.01
CA CYS A 13 2.77 7.10 -9.81
C CYS A 13 1.41 6.97 -10.48
N GLY A 14 0.38 7.20 -9.71
CA GLY A 14 -0.97 7.09 -10.23
C GLY A 14 -1.78 6.02 -9.53
N SER A 15 -3.10 6.21 -9.52
CA SER A 15 -4.03 5.28 -8.89
C SER A 15 -3.87 3.88 -9.48
N GLY A 16 -3.12 3.06 -8.77
CA GLY A 16 -2.84 1.71 -9.20
C GLY A 16 -1.64 1.18 -8.47
N THR A 17 -0.74 2.10 -8.15
CA THR A 17 0.49 1.77 -7.42
C THR A 17 0.71 2.80 -6.32
N CYS A 18 1.13 2.36 -5.15
CA CYS A 18 1.37 3.27 -4.04
C CYS A 18 2.87 3.36 -3.74
N CYS A 19 3.29 4.45 -3.14
CA CYS A 19 4.69 4.65 -2.81
C CYS A 19 4.99 4.26 -1.36
N ALA A 20 4.49 3.12 -0.94
CA ALA A 20 4.70 2.64 0.42
C ALA A 20 6.01 1.89 0.55
N ALA A 21 6.31 1.45 1.77
CA ALA A 21 7.52 0.69 2.05
C ALA A 21 7.26 -0.80 1.90
N SER A 22 8.23 -1.53 1.36
CA SER A 22 8.09 -2.97 1.17
C SER A 22 7.86 -3.70 2.50
N ALA A 23 6.96 -4.68 2.48
CA ALA A 23 6.59 -5.46 3.66
C ALA A 23 7.74 -6.29 4.25
N TRP A 24 8.70 -6.66 3.42
CA TRP A 24 9.81 -7.48 3.89
C TRP A 24 10.93 -6.64 4.48
N SER A 25 11.25 -5.53 3.83
CA SER A 25 12.28 -4.64 4.30
C SER A 25 11.96 -3.23 3.81
N ARG A 26 12.11 -2.24 4.66
CA ARG A 26 11.79 -0.87 4.29
C ARG A 26 12.85 -0.25 3.36
N ASN A 27 13.17 -0.96 2.29
CA ASN A 27 14.13 -0.48 1.30
C ASN A 27 13.38 0.06 0.08
N ILE A 28 12.28 -0.57 -0.26
CA ILE A 28 11.47 -0.15 -1.39
C ILE A 28 10.45 0.89 -0.95
N ARG A 29 10.39 1.98 -1.70
CA ARG A 29 9.46 3.07 -1.46
C ARG A 29 9.13 3.73 -2.78
N PHE A 30 8.76 2.93 -3.76
CA PHE A 30 8.43 3.45 -5.07
C PHE A 30 7.09 2.93 -5.55
N CYS A 31 6.80 3.17 -6.83
CA CYS A 31 5.54 2.76 -7.44
C CYS A 31 5.33 1.25 -7.38
N ILE A 32 4.84 0.77 -6.25
CA ILE A 32 4.56 -0.65 -6.07
C ILE A 32 3.05 -0.89 -6.16
N PRO A 33 2.64 -2.01 -6.74
CA PRO A 33 1.22 -2.34 -6.94
C PRO A 33 0.40 -2.35 -5.65
N LEU A 34 -0.92 -2.21 -5.81
CA LEU A 34 -1.83 -2.18 -4.66
C LEU A 34 -2.22 -3.60 -4.24
N GLY A 35 -2.84 -3.69 -3.08
CA GLY A 35 -3.25 -4.98 -2.53
C GLY A 35 -4.44 -5.60 -3.24
N ASN A 36 -4.44 -6.92 -3.35
CA ASN A 36 -5.51 -7.66 -4.00
C ASN A 36 -6.18 -8.60 -3.00
N SER A 37 -7.01 -9.51 -3.50
CA SER A 37 -7.70 -10.46 -2.66
C SER A 37 -6.71 -11.30 -1.86
N GLY A 38 -6.87 -11.31 -0.54
CA GLY A 38 -5.99 -12.08 0.31
C GLY A 38 -4.76 -11.31 0.75
N GLU A 39 -4.64 -10.06 0.31
CA GLU A 39 -3.49 -9.24 0.69
C GLU A 39 -3.77 -8.51 1.99
N ASP A 40 -2.71 -8.30 2.74
CA ASP A 40 -2.83 -7.62 4.04
C ASP A 40 -3.21 -6.16 3.85
N CYS A 41 -3.99 -5.65 4.78
CA CYS A 41 -4.42 -4.27 4.75
C CYS A 41 -4.62 -3.79 6.17
N HIS A 42 -4.29 -2.54 6.45
CA HIS A 42 -4.45 -2.03 7.79
C HIS A 42 -5.85 -1.46 7.97
N PRO A 43 -6.47 -1.69 9.13
CA PRO A 43 -7.83 -1.21 9.42
C PRO A 43 -7.93 0.32 9.56
N ALA A 44 -7.16 1.02 8.73
CA ALA A 44 -7.12 2.47 8.71
C ALA A 44 -6.30 2.94 7.52
N SER A 45 -6.38 2.19 6.44
CA SER A 45 -5.65 2.51 5.22
C SER A 45 -6.38 3.57 4.43
N HIS A 46 -5.64 4.58 3.98
CA HIS A 46 -6.23 5.65 3.19
C HIS A 46 -6.38 5.21 1.75
N LYS A 47 -7.42 5.69 1.10
CA LYS A 47 -7.65 5.34 -0.30
C LYS A 47 -6.55 5.97 -1.15
N VAL A 48 -6.44 5.53 -2.39
CA VAL A 48 -5.43 6.06 -3.29
C VAL A 48 -5.96 7.32 -3.97
N PRO A 49 -5.13 8.37 -4.09
CA PRO A 49 -3.74 8.37 -3.62
C PRO A 49 -3.59 8.35 -2.10
N TYR A 50 -2.79 7.42 -1.62
CA TYR A 50 -2.51 7.26 -0.19
C TYR A 50 -1.63 8.41 0.28
N ASP A 51 -1.69 8.73 1.58
CA ASP A 51 -0.89 9.82 2.16
C ASP A 51 0.59 9.62 1.90
N GLY A 52 1.01 8.37 1.88
CA GLY A 52 2.41 8.04 1.64
C GLY A 52 3.35 8.69 2.63
N LYS A 53 2.90 8.83 3.87
CA LYS A 53 3.73 9.41 4.92
C LYS A 53 3.72 8.50 6.13
N ARG A 54 2.69 7.67 6.22
CA ARG A 54 2.56 6.71 7.29
C ARG A 54 3.53 5.56 7.03
N LEU A 55 4.02 4.91 8.07
CA LEU A 55 4.97 3.83 7.91
C LEU A 55 4.27 2.49 7.67
N SER A 56 3.45 2.46 6.63
CA SER A 56 2.75 1.26 6.24
C SER A 56 3.61 0.45 5.28
N SER A 57 3.80 -0.83 5.57
CA SER A 57 4.63 -1.68 4.73
C SER A 57 3.82 -2.36 3.62
N LEU A 58 2.72 -1.74 3.21
CA LEU A 58 1.89 -2.30 2.15
C LEU A 58 1.13 -1.20 1.43
N CYS A 59 0.48 -1.59 0.35
CA CYS A 59 -0.34 -0.69 -0.45
C CYS A 59 -1.81 -0.98 -0.22
N PRO A 60 -2.66 0.06 -0.19
CA PRO A 60 -4.10 -0.09 0.01
C PRO A 60 -4.72 -1.02 -1.03
N CYS A 61 -5.89 -1.57 -0.72
CA CYS A 61 -6.58 -2.46 -1.63
C CYS A 61 -6.87 -1.76 -2.95
N LYS A 62 -6.59 -2.43 -4.06
CA LYS A 62 -6.82 -1.87 -5.37
C LYS A 62 -8.31 -1.77 -5.65
N SER A 63 -8.67 -0.98 -6.66
CA SER A 63 -10.07 -0.78 -7.03
C SER A 63 -10.81 -2.10 -7.14
N GLY A 64 -11.91 -2.23 -6.41
CA GLY A 64 -12.68 -3.45 -6.41
C GLY A 64 -12.48 -4.26 -5.15
N LEU A 65 -11.30 -4.15 -4.57
CA LEU A 65 -10.97 -4.89 -3.35
C LEU A 65 -11.37 -4.09 -2.12
N THR A 66 -11.96 -4.77 -1.15
CA THR A 66 -12.39 -4.12 0.07
C THR A 66 -11.64 -4.66 1.29
N CYS A 67 -11.01 -3.78 2.03
CA CYS A 67 -10.28 -4.17 3.24
C CYS A 67 -11.25 -4.58 4.33
N SER A 68 -11.08 -5.79 4.85
CA SER A 68 -11.96 -6.29 5.90
C SER A 68 -11.19 -7.26 6.80
N LYS A 69 -11.69 -7.44 8.01
CA LYS A 69 -11.04 -8.33 8.95
C LYS A 69 -11.23 -9.78 8.54
N SER A 70 -10.16 -10.38 8.04
CA SER A 70 -10.18 -11.77 7.62
C SER A 70 -9.79 -12.67 8.78
N GLY A 71 -10.62 -12.67 9.81
CA GLY A 71 -10.35 -13.47 10.98
C GLY A 71 -9.68 -12.65 12.07
N GLU A 72 -8.36 -12.76 12.13
CA GLU A 72 -7.58 -12.03 13.13
C GLU A 72 -7.13 -10.68 12.56
N LYS A 73 -6.45 -10.71 11.42
CA LYS A 73 -5.97 -9.49 10.80
C LYS A 73 -6.88 -9.07 9.66
N PHE A 74 -6.63 -7.88 9.13
CA PHE A 74 -7.41 -7.34 8.04
C PHE A 74 -6.75 -7.62 6.69
N LYS A 75 -7.54 -8.09 5.74
CA LYS A 75 -7.06 -8.39 4.40
C LYS A 75 -8.03 -7.85 3.37
N CYS A 76 -7.53 -7.64 2.18
CA CYS A 76 -8.36 -7.14 1.10
C CYS A 76 -9.22 -8.27 0.55
N SER A 77 -10.53 -8.10 0.65
CA SER A 77 -11.47 -9.09 0.17
C SER A 77 -12.00 -8.68 -1.19
N ALA A 1 23.23 3.97 -6.03
CA ALA A 1 22.13 4.33 -5.09
C ALA A 1 21.75 3.11 -4.28
N VAL A 2 21.27 3.32 -3.06
CA VAL A 2 20.87 2.23 -2.19
C VAL A 2 19.40 1.89 -2.42
N ILE A 3 19.11 0.60 -2.53
CA ILE A 3 17.75 0.14 -2.76
C ILE A 3 17.04 -0.06 -1.42
N THR A 4 16.27 0.94 -1.01
CA THR A 4 15.55 0.86 0.25
C THR A 4 14.27 1.69 0.21
N GLY A 5 14.28 2.79 -0.52
CA GLY A 5 13.10 3.62 -0.62
C GLY A 5 13.21 4.68 -1.68
N ALA A 6 12.37 4.58 -2.68
CA ALA A 6 12.36 5.52 -3.79
C ALA A 6 11.41 6.70 -3.51
N CYS A 7 10.62 6.57 -2.46
CA CYS A 7 9.65 7.61 -2.12
C CYS A 7 9.39 7.67 -0.62
N ASP A 8 9.15 8.87 -0.12
CA ASP A 8 8.88 9.11 1.29
C ASP A 8 7.40 8.93 1.57
N LYS A 9 6.59 9.48 0.67
CA LYS A 9 5.14 9.44 0.77
C LYS A 9 4.51 8.76 -0.43
N ASP A 10 3.41 8.05 -0.21
CA ASP A 10 2.68 7.36 -1.29
C ASP A 10 2.31 8.36 -2.37
N VAL A 11 2.17 9.60 -1.96
CA VAL A 11 1.82 10.71 -2.83
C VAL A 11 2.75 10.80 -4.05
N GLN A 12 4.02 10.47 -3.86
CA GLN A 12 5.01 10.52 -4.94
C GLN A 12 4.82 9.39 -5.96
N CYS A 13 4.15 8.32 -5.56
CA CYS A 13 3.92 7.19 -6.45
C CYS A 13 2.63 7.36 -7.25
N GLY A 14 2.68 6.96 -8.51
CA GLY A 14 1.53 7.04 -9.37
C GLY A 14 0.49 5.99 -9.02
N SER A 15 -0.74 6.28 -9.42
CA SER A 15 -1.86 5.38 -9.17
C SER A 15 -1.55 3.98 -9.72
N GLY A 16 -1.40 3.04 -8.81
CA GLY A 16 -1.06 1.69 -9.18
C GLY A 16 0.01 1.13 -8.27
N THR A 17 0.76 2.04 -7.66
CA THR A 17 1.84 1.68 -6.74
C THR A 17 1.79 2.56 -5.49
N CYS A 18 2.27 2.06 -4.37
CA CYS A 18 2.29 2.83 -3.13
C CYS A 18 3.64 2.66 -2.44
N CYS A 19 3.97 3.54 -1.51
CA CYS A 19 5.25 3.48 -0.82
C CYS A 19 5.18 2.63 0.43
N ALA A 20 4.63 1.43 0.31
CA ALA A 20 4.51 0.52 1.44
C ALA A 20 5.82 -0.23 1.65
N ALA A 21 5.97 -0.82 2.83
CA ALA A 21 7.15 -1.58 3.15
C ALA A 21 7.01 -3.00 2.61
N SER A 22 8.10 -3.59 2.17
CA SER A 22 8.04 -4.96 1.64
C SER A 22 7.49 -5.92 2.69
N ALA A 23 6.51 -6.71 2.28
CA ALA A 23 5.84 -7.67 3.16
C ALA A 23 6.78 -8.69 3.80
N TRP A 24 7.90 -8.98 3.14
CA TRP A 24 8.84 -9.97 3.67
C TRP A 24 9.82 -9.34 4.66
N SER A 25 10.28 -8.13 4.38
CA SER A 25 11.21 -7.47 5.27
C SER A 25 11.04 -5.95 5.18
N ARG A 26 11.04 -5.29 6.33
CA ARG A 26 10.87 -3.85 6.41
C ARG A 26 12.11 -3.10 5.88
N ASN A 27 12.49 -3.41 4.66
CA ASN A 27 13.66 -2.79 4.03
C ASN A 27 13.25 -1.95 2.82
N ILE A 28 12.28 -2.45 2.06
CA ILE A 28 11.79 -1.73 0.88
C ILE A 28 10.68 -0.78 1.26
N ARG A 29 10.78 0.44 0.75
CA ARG A 29 9.82 1.51 1.00
C ARG A 29 9.67 2.37 -0.24
N PHE A 30 9.30 1.76 -1.36
CA PHE A 30 9.13 2.53 -2.58
C PHE A 30 7.87 2.14 -3.33
N CYS A 31 7.72 2.70 -4.54
CA CYS A 31 6.55 2.45 -5.39
C CYS A 31 6.35 0.99 -5.73
N ILE A 32 5.70 0.25 -4.84
CA ILE A 32 5.41 -1.15 -5.06
C ILE A 32 3.94 -1.28 -5.46
N PRO A 33 3.59 -2.29 -6.26
CA PRO A 33 2.22 -2.51 -6.77
C PRO A 33 1.14 -2.55 -5.69
N LEU A 34 -0.07 -2.16 -6.08
CA LEU A 34 -1.22 -2.13 -5.18
C LEU A 34 -1.94 -3.47 -5.16
N GLY A 35 -2.81 -3.65 -4.18
CA GLY A 35 -3.57 -4.88 -4.02
C GLY A 35 -4.65 -5.06 -5.07
N ASN A 36 -4.88 -6.31 -5.45
CA ASN A 36 -5.90 -6.65 -6.44
C ASN A 36 -7.21 -7.08 -5.78
N SER A 37 -8.16 -7.48 -6.59
CA SER A 37 -9.47 -7.92 -6.12
C SER A 37 -9.36 -9.13 -5.20
N GLY A 38 -9.99 -9.03 -4.03
CA GLY A 38 -9.96 -10.13 -3.08
C GLY A 38 -8.72 -10.11 -2.21
N GLU A 39 -7.80 -9.19 -2.48
CA GLU A 39 -6.58 -9.10 -1.69
C GLU A 39 -6.77 -8.19 -0.51
N ASP A 40 -6.07 -8.48 0.56
CA ASP A 40 -6.16 -7.71 1.80
C ASP A 40 -5.68 -6.28 1.60
N CYS A 41 -6.38 -5.36 2.24
CA CYS A 41 -6.05 -3.96 2.16
C CYS A 41 -6.27 -3.32 3.52
N HIS A 42 -5.36 -2.44 3.92
CA HIS A 42 -5.50 -1.80 5.21
C HIS A 42 -6.33 -0.52 5.06
N PRO A 43 -7.37 -0.38 5.90
CA PRO A 43 -8.30 0.74 5.86
C PRO A 43 -7.65 2.11 5.70
N ALA A 44 -6.64 2.40 6.52
CA ALA A 44 -5.97 3.69 6.46
C ALA A 44 -4.50 3.58 6.84
N SER A 45 -3.89 2.44 6.55
CA SER A 45 -2.47 2.26 6.86
C SER A 45 -1.62 2.68 5.69
N HIS A 46 -2.24 2.72 4.54
CA HIS A 46 -1.61 3.12 3.30
C HIS A 46 -2.69 3.30 2.26
N LYS A 47 -2.72 4.47 1.63
CA LYS A 47 -3.73 4.77 0.63
C LYS A 47 -3.09 5.55 -0.50
N VAL A 48 -3.86 5.88 -1.53
CA VAL A 48 -3.33 6.63 -2.65
C VAL A 48 -4.18 7.86 -2.90
N PRO A 49 -3.66 9.06 -2.58
CA PRO A 49 -2.33 9.25 -2.00
C PRO A 49 -2.36 9.38 -0.48
N TYR A 50 -1.53 8.60 0.22
CA TYR A 50 -1.46 8.66 1.68
C TYR A 50 -0.56 9.82 2.10
N ASP A 51 -1.12 10.71 2.92
CA ASP A 51 -0.41 11.89 3.40
C ASP A 51 0.58 11.52 4.52
N GLY A 52 0.17 10.61 5.39
CA GLY A 52 1.00 10.19 6.48
C GLY A 52 2.10 9.24 6.06
N LYS A 53 2.75 8.63 7.03
CA LYS A 53 3.81 7.68 6.74
C LYS A 53 3.93 6.65 7.86
N ARG A 54 4.19 5.40 7.48
CA ARG A 54 4.31 4.31 8.43
C ARG A 54 4.91 3.08 7.75
N LEU A 55 5.46 2.18 8.55
CA LEU A 55 6.10 0.98 8.02
C LEU A 55 5.10 -0.16 7.84
N SER A 56 4.04 0.10 7.11
CA SER A 56 3.04 -0.92 6.85
C SER A 56 3.43 -1.69 5.59
N SER A 57 3.49 -3.01 5.69
CA SER A 57 3.90 -3.86 4.58
C SER A 57 2.72 -4.27 3.70
N LEU A 58 1.85 -3.32 3.37
CA LEU A 58 0.71 -3.63 2.52
C LEU A 58 0.23 -2.39 1.77
N CYS A 59 0.14 -2.50 0.45
CA CYS A 59 -0.33 -1.41 -0.39
C CYS A 59 -1.85 -1.45 -0.50
N PRO A 60 -2.51 -0.30 -0.63
CA PRO A 60 -3.96 -0.22 -0.77
C PRO A 60 -4.45 -0.83 -2.08
N CYS A 61 -5.74 -0.77 -2.30
CA CYS A 61 -6.34 -1.32 -3.52
C CYS A 61 -5.96 -0.50 -4.73
N LYS A 62 -5.73 -1.18 -5.84
CA LYS A 62 -5.39 -0.52 -7.09
C LYS A 62 -6.55 0.35 -7.54
N SER A 63 -6.23 1.44 -8.22
CA SER A 63 -7.24 2.39 -8.70
C SER A 63 -8.40 1.65 -9.38
N GLY A 64 -9.62 2.01 -8.99
CA GLY A 64 -10.79 1.37 -9.53
C GLY A 64 -11.42 0.41 -8.53
N LEU A 65 -10.59 -0.18 -7.67
CA LEU A 65 -11.06 -1.12 -6.67
C LEU A 65 -11.38 -0.42 -5.37
N THR A 66 -12.37 -0.94 -4.66
CA THR A 66 -12.78 -0.35 -3.40
C THR A 66 -12.35 -1.24 -2.22
N CYS A 67 -11.66 -0.65 -1.26
CA CYS A 67 -11.22 -1.38 -0.08
C CYS A 67 -12.36 -1.38 0.93
N SER A 68 -12.88 -2.56 1.24
CA SER A 68 -13.98 -2.68 2.18
C SER A 68 -13.75 -3.85 3.12
N LYS A 69 -14.39 -3.82 4.27
CA LYS A 69 -14.24 -4.87 5.25
C LYS A 69 -14.88 -6.17 4.77
N SER A 70 -14.02 -7.11 4.38
CA SER A 70 -14.47 -8.40 3.90
C SER A 70 -14.47 -9.37 5.08
N GLY A 71 -15.49 -9.25 5.92
CA GLY A 71 -15.59 -10.09 7.09
C GLY A 71 -14.85 -9.49 8.27
N GLU A 72 -13.67 -10.01 8.55
CA GLU A 72 -12.86 -9.52 9.66
C GLU A 72 -11.92 -8.42 9.19
N LYS A 73 -11.14 -8.70 8.16
CA LYS A 73 -10.20 -7.72 7.61
C LYS A 73 -10.78 -7.01 6.40
N PHE A 74 -10.08 -6.00 5.95
CA PHE A 74 -10.49 -5.23 4.78
C PHE A 74 -9.83 -5.81 3.54
N LYS A 75 -10.58 -5.91 2.45
CA LYS A 75 -10.07 -6.45 1.20
C LYS A 75 -10.67 -5.71 0.01
N CYS A 76 -9.95 -5.74 -1.08
CA CYS A 76 -10.35 -5.06 -2.30
C CYS A 76 -11.54 -5.74 -2.97
N SER A 77 -12.49 -4.95 -3.40
CA SER A 77 -13.69 -5.45 -4.06
C SER A 77 -14.22 -4.37 -5.00
#